data_7T4O
#
_entry.id   7T4O
#
_cell.length_a   1.00
_cell.length_b   1.00
_cell.length_c   1.00
_cell.angle_alpha   90.00
_cell.angle_beta   90.00
_cell.angle_gamma   90.00
#
_symmetry.space_group_name_H-M   'P 1'
#
loop_
_entity.id
_entity.type
_entity.pdbx_description
1 polymer 'Particulate methane monooxygenase alpha subunit'
2 polymer 'Ammonia monooxygenase/methane monooxygenase, subunit C family protein'
3 polymer 'Particulate methane monooxygenase beta subunit'
4 non-polymer 'COPPER (II) ION'
5 non-polymer 1,2-DIDECANOYL-SN-GLYCERO-3-PHOSPHOCHOLINE
6 non-polymer 'DIUNDECYL PHOSPHATIDYL CHOLINE'
7 non-polymer DECANE
#
loop_
_entity_poly.entity_id
_entity_poly.type
_entity_poly.pdbx_seq_one_letter_code
_entity_poly.pdbx_strand_id
1 'polypeptide(L)'
;MKTIKDRIAKWSAIGLLSAVAATAFYAPSASAHGEKSQAAFMRMRTIHWYDLSWSKEKVKINETVEIKGKFHVFEGWPET
VDEPDVAFLNVGMPGPVFIRKESYIGGQLVPRSVRLEIGKTYDFRVVLKARRPGDWHVHTMMNVQGGGPIIGPGKWITVE
GSMSEFRNPVTTLTGQTVDLENYNEGNTYFWHAFWFAIGVAWIGYWSRRPIFIPRLLMVDAGRADELVSATDRKVAMGFL
AATILIVVMAMSSANSKYPITIPLQAGTMRGMKPLELPAPTVSVKVEDATYRVPGRAMRMKLTITNHGNSPIRLGEFYTA
SVRFLDSDVYKDTTGYPEDLLAEDGLSVSDNSPLAPGETRTVDVTASDAAWEVYRLSDIIYDPDSRFAGLLFFFDATGNR
QVVQIDAPLIPSFM
;
A,E,I
2 'polypeptide(L)'
;MAATTIGGAAAAEAPLLDKKWLTFALAIYTVFYLWVRWYEGVYGWSAGLDSFAPEFETYWMNFLYTEIVLEIVTASILWG
YLWKTRDRNLAALTPREELRRNFTHLVWLVAYAWAIYWGASYFTEQDGTWHQTIVRDTDFTPSHIIEFYLSYPIYIITGF
AAFIYAKTRLPFFAKGISLPYLVLVVGPFMILPNVGLNEWGHTFWFMEELFVAPLHYGFVIFGWLALAVMGTLTQTFYSF
AQGGLGQSLCEAVDEGLIAK
;
C,G,K
3 'polypeptide(L)'
;MSAAQSAVRSHAEAVQVSRTIDWMALFVVFFVIVGSYHIHAMLTMGDWDFWSDWKDRRLWVTVTPIVLVTFPAAVQSYLW
ERYRLPWGATVCVLGLLLGEWINRYFNFWGWTYFPINFVFPASLVPGAIILDTVLMLSGSYLFTAIVGAMGWGLIFYPGN
WPIIAPLHVPVEYNGMLMSIADIQGYNYVRTGTPEYIRMVEKGTLRTFGKDVAPVSAFFSAFMSILIYFMWHFIGRWFSN
ERFLQST
;
B,F,J
#
# COMPACT_ATOMS: atom_id res chain seq x y z
N HIS A 33 -34.32 4.16 -3.15
CA HIS A 33 -34.76 2.75 -2.91
C HIS A 33 -33.57 2.07 -2.24
N GLY A 34 -32.37 2.61 -2.46
CA GLY A 34 -31.15 2.08 -1.80
C GLY A 34 -31.00 2.64 -0.40
N GLU A 35 -31.92 3.51 0.02
CA GLU A 35 -31.91 4.04 1.41
C GLU A 35 -32.69 3.09 2.32
N LYS A 36 -33.13 3.55 3.50
CA LYS A 36 -33.80 2.64 4.49
C LYS A 36 -32.92 1.40 4.66
N SER A 37 -31.59 1.56 4.58
CA SER A 37 -30.61 0.44 4.69
C SER A 37 -29.28 1.08 5.05
N GLN A 38 -28.99 2.27 4.48
CA GLN A 38 -27.80 2.99 4.88
C GLN A 38 -27.88 3.38 6.36
N ALA A 39 -26.73 3.76 6.92
CA ALA A 39 -26.66 4.08 8.34
C ALA A 39 -27.57 5.25 8.67
N ALA A 40 -28.27 5.14 9.81
CA ALA A 40 -29.25 6.15 10.19
C ALA A 40 -28.60 7.52 10.38
N PHE A 41 -27.55 7.59 11.21
CA PHE A 41 -26.93 8.89 11.45
C PHE A 41 -26.28 9.38 10.16
N MET A 42 -25.79 8.45 9.34
CA MET A 42 -25.10 8.86 8.13
C MET A 42 -26.07 9.50 7.15
N ARG A 43 -27.31 9.01 7.09
CA ARG A 43 -28.33 9.68 6.30
C ARG A 43 -28.75 10.99 6.95
N MET A 44 -28.81 11.03 8.28
CA MET A 44 -29.24 12.26 8.97
C MET A 44 -28.25 13.40 8.77
N ARG A 45 -26.97 13.16 9.03
CA ARG A 45 -25.94 14.18 8.88
C ARG A 45 -24.95 13.76 7.80
N THR A 46 -25.35 13.88 6.54
CA THR A 46 -24.40 13.91 5.44
C THR A 46 -24.63 15.12 4.56
N ILE A 47 -25.87 15.22 4.05
CA ILE A 47 -26.28 16.25 3.09
C ILE A 47 -27.78 16.44 3.25
N HIS A 48 -28.20 17.68 3.41
CA HIS A 48 -29.62 18.00 3.62
C HIS A 48 -30.17 18.63 2.35
N TRP A 49 -31.26 18.07 1.83
CA TRP A 49 -31.92 18.56 0.64
C TRP A 49 -33.17 19.33 1.03
N TYR A 50 -33.32 20.53 0.48
CA TYR A 50 -34.52 21.32 0.69
C TYR A 50 -34.79 22.17 -0.54
N ASP A 51 -35.94 22.82 -0.54
CA ASP A 51 -36.41 23.63 -1.67
C ASP A 51 -36.58 22.80 -2.94
N LEU A 52 -36.77 21.49 -2.77
CA LEU A 52 -36.90 20.62 -3.93
C LEU A 52 -38.25 20.82 -4.61
N SER A 53 -38.22 20.88 -5.94
CA SER A 53 -39.44 21.02 -6.72
C SER A 53 -39.29 20.22 -8.01
N TRP A 54 -40.33 19.50 -8.38
CA TRP A 54 -40.36 18.71 -9.60
C TRP A 54 -41.24 19.43 -10.62
N SER A 55 -40.69 19.60 -11.84
CA SER A 55 -41.42 20.35 -12.86
C SER A 55 -42.71 19.67 -13.24
N LYS A 56 -42.70 18.36 -13.38
CA LYS A 56 -43.88 17.61 -13.80
C LYS A 56 -43.97 16.31 -12.99
N GLU A 57 -45.19 15.79 -12.90
CA GLU A 57 -45.43 14.51 -12.24
C GLU A 57 -45.68 13.37 -13.22
N LYS A 58 -46.35 13.67 -14.34
CA LYS A 58 -46.61 12.68 -15.39
C LYS A 58 -46.12 13.24 -16.71
N VAL A 59 -45.29 12.47 -17.41
CA VAL A 59 -44.71 12.90 -18.68
C VAL A 59 -44.85 11.79 -19.69
N LYS A 60 -44.81 12.16 -20.97
CA LYS A 60 -44.78 11.19 -22.05
C LYS A 60 -43.35 11.06 -22.58
N ILE A 61 -43.17 10.13 -23.51
CA ILE A 61 -41.84 9.88 -24.06
C ILE A 61 -41.37 11.13 -24.81
N ASN A 62 -40.08 11.42 -24.69
CA ASN A 62 -39.38 12.59 -25.24
C ASN A 62 -39.70 13.88 -24.50
N GLU A 63 -40.56 13.87 -23.50
CA GLU A 63 -40.78 15.07 -22.70
C GLU A 63 -39.67 15.21 -21.65
N THR A 64 -39.44 16.45 -21.25
CA THR A 64 -38.39 16.78 -20.30
C THR A 64 -38.99 17.17 -18.96
N VAL A 65 -38.48 16.55 -17.90
CA VAL A 65 -38.87 16.87 -16.53
C VAL A 65 -37.62 17.37 -15.80
N GLU A 66 -37.78 18.46 -15.06
CA GLU A 66 -36.67 19.15 -14.42
C GLU A 66 -36.83 19.07 -12.91
N ILE A 67 -35.75 18.72 -12.21
CA ILE A 67 -35.72 18.67 -10.76
C ILE A 67 -34.80 19.77 -10.26
N LYS A 68 -35.33 20.65 -9.42
CA LYS A 68 -34.58 21.77 -8.86
C LYS A 68 -34.58 21.67 -7.35
N GLY A 69 -33.71 22.46 -6.73
CA GLY A 69 -33.61 22.50 -5.30
C GLY A 69 -32.22 22.88 -4.85
N LYS A 70 -32.01 22.84 -3.54
CA LYS A 70 -30.73 23.14 -2.93
C LYS A 70 -30.36 22.02 -1.96
N PHE A 71 -29.07 21.71 -1.91
CA PHE A 71 -28.55 20.75 -0.94
C PHE A 71 -27.46 21.43 -0.14
N HIS A 72 -27.45 21.16 1.17
CA HIS A 72 -26.46 21.73 2.06
C HIS A 72 -25.58 20.63 2.62
N VAL A 73 -24.27 20.78 2.47
CA VAL A 73 -23.32 19.84 3.02
C VAL A 73 -23.15 20.12 4.51
N PHE A 74 -23.32 19.08 5.33
CA PHE A 74 -23.26 19.26 6.77
C PHE A 74 -21.84 19.59 7.22
N GLU A 75 -21.72 20.49 8.20
CA GLU A 75 -20.41 20.82 8.74
C GLU A 75 -19.77 19.62 9.42
N GLY A 76 -20.52 18.90 10.23
CA GLY A 76 -19.98 17.75 10.93
C GLY A 76 -19.98 16.49 10.07
N TRP A 77 -19.23 16.53 8.97
CA TRP A 77 -19.14 15.39 8.08
C TRP A 77 -18.54 14.20 8.83
N PRO A 78 -19.13 13.01 8.71
CA PRO A 78 -18.59 11.84 9.43
C PRO A 78 -17.18 11.51 8.97
N GLU A 79 -16.35 11.07 9.93
CA GLU A 79 -14.97 10.75 9.62
C GLU A 79 -14.84 9.54 8.70
N THR A 80 -15.70 8.52 8.88
CA THR A 80 -15.61 7.31 8.07
C THR A 80 -15.88 7.57 6.59
N VAL A 81 -16.51 8.68 6.25
CA VAL A 81 -16.75 9.05 4.87
C VAL A 81 -15.80 10.18 4.50
N ASP A 82 -15.10 10.02 3.39
CA ASP A 82 -14.16 11.04 2.94
C ASP A 82 -14.89 12.32 2.59
N GLU A 83 -14.18 13.44 2.76
CA GLU A 83 -14.76 14.73 2.45
C GLU A 83 -15.08 14.82 0.95
N PRO A 84 -16.15 15.50 0.58
CA PRO A 84 -16.53 15.57 -0.83
C PRO A 84 -15.59 16.43 -1.66
N ASP A 85 -14.30 16.07 -1.65
CA ASP A 85 -13.35 16.75 -2.52
C ASP A 85 -13.59 16.41 -3.98
N VAL A 86 -14.13 15.22 -4.25
CA VAL A 86 -14.43 14.77 -5.61
C VAL A 86 -15.81 14.11 -5.53
N ALA A 87 -16.83 14.82 -6.02
CA ALA A 87 -18.21 14.35 -5.92
C ALA A 87 -18.92 14.54 -7.24
N PHE A 88 -19.99 13.77 -7.44
CA PHE A 88 -20.76 13.79 -8.68
C PHE A 88 -22.23 13.97 -8.34
N LEU A 89 -22.93 14.78 -9.15
CA LEU A 89 -24.38 14.93 -9.06
C LEU A 89 -25.04 13.87 -9.95
N ASN A 90 -25.59 12.84 -9.32
CA ASN A 90 -26.23 11.75 -10.05
C ASN A 90 -27.72 11.70 -9.74
N VAL A 91 -28.43 10.84 -10.46
CA VAL A 91 -29.86 10.65 -10.29
C VAL A 91 -30.13 9.18 -10.06
N GLY A 92 -30.87 8.87 -8.99
CA GLY A 92 -31.17 7.50 -8.65
C GLY A 92 -32.48 7.00 -9.23
N MET A 93 -32.40 6.15 -10.24
CA MET A 93 -33.57 5.63 -10.92
C MET A 93 -33.31 4.17 -11.29
N PRO A 94 -34.36 3.36 -11.42
CA PRO A 94 -34.15 1.96 -11.78
C PRO A 94 -33.75 1.79 -13.24
N GLY A 95 -32.48 2.05 -13.55
CA GLY A 95 -32.00 1.97 -14.91
C GLY A 95 -32.26 3.25 -15.66
N PRO A 96 -31.66 3.39 -16.84
CA PRO A 96 -31.83 4.62 -17.65
C PRO A 96 -33.24 4.77 -18.20
N VAL A 97 -34.23 4.80 -17.31
CA VAL A 97 -35.59 5.14 -17.73
C VAL A 97 -35.71 6.62 -18.07
N PHE A 98 -34.86 7.46 -17.48
CA PHE A 98 -34.72 8.85 -17.85
C PHE A 98 -33.27 9.09 -18.24
N ILE A 99 -33.06 9.84 -19.31
CA ILE A 99 -31.71 10.23 -19.70
C ILE A 99 -31.41 11.60 -19.10
N ARG A 100 -30.25 11.73 -18.47
CA ARG A 100 -29.87 12.97 -17.81
C ARG A 100 -29.37 13.94 -18.87
N LYS A 101 -30.28 14.77 -19.40
CA LYS A 101 -29.90 15.70 -20.46
C LYS A 101 -28.92 16.74 -19.94
N GLU A 102 -29.17 17.30 -18.77
CA GLU A 102 -28.35 18.38 -18.23
C GLU A 102 -28.26 18.23 -16.72
N SER A 103 -27.24 18.85 -16.14
CA SER A 103 -27.07 18.88 -14.69
C SER A 103 -26.23 20.09 -14.33
N TYR A 104 -26.69 20.89 -13.37
CA TYR A 104 -26.02 22.11 -12.98
C TYR A 104 -25.84 22.14 -11.46
N ILE A 105 -24.67 22.61 -11.03
CA ILE A 105 -24.43 22.95 -9.64
C ILE A 105 -24.11 24.44 -9.60
N GLY A 106 -25.04 25.23 -9.10
CA GLY A 106 -24.91 26.67 -9.17
C GLY A 106 -25.51 27.24 -10.44
N GLY A 107 -24.66 27.52 -11.43
CA GLY A 107 -25.13 28.02 -12.70
C GLY A 107 -24.37 27.45 -13.87
N GLN A 108 -23.45 26.53 -13.61
CA GLN A 108 -22.59 25.95 -14.64
C GLN A 108 -22.87 24.46 -14.78
N LEU A 109 -22.66 23.96 -16.00
CA LEU A 109 -22.83 22.54 -16.26
C LEU A 109 -21.80 21.72 -15.48
N VAL A 110 -22.23 20.58 -14.96
CA VAL A 110 -21.35 19.71 -14.18
C VAL A 110 -21.42 18.28 -14.69
N PRO A 111 -20.96 18.00 -15.92
CA PRO A 111 -21.01 16.62 -16.43
C PRO A 111 -19.99 15.70 -15.79
N ARG A 112 -18.97 16.24 -15.14
CA ARG A 112 -17.92 15.46 -14.51
C ARG A 112 -17.95 15.69 -13.00
N SER A 113 -16.99 15.08 -12.31
CA SER A 113 -16.91 15.20 -10.87
C SER A 113 -16.63 16.65 -10.46
N VAL A 114 -17.19 17.06 -9.33
CA VAL A 114 -17.03 18.40 -8.80
C VAL A 114 -16.49 18.30 -7.37
N ARG A 115 -16.00 19.43 -6.88
CA ARG A 115 -15.51 19.54 -5.51
C ARG A 115 -16.50 20.34 -4.68
N LEU A 116 -16.90 19.79 -3.54
CA LEU A 116 -17.84 20.42 -2.64
C LEU A 116 -17.15 20.76 -1.32
N GLU A 117 -17.45 21.94 -0.79
CA GLU A 117 -16.84 22.42 0.44
C GLU A 117 -17.76 22.09 1.61
N ILE A 118 -17.16 21.71 2.74
CA ILE A 118 -17.93 21.35 3.93
C ILE A 118 -18.58 22.60 4.50
N GLY A 119 -19.90 22.53 4.72
CA GLY A 119 -20.64 23.60 5.33
C GLY A 119 -21.29 24.57 4.36
N LYS A 120 -20.85 24.60 3.11
CA LYS A 120 -21.42 25.50 2.13
C LYS A 120 -22.75 24.98 1.62
N THR A 121 -23.53 25.88 1.02
CA THR A 121 -24.84 25.57 0.47
C THR A 121 -24.81 25.77 -1.04
N TYR A 122 -25.31 24.79 -1.77
CA TYR A 122 -25.36 24.85 -3.23
C TYR A 122 -26.79 24.59 -3.69
N ASP A 123 -27.12 25.10 -4.88
CA ASP A 123 -28.37 24.76 -5.54
C ASP A 123 -28.09 24.01 -6.84
N PHE A 124 -28.99 23.12 -7.20
CA PHE A 124 -28.79 22.23 -8.34
C PHE A 124 -30.04 22.18 -9.19
N ARG A 125 -29.84 21.82 -10.46
CA ARG A 125 -30.94 21.69 -11.41
C ARG A 125 -30.58 20.59 -12.39
N VAL A 126 -31.40 19.55 -12.45
CA VAL A 126 -31.16 18.39 -13.30
C VAL A 126 -32.31 18.28 -14.28
N VAL A 127 -31.98 18.16 -15.57
CA VAL A 127 -32.97 18.01 -16.63
C VAL A 127 -33.01 16.55 -17.03
N LEU A 128 -34.21 15.96 -16.99
CA LEU A 128 -34.40 14.55 -17.31
C LEU A 128 -35.40 14.41 -18.44
N LYS A 129 -35.10 13.53 -19.39
CA LYS A 129 -35.94 13.28 -20.55
C LYS A 129 -36.44 11.85 -20.50
N ALA A 130 -37.74 11.67 -20.70
CA ALA A 130 -38.35 10.35 -20.55
C ALA A 130 -37.86 9.40 -21.65
N ARG A 131 -37.58 8.18 -21.25
CA ARG A 131 -37.13 7.14 -22.19
C ARG A 131 -37.93 5.85 -22.07
N ARG A 132 -38.34 5.46 -20.87
CA ARG A 132 -39.08 4.23 -20.67
C ARG A 132 -40.43 4.51 -20.02
N PRO A 133 -41.52 3.97 -20.56
CA PRO A 133 -42.83 4.15 -19.93
C PRO A 133 -42.92 3.37 -18.63
N GLY A 134 -43.78 3.86 -17.72
CA GLY A 134 -44.00 3.19 -16.46
C GLY A 134 -43.92 4.12 -15.28
N ASP A 135 -43.92 3.55 -14.07
CA ASP A 135 -43.79 4.31 -12.84
C ASP A 135 -42.39 4.13 -12.28
N TRP A 136 -41.68 5.23 -12.08
CA TRP A 136 -40.31 5.18 -11.59
C TRP A 136 -40.13 6.12 -10.41
N HIS A 137 -39.28 5.71 -9.47
CA HIS A 137 -38.95 6.50 -8.29
C HIS A 137 -37.64 7.22 -8.57
N VAL A 138 -37.74 8.48 -8.97
CA VAL A 138 -36.58 9.29 -9.34
C VAL A 138 -35.98 9.89 -8.08
N HIS A 139 -34.77 9.47 -7.73
CA HIS A 139 -34.05 9.98 -6.58
C HIS A 139 -32.91 10.87 -7.06
N THR A 140 -32.70 11.98 -6.34
CA THR A 140 -31.59 12.89 -6.62
C THR A 140 -30.47 12.54 -5.65
N MET A 141 -29.54 11.70 -6.11
CA MET A 141 -28.51 11.16 -5.23
C MET A 141 -27.20 11.93 -5.39
N MET A 142 -26.33 11.75 -4.41
CA MET A 142 -24.99 12.31 -4.41
C MET A 142 -23.99 11.18 -4.29
N ASN A 143 -22.90 11.26 -5.05
CA ASN A 143 -21.84 10.26 -4.99
C ASN A 143 -20.53 10.95 -4.60
N VAL A 144 -19.88 10.45 -3.55
CA VAL A 144 -18.64 11.01 -3.06
C VAL A 144 -17.52 10.00 -3.24
N GLN A 145 -16.28 10.50 -3.33
CA GLN A 145 -15.15 9.68 -3.76
C GLN A 145 -14.95 8.43 -2.90
N GLY A 146 -14.96 8.59 -1.59
CA GLY A 146 -14.69 7.46 -0.72
C GLY A 146 -15.81 7.15 0.26
N GLY A 147 -17.06 7.37 -0.16
CA GLY A 147 -18.18 7.11 0.71
C GLY A 147 -19.36 6.45 0.04
N GLY A 148 -19.29 6.23 -1.27
CA GLY A 148 -20.36 5.58 -1.98
C GLY A 148 -21.55 6.50 -2.23
N PRO A 149 -22.71 5.91 -2.46
CA PRO A 149 -23.89 6.71 -2.84
C PRO A 149 -24.56 7.40 -1.66
N ILE A 150 -25.10 8.59 -1.89
CA ILE A 150 -25.83 9.34 -0.87
C ILE A 150 -27.22 9.60 -1.45
N ILE A 151 -28.18 8.77 -1.06
CA ILE A 151 -29.50 8.84 -1.67
C ILE A 151 -30.32 9.95 -1.02
N GLY A 152 -30.94 10.79 -1.85
CA GLY A 152 -31.83 11.82 -1.39
C GLY A 152 -33.28 11.43 -1.57
N PRO A 153 -34.20 12.31 -1.16
CA PRO A 153 -35.63 11.98 -1.29
C PRO A 153 -36.03 11.87 -2.76
N GLY A 154 -36.95 10.95 -3.01
CA GLY A 154 -37.39 10.64 -4.36
C GLY A 154 -38.89 10.82 -4.52
N LYS A 155 -39.31 11.19 -5.73
CA LYS A 155 -40.71 11.39 -6.05
C LYS A 155 -41.12 10.47 -7.20
N TRP A 156 -42.30 9.86 -7.06
CA TRP A 156 -42.81 9.00 -8.12
C TRP A 156 -43.17 9.83 -9.35
N ILE A 157 -42.67 9.40 -10.50
CA ILE A 157 -42.99 10.04 -11.77
C ILE A 157 -43.49 8.96 -12.72
N THR A 158 -44.68 9.17 -13.27
CA THR A 158 -45.31 8.23 -14.19
C THR A 158 -44.95 8.62 -15.62
N VAL A 159 -44.57 7.64 -16.43
CA VAL A 159 -44.21 7.85 -17.82
C VAL A 159 -45.12 6.99 -18.68
N GLU A 160 -45.71 7.61 -19.70
CA GLU A 160 -46.64 6.94 -20.60
C GLU A 160 -46.13 7.03 -22.03
N GLY A 161 -46.41 5.98 -22.81
CA GLY A 161 -45.96 5.89 -24.18
C GLY A 161 -45.31 4.56 -24.49
N SER A 162 -44.34 4.60 -25.40
CA SER A 162 -43.57 3.42 -25.77
C SER A 162 -42.10 3.80 -25.94
N MET A 163 -41.23 2.81 -25.76
CA MET A 163 -39.80 3.06 -25.90
C MET A 163 -39.39 3.32 -27.34
N SER A 164 -40.17 2.79 -28.30
CA SER A 164 -39.82 2.94 -29.71
C SER A 164 -39.86 4.39 -30.17
N GLU A 165 -40.67 5.24 -29.53
CA GLU A 165 -40.77 6.64 -29.92
C GLU A 165 -39.60 7.47 -29.41
N PHE A 166 -38.78 6.94 -28.50
CA PHE A 166 -37.71 7.72 -27.89
C PHE A 166 -36.63 8.05 -28.91
N ARG A 167 -36.16 9.30 -28.89
CA ARG A 167 -35.08 9.76 -29.74
C ARG A 167 -34.08 10.53 -28.91
N ASN A 168 -32.79 10.35 -29.22
CA ASN A 168 -31.70 11.05 -28.53
C ASN A 168 -30.76 11.65 -29.55
N PRO A 169 -31.19 12.72 -30.22
CA PRO A 169 -30.33 13.33 -31.25
C PRO A 169 -29.20 14.14 -30.64
N VAL A 170 -28.09 14.22 -31.38
CA VAL A 170 -26.94 15.02 -30.98
C VAL A 170 -26.19 15.44 -32.23
N THR A 171 -25.66 16.67 -32.22
CA THR A 171 -24.93 17.20 -33.36
C THR A 171 -23.45 17.37 -32.98
N THR A 172 -22.57 16.76 -33.77
CA THR A 172 -21.15 16.80 -33.50
C THR A 172 -20.50 18.02 -34.12
N LEU A 173 -19.25 18.28 -33.73
CA LEU A 173 -18.48 19.37 -34.32
C LEU A 173 -18.01 19.06 -35.73
N THR A 174 -18.15 17.82 -36.19
CA THR A 174 -17.85 17.47 -37.57
C THR A 174 -18.94 17.95 -38.53
N GLY A 175 -20.17 18.14 -38.03
CA GLY A 175 -21.26 18.57 -38.88
C GLY A 175 -22.22 17.47 -39.26
N GLN A 176 -22.49 16.52 -38.36
CA GLN A 176 -23.42 15.44 -38.61
C GLN A 176 -24.29 15.23 -37.38
N THR A 177 -25.56 14.90 -37.59
CA THR A 177 -26.50 14.63 -36.52
C THR A 177 -26.78 13.13 -36.47
N VAL A 178 -26.53 12.52 -35.32
CA VAL A 178 -26.71 11.09 -35.15
C VAL A 178 -27.54 10.83 -33.89
N ASP A 179 -28.29 9.73 -33.91
CA ASP A 179 -29.07 9.31 -32.76
C ASP A 179 -28.26 8.37 -31.89
N LEU A 180 -28.10 8.74 -30.62
CA LEU A 180 -27.29 7.95 -29.71
C LEU A 180 -27.91 6.61 -29.36
N GLU A 181 -29.20 6.40 -29.66
CA GLU A 181 -29.84 5.14 -29.38
C GLU A 181 -29.30 4.01 -30.24
N ASN A 182 -28.88 4.31 -31.47
CA ASN A 182 -28.38 3.28 -32.36
C ASN A 182 -27.11 3.70 -33.11
N TYR A 183 -26.43 4.75 -32.67
CA TYR A 183 -25.18 5.16 -33.32
C TYR A 183 -24.11 4.11 -33.08
N ASN A 184 -23.40 3.73 -34.14
CA ASN A 184 -22.29 2.79 -34.13
C ASN A 184 -22.71 1.36 -33.78
N GLU A 185 -24.00 1.11 -33.58
CA GLU A 185 -24.44 -0.24 -33.22
C GLU A 185 -24.15 -1.22 -34.34
N GLY A 186 -24.45 -0.84 -35.58
CA GLY A 186 -24.20 -1.73 -36.70
C GLY A 186 -22.72 -2.03 -36.88
N ASN A 187 -21.87 -1.00 -36.75
CA ASN A 187 -20.44 -1.19 -36.88
C ASN A 187 -19.91 -2.11 -35.78
N THR A 188 -20.37 -1.90 -34.55
CA THR A 188 -19.94 -2.75 -33.44
C THR A 188 -20.35 -4.20 -33.67
N TYR A 189 -21.61 -4.43 -34.08
CA TYR A 189 -22.07 -5.77 -34.36
C TYR A 189 -21.24 -6.41 -35.47
N PHE A 190 -20.97 -5.66 -36.54
CA PHE A 190 -20.23 -6.21 -37.67
C PHE A 190 -18.82 -6.61 -37.25
N TRP A 191 -18.12 -5.74 -36.53
CA TRP A 191 -16.75 -6.04 -36.14
C TRP A 191 -16.69 -7.22 -35.17
N HIS A 192 -17.57 -7.22 -34.17
CA HIS A 192 -17.57 -8.31 -33.20
C HIS A 192 -17.91 -9.63 -33.87
N ALA A 193 -18.90 -9.63 -34.78
CA ALA A 193 -19.26 -10.85 -35.48
C ALA A 193 -18.12 -11.33 -36.38
N PHE A 194 -17.41 -10.40 -37.03
CA PHE A 194 -16.29 -10.78 -37.88
C PHE A 194 -15.18 -11.44 -37.07
N TRP A 195 -14.85 -10.86 -35.91
CA TRP A 195 -13.78 -11.45 -35.10
C TRP A 195 -14.20 -12.78 -34.51
N PHE A 196 -15.45 -12.90 -34.07
CA PHE A 196 -15.95 -14.17 -33.56
C PHE A 196 -15.95 -15.23 -34.66
N ALA A 197 -16.31 -14.84 -35.89
CA ALA A 197 -16.29 -15.77 -37.00
C ALA A 197 -14.86 -16.22 -37.32
N ILE A 198 -13.90 -15.30 -37.22
CA ILE A 198 -12.50 -15.69 -37.46
C ILE A 198 -12.06 -16.71 -36.41
N GLY A 199 -12.39 -16.46 -35.14
CA GLY A 199 -12.04 -17.40 -34.10
C GLY A 199 -12.70 -18.75 -34.28
N VAL A 200 -13.99 -18.74 -34.67
CA VAL A 200 -14.72 -19.98 -34.91
C VAL A 200 -14.11 -20.74 -36.08
N ALA A 201 -13.72 -20.03 -37.13
CA ALA A 201 -13.08 -20.68 -38.27
C ALA A 201 -11.77 -21.34 -37.86
N TRP A 202 -10.98 -20.65 -37.04
CA TRP A 202 -9.72 -21.23 -36.56
C TRP A 202 -9.97 -22.50 -35.75
N ILE A 203 -10.89 -22.42 -34.79
CA ILE A 203 -11.13 -23.57 -33.92
C ILE A 203 -11.74 -24.72 -34.72
N GLY A 204 -12.59 -24.42 -35.70
CA GLY A 204 -13.15 -25.47 -36.54
C GLY A 204 -12.11 -26.12 -37.43
N TYR A 205 -11.19 -25.33 -37.97
CA TYR A 205 -10.09 -25.87 -38.75
C TYR A 205 -9.26 -26.83 -37.92
N TRP A 206 -8.97 -26.46 -36.67
CA TRP A 206 -8.18 -27.36 -35.84
C TRP A 206 -9.02 -28.43 -35.15
N SER A 207 -10.34 -28.38 -35.28
CA SER A 207 -11.22 -29.38 -34.69
C SER A 207 -11.83 -30.34 -35.71
N ARG A 208 -11.58 -30.14 -37.00
CA ARG A 208 -12.09 -31.09 -38.00
C ARG A 208 -11.51 -32.48 -37.80
N ARG A 209 -10.21 -32.57 -37.54
CA ARG A 209 -9.57 -33.84 -37.27
C ARG A 209 -9.91 -34.31 -35.85
N PRO A 210 -9.69 -35.60 -35.55
CA PRO A 210 -9.89 -36.07 -34.18
C PRO A 210 -9.03 -35.27 -33.21
N ILE A 211 -9.60 -34.99 -32.04
CA ILE A 211 -9.09 -33.91 -31.20
C ILE A 211 -8.28 -34.41 -30.01
N PHE A 212 -8.94 -35.13 -29.10
CA PHE A 212 -8.38 -35.29 -27.75
C PHE A 212 -7.61 -36.59 -27.56
N ILE A 213 -8.28 -37.74 -27.66
CA ILE A 213 -7.67 -38.99 -27.19
C ILE A 213 -6.63 -39.51 -28.17
N PRO A 214 -6.90 -39.64 -29.47
CA PRO A 214 -5.84 -40.10 -30.38
C PRO A 214 -4.62 -39.19 -30.39
N ARG A 215 -4.83 -37.87 -30.35
CA ARG A 215 -3.69 -36.95 -30.35
C ARG A 215 -2.91 -37.04 -29.05
N LEU A 216 -3.60 -37.21 -27.93
CA LEU A 216 -2.92 -37.43 -26.66
C LEU A 216 -2.08 -38.70 -26.71
N LEU A 217 -2.62 -39.77 -27.30
CA LEU A 217 -1.86 -41.02 -27.39
C LEU A 217 -0.66 -40.86 -28.31
N MET A 218 -0.80 -40.14 -29.43
CA MET A 218 0.35 -39.89 -30.28
C MET A 218 1.44 -39.11 -29.55
N VAL A 219 1.05 -38.08 -28.81
CA VAL A 219 2.06 -37.23 -28.18
C VAL A 219 2.67 -37.92 -26.96
N ASP A 220 1.96 -38.89 -26.38
CA ASP A 220 2.50 -39.64 -25.25
C ASP A 220 3.44 -40.74 -25.73
N ALA A 221 2.95 -41.63 -26.60
CA ALA A 221 3.77 -42.73 -27.08
C ALA A 221 4.78 -42.24 -28.10
N GLY A 222 5.95 -41.83 -27.62
CA GLY A 222 6.99 -41.31 -28.49
C GLY A 222 6.67 -39.91 -28.98
N ARG A 223 7.58 -39.38 -29.78
CA ARG A 223 7.37 -38.08 -30.40
C ARG A 223 6.20 -38.14 -31.37
N ALA A 224 5.36 -37.12 -31.34
CA ALA A 224 4.24 -37.08 -32.26
C ALA A 224 4.71 -36.57 -33.62
N ASP A 225 5.09 -35.29 -33.68
CA ASP A 225 5.66 -34.65 -34.87
C ASP A 225 4.92 -35.04 -36.15
N GLU A 226 3.62 -35.28 -36.00
CA GLU A 226 2.78 -35.66 -37.13
C GLU A 226 1.48 -34.88 -37.10
N LEU A 227 1.12 -34.39 -35.92
CA LEU A 227 -0.10 -33.60 -35.76
C LEU A 227 0.06 -32.15 -36.19
N VAL A 228 1.30 -31.67 -36.31
CA VAL A 228 1.56 -30.32 -36.81
C VAL A 228 2.56 -30.38 -37.96
N SER A 229 2.05 -30.38 -39.18
CA SER A 229 2.88 -30.45 -40.38
C SER A 229 2.20 -29.70 -41.51
N ALA A 230 2.97 -29.40 -42.56
CA ALA A 230 2.42 -28.70 -43.71
C ALA A 230 1.21 -29.45 -44.25
N THR A 231 0.17 -28.71 -44.61
CA THR A 231 0.21 -27.25 -44.68
C THR A 231 -0.37 -26.52 -43.45
N ASP A 232 -0.34 -27.18 -42.30
CA ASP A 232 -0.83 -26.53 -41.09
C ASP A 232 -0.01 -25.30 -40.74
N ARG A 233 1.32 -25.40 -40.84
CA ARG A 233 2.16 -24.24 -40.56
C ARG A 233 1.92 -23.12 -41.56
N LYS A 234 1.75 -23.47 -42.84
CA LYS A 234 1.50 -22.45 -43.85
C LYS A 234 0.16 -21.75 -43.63
N VAL A 235 -0.88 -22.50 -43.29
CA VAL A 235 -2.18 -21.88 -43.06
C VAL A 235 -2.17 -21.07 -41.77
N ALA A 236 -1.36 -21.49 -40.79
CA ALA A 236 -1.19 -20.69 -39.58
C ALA A 236 -0.50 -19.37 -39.88
N MET A 237 0.55 -19.41 -40.71
CA MET A 237 1.18 -18.17 -41.16
C MET A 237 0.18 -17.30 -41.89
N GLY A 238 -0.67 -17.92 -42.71
CA GLY A 238 -1.72 -17.16 -43.39
C GLY A 238 -2.66 -16.49 -42.42
N PHE A 239 -3.09 -17.21 -41.38
CA PHE A 239 -3.97 -16.64 -40.37
C PHE A 239 -3.31 -15.48 -39.64
N LEU A 240 -2.05 -15.66 -39.23
CA LEU A 240 -1.36 -14.59 -38.52
C LEU A 240 -1.19 -13.36 -39.38
N ALA A 241 -0.72 -13.54 -40.61
CA ALA A 241 -0.53 -12.41 -41.52
C ALA A 241 -1.87 -11.74 -41.83
N ALA A 242 -2.92 -12.54 -42.03
CA ALA A 242 -4.23 -11.98 -42.31
C ALA A 242 -4.76 -11.19 -41.12
N THR A 243 -4.59 -11.69 -39.90
CA THR A 243 -5.05 -10.95 -38.74
C THR A 243 -4.33 -9.62 -38.62
N ILE A 244 -3.00 -9.64 -38.75
CA ILE A 244 -2.24 -8.39 -38.63
C ILE A 244 -2.63 -7.42 -39.75
N LEU A 245 -2.74 -7.93 -40.97
CA LEU A 245 -3.05 -7.09 -42.13
C LEU A 245 -4.44 -6.49 -42.04
N ILE A 246 -5.42 -7.28 -41.61
CA ILE A 246 -6.78 -6.76 -41.42
C ILE A 246 -6.80 -5.72 -40.32
N VAL A 247 -6.09 -5.97 -39.21
CA VAL A 247 -6.05 -4.99 -38.13
C VAL A 247 -5.45 -3.68 -38.63
N VAL A 248 -4.39 -3.77 -39.42
CA VAL A 248 -3.73 -2.57 -39.91
C VAL A 248 -4.66 -1.79 -40.83
N MET A 249 -5.31 -2.46 -41.80
CA MET A 249 -6.19 -1.73 -42.70
C MET A 249 -7.39 -1.16 -41.96
N ALA A 250 -7.90 -1.91 -40.99
CA ALA A 250 -9.08 -1.47 -40.21
C ALA A 250 -8.74 -0.23 -39.39
N MET A 251 -7.52 -0.15 -38.84
CA MET A 251 -7.07 1.02 -38.05
C MET A 251 -6.86 2.22 -38.98
N SER A 252 -6.34 1.97 -40.20
CA SER A 252 -6.08 3.06 -41.17
C SER A 252 -7.40 3.57 -41.76
N SER A 253 -8.40 2.70 -41.92
CA SER A 253 -9.71 3.15 -42.38
C SER A 253 -10.45 3.92 -41.29
N ALA A 254 -10.39 3.44 -40.05
CA ALA A 254 -10.94 4.19 -38.94
C ALA A 254 -10.18 5.47 -38.67
N ASN A 255 -8.98 5.62 -39.22
CA ASN A 255 -8.28 6.91 -39.19
C ASN A 255 -8.68 7.80 -40.36
N SER A 256 -8.99 7.22 -41.52
CA SER A 256 -9.46 8.02 -42.64
C SER A 256 -10.88 8.51 -42.41
N LYS A 257 -11.83 7.58 -42.29
CA LYS A 257 -13.16 7.94 -41.83
C LYS A 257 -13.10 8.37 -40.37
N TYR A 258 -13.88 9.38 -40.03
CA TYR A 258 -13.78 10.06 -38.74
C TYR A 258 -12.35 10.54 -38.51
N PRO A 259 -11.83 11.44 -39.36
CA PRO A 259 -10.43 11.86 -39.22
C PRO A 259 -10.18 12.76 -38.02
N ILE A 260 -11.23 13.32 -37.42
CA ILE A 260 -11.09 14.19 -36.25
C ILE A 260 -11.57 13.40 -35.04
N THR A 261 -10.66 13.09 -34.13
CA THR A 261 -10.97 12.36 -32.91
C THR A 261 -10.30 13.06 -31.73
N ILE A 262 -10.94 12.94 -30.57
CA ILE A 262 -10.39 13.49 -29.34
C ILE A 262 -10.42 12.42 -28.26
N PRO A 263 -9.54 12.47 -27.26
CA PRO A 263 -9.63 11.51 -26.15
C PRO A 263 -10.82 11.83 -25.25
N LEU A 264 -11.10 10.89 -24.35
CA LEU A 264 -12.23 11.05 -23.44
C LEU A 264 -11.98 12.19 -22.47
N GLN A 265 -13.00 13.01 -22.25
CA GLN A 265 -12.89 14.17 -21.39
C GLN A 265 -13.14 13.78 -19.94
N ALA A 266 -12.22 14.13 -19.06
CA ALA A 266 -12.35 13.82 -17.64
C ALA A 266 -11.51 14.80 -16.84
N GLY A 267 -11.80 14.87 -15.54
CA GLY A 267 -11.09 15.77 -14.64
C GLY A 267 -12.03 16.54 -13.75
N THR A 268 -11.80 16.48 -12.43
CA THR A 268 -12.68 17.14 -11.49
C THR A 268 -12.65 18.65 -11.67
N MET A 269 -13.83 19.26 -11.66
CA MET A 269 -13.97 20.71 -11.79
C MET A 269 -14.03 21.32 -10.39
N ARG A 270 -13.09 22.21 -10.09
CA ARG A 270 -13.05 22.92 -8.84
C ARG A 270 -13.70 24.29 -9.02
N GLY A 271 -13.67 25.10 -7.96
CA GLY A 271 -14.22 26.44 -8.00
C GLY A 271 -15.71 26.47 -8.23
N MET A 272 -16.44 25.64 -7.48
CA MET A 272 -17.89 25.57 -7.59
C MET A 272 -18.50 26.70 -6.76
N LYS A 273 -19.33 27.52 -7.38
CA LYS A 273 -19.91 28.69 -6.72
C LYS A 273 -20.96 28.26 -5.71
N PRO A 274 -20.79 28.61 -4.44
CA PRO A 274 -21.81 28.29 -3.44
C PRO A 274 -22.87 29.38 -3.33
N LEU A 275 -24.00 29.01 -2.74
CA LEU A 275 -25.08 29.96 -2.54
C LEU A 275 -24.75 30.88 -1.36
N GLU A 276 -24.86 32.18 -1.59
CA GLU A 276 -24.55 33.17 -0.56
C GLU A 276 -25.78 33.41 0.31
N LEU A 277 -26.00 32.45 1.21
CA LEU A 277 -27.13 32.55 2.13
C LEU A 277 -26.87 33.65 3.15
N PRO A 278 -27.89 34.44 3.50
CA PRO A 278 -27.71 35.45 4.54
C PRO A 278 -27.51 34.81 5.89
N ALA A 279 -26.81 35.53 6.77
CA ALA A 279 -26.57 35.03 8.12
C ALA A 279 -27.89 34.91 8.88
N PRO A 280 -28.24 33.74 9.38
CA PRO A 280 -29.50 33.60 10.12
C PRO A 280 -29.51 34.46 11.37
N THR A 281 -30.66 35.05 11.66
CA THR A 281 -30.86 35.83 12.88
C THR A 281 -31.43 35.01 14.02
N VAL A 282 -31.64 33.71 13.81
CA VAL A 282 -32.23 32.84 14.82
C VAL A 282 -31.14 31.90 15.32
N SER A 283 -30.92 31.89 16.63
CA SER A 283 -29.95 31.00 17.25
C SER A 283 -30.68 29.94 18.05
N VAL A 284 -30.39 28.67 17.75
CA VAL A 284 -31.03 27.54 18.40
C VAL A 284 -29.95 26.64 18.97
N LYS A 285 -30.04 26.35 20.26
CA LYS A 285 -29.14 25.42 20.93
C LYS A 285 -29.98 24.30 21.53
N VAL A 286 -29.59 23.05 21.25
CA VAL A 286 -30.39 21.89 21.60
C VAL A 286 -29.95 21.41 22.99
N GLU A 287 -30.92 21.22 23.88
CA GLU A 287 -30.68 20.66 25.21
C GLU A 287 -31.32 19.27 25.23
N ASP A 288 -30.53 18.27 24.80
CA ASP A 288 -30.81 16.84 24.76
C ASP A 288 -31.93 16.49 23.79
N ALA A 289 -31.91 15.27 23.25
CA ALA A 289 -32.94 14.78 22.36
C ALA A 289 -33.15 13.30 22.64
N THR A 290 -34.41 12.89 22.76
CA THR A 290 -34.74 11.50 23.07
C THR A 290 -35.81 10.99 22.11
N TYR A 291 -35.80 9.68 21.89
CA TYR A 291 -36.81 9.02 21.08
C TYR A 291 -37.18 7.69 21.73
N ARG A 292 -38.45 7.32 21.61
CA ARG A 292 -38.96 6.13 22.29
C ARG A 292 -38.58 4.88 21.53
N VAL A 293 -38.19 3.84 22.28
CA VAL A 293 -37.81 2.56 21.70
C VAL A 293 -38.72 1.46 22.25
N PRO A 294 -39.61 0.88 21.43
CA PRO A 294 -39.88 1.30 20.06
C PRO A 294 -40.80 2.51 20.02
N GLY A 295 -40.80 3.25 18.92
CA GLY A 295 -41.65 4.41 18.81
C GLY A 295 -41.51 5.05 17.45
N ARG A 296 -42.33 6.09 17.23
CA ARG A 296 -42.34 6.84 15.99
C ARG A 296 -42.11 8.33 16.22
N ALA A 297 -41.66 8.70 17.41
CA ALA A 297 -41.59 10.10 17.81
C ALA A 297 -40.16 10.46 18.19
N MET A 298 -39.81 11.72 17.96
CA MET A 298 -38.51 12.27 18.32
C MET A 298 -38.73 13.50 19.20
N ARG A 299 -38.31 13.40 20.46
CA ARG A 299 -38.54 14.45 21.45
C ARG A 299 -37.23 15.18 21.70
N MET A 300 -37.30 16.51 21.74
CA MET A 300 -36.10 17.31 21.95
C MET A 300 -36.51 18.67 22.53
N LYS A 301 -35.56 19.31 23.19
CA LYS A 301 -35.78 20.58 23.88
C LYS A 301 -34.93 21.66 23.23
N LEU A 302 -35.52 22.82 22.97
CA LEU A 302 -34.87 23.90 22.23
C LEU A 302 -34.93 25.19 23.03
N THR A 303 -33.92 26.04 22.84
CA THR A 303 -33.90 27.40 23.36
C THR A 303 -33.68 28.35 22.19
N ILE A 304 -34.78 28.81 21.59
CA ILE A 304 -34.73 29.66 20.40
C ILE A 304 -34.39 31.08 20.83
N THR A 305 -33.36 31.65 20.20
CA THR A 305 -32.99 33.05 20.39
C THR A 305 -33.38 33.81 19.14
N ASN A 306 -34.23 34.82 19.30
CA ASN A 306 -34.76 35.59 18.18
C ASN A 306 -34.04 36.93 18.11
N HIS A 307 -33.31 37.15 17.02
CA HIS A 307 -32.72 38.45 16.75
C HIS A 307 -33.46 39.12 15.59
N GLY A 308 -33.07 40.35 15.28
CA GLY A 308 -33.73 41.10 14.23
C GLY A 308 -34.96 41.81 14.77
N ASN A 309 -35.95 42.02 13.89
CA ASN A 309 -37.15 42.74 14.27
C ASN A 309 -38.41 42.09 13.72
N SER A 310 -38.51 40.77 13.81
CA SER A 310 -39.69 40.09 13.28
C SER A 310 -40.11 38.98 14.22
N PRO A 311 -41.41 38.75 14.41
CA PRO A 311 -41.85 37.63 15.24
C PRO A 311 -41.94 36.33 14.45
N ILE A 312 -41.09 35.36 14.80
CA ILE A 312 -40.95 34.14 14.02
C ILE A 312 -41.75 33.02 14.68
N ARG A 313 -42.01 31.98 13.89
CA ARG A 313 -42.66 30.77 14.39
C ARG A 313 -42.04 29.56 13.70
N LEU A 314 -41.69 28.55 14.48
CA LEU A 314 -41.09 27.35 13.93
C LEU A 314 -42.13 26.57 13.14
N GLY A 315 -41.78 26.16 11.92
CA GLY A 315 -42.75 25.51 11.06
C GLY A 315 -42.37 24.14 10.55
N GLU A 316 -41.06 23.86 10.45
CA GLU A 316 -40.64 22.59 9.85
C GLU A 316 -39.43 22.06 10.59
N PHE A 317 -39.23 20.75 10.47
CA PHE A 317 -38.05 20.07 11.03
C PHE A 317 -37.66 18.97 10.04
N TYR A 318 -36.71 19.27 9.17
CA TYR A 318 -36.21 18.33 8.17
C TYR A 318 -35.00 17.61 8.74
N THR A 319 -35.13 16.31 8.98
CA THR A 319 -34.07 15.54 9.61
C THR A 319 -33.35 14.63 8.61
N ALA A 320 -34.06 13.74 7.92
CA ALA A 320 -33.46 12.90 6.88
C ALA A 320 -34.54 12.54 5.87
N SER A 321 -34.64 13.36 4.82
CA SER A 321 -35.60 13.14 3.73
C SER A 321 -37.03 13.13 4.22
N VAL A 322 -37.26 13.48 5.49
CA VAL A 322 -38.58 13.53 6.09
C VAL A 322 -38.82 14.94 6.62
N ARG A 323 -39.94 15.53 6.26
CA ARG A 323 -40.29 16.89 6.66
C ARG A 323 -41.42 16.83 7.66
N PHE A 324 -41.13 17.16 8.91
CA PHE A 324 -42.16 17.29 9.95
C PHE A 324 -42.66 18.72 9.95
N LEU A 325 -43.91 18.91 9.55
CA LEU A 325 -44.50 20.23 9.40
C LEU A 325 -45.48 20.52 10.54
N ASP A 326 -45.61 21.81 10.86
CA ASP A 326 -46.65 22.29 11.77
C ASP A 326 -47.73 22.95 10.90
N SER A 327 -48.91 22.34 10.87
CA SER A 327 -49.96 22.81 9.97
C SER A 327 -50.40 24.23 10.30
N ASP A 328 -50.41 24.59 11.58
CA ASP A 328 -50.82 25.92 11.99
C ASP A 328 -49.82 27.00 11.60
N VAL A 329 -48.61 26.62 11.16
CA VAL A 329 -47.55 27.57 10.84
C VAL A 329 -47.26 27.58 9.34
N TYR A 330 -46.91 26.43 8.78
CA TYR A 330 -46.53 26.32 7.38
C TYR A 330 -47.22 25.12 6.75
N LYS A 331 -47.46 25.21 5.45
CA LYS A 331 -48.07 24.14 4.68
C LYS A 331 -47.25 23.91 3.41
N ASP A 332 -47.05 22.63 3.07
CA ASP A 332 -46.25 22.29 1.91
C ASP A 332 -47.07 22.39 0.64
N THR A 333 -46.54 23.08 -0.36
CA THR A 333 -47.21 23.25 -1.64
C THR A 333 -46.32 22.89 -2.83
N THR A 334 -45.21 22.19 -2.61
CA THR A 334 -44.27 21.88 -3.68
C THR A 334 -44.45 20.48 -4.24
N GLY A 335 -45.56 19.81 -3.93
CA GLY A 335 -45.76 18.45 -4.39
C GLY A 335 -44.76 17.47 -3.81
N TYR A 336 -44.37 17.69 -2.55
CA TYR A 336 -43.39 16.83 -1.91
C TYR A 336 -44.05 15.48 -1.59
N PRO A 337 -43.31 14.38 -1.69
CA PRO A 337 -43.93 13.05 -1.59
C PRO A 337 -44.69 12.86 -0.29
N GLU A 338 -45.82 12.14 -0.39
CA GLU A 338 -46.70 11.94 0.76
C GLU A 338 -46.04 11.14 1.87
N ASP A 339 -45.34 10.07 1.51
CA ASP A 339 -44.74 9.20 2.53
C ASP A 339 -43.59 9.89 3.26
N LEU A 340 -43.02 10.95 2.69
CA LEU A 340 -41.95 11.70 3.33
C LEU A 340 -42.44 12.96 4.01
N LEU A 341 -43.74 13.26 3.95
CA LEU A 341 -44.28 14.53 4.42
C LEU A 341 -45.15 14.30 5.64
N ALA A 342 -44.88 15.04 6.70
CA ALA A 342 -45.68 15.01 7.93
C ALA A 342 -46.43 16.33 8.01
N GLU A 343 -47.70 16.31 7.60
CA GLU A 343 -48.49 17.54 7.57
C GLU A 343 -48.65 18.11 8.98
N ASP A 344 -48.95 17.25 9.96
CA ASP A 344 -49.05 17.67 11.35
C ASP A 344 -48.25 16.76 12.26
N GLY A 345 -47.18 16.16 11.74
CA GLY A 345 -46.34 15.31 12.55
C GLY A 345 -45.44 16.04 13.52
N LEU A 346 -45.34 17.36 13.38
CA LEU A 346 -44.52 18.19 14.26
C LEU A 346 -45.44 18.91 15.24
N SER A 347 -45.27 18.64 16.53
CA SER A 347 -46.05 19.26 17.59
C SER A 347 -45.13 20.04 18.50
N VAL A 348 -45.44 21.32 18.70
CA VAL A 348 -44.65 22.21 19.54
C VAL A 348 -45.48 22.56 20.76
N SER A 349 -44.88 22.40 21.95
CA SER A 349 -45.61 22.65 23.18
C SER A 349 -46.02 24.11 23.30
N ASP A 350 -45.13 25.03 22.90
CA ASP A 350 -45.39 26.47 22.94
C ASP A 350 -44.94 27.06 21.60
N ASN A 351 -45.86 27.10 20.63
CA ASN A 351 -45.57 27.64 19.31
C ASN A 351 -46.14 29.04 19.12
N SER A 352 -46.31 29.79 20.20
CA SER A 352 -46.72 31.18 20.09
C SER A 352 -45.62 31.99 19.41
N PRO A 353 -45.97 33.05 18.70
CA PRO A 353 -44.95 33.87 18.03
C PRO A 353 -43.93 34.41 19.02
N LEU A 354 -42.67 34.40 18.61
CA LEU A 354 -41.57 34.80 19.48
C LEU A 354 -41.16 36.22 19.15
N ALA A 355 -41.31 37.13 20.11
CA ALA A 355 -40.93 38.51 19.91
C ALA A 355 -39.41 38.62 19.74
N PRO A 356 -38.95 39.54 18.89
CA PRO A 356 -37.50 39.71 18.71
C PRO A 356 -36.83 40.09 20.02
N GLY A 357 -35.64 39.54 20.24
CA GLY A 357 -34.91 39.76 21.47
C GLY A 357 -35.31 38.81 22.58
N GLU A 358 -36.53 38.30 22.51
CA GLU A 358 -37.03 37.39 23.53
C GLU A 358 -36.58 35.97 23.25
N THR A 359 -36.15 35.28 24.31
CA THR A 359 -35.69 33.90 24.23
C THR A 359 -36.53 33.04 25.15
N ARG A 360 -36.91 31.84 24.68
CA ARG A 360 -37.70 30.94 25.49
C ARG A 360 -37.29 29.50 25.20
N THR A 361 -37.59 28.62 26.16
CA THR A 361 -37.32 27.20 26.04
C THR A 361 -38.63 26.47 25.79
N VAL A 362 -38.65 25.63 24.74
CA VAL A 362 -39.86 24.94 24.34
C VAL A 362 -39.52 23.47 24.11
N ASP A 363 -40.55 22.64 24.19
CA ASP A 363 -40.43 21.20 23.94
C ASP A 363 -40.99 20.90 22.55
N VAL A 364 -40.18 20.26 21.71
CA VAL A 364 -40.54 19.98 20.33
C VAL A 364 -40.62 18.48 20.16
N THR A 365 -41.77 18.01 19.65
CA THR A 365 -41.99 16.59 19.40
C THR A 365 -42.31 16.39 17.92
N ALA A 366 -41.60 15.48 17.27
CA ALA A 366 -41.83 15.13 15.87
C ALA A 366 -42.19 13.66 15.81
N SER A 367 -43.46 13.37 15.51
CA SER A 367 -43.96 12.00 15.48
C SER A 367 -44.61 11.73 14.14
N ASP A 368 -44.20 10.64 13.49
CA ASP A 368 -44.78 10.24 12.22
C ASP A 368 -44.46 8.77 11.99
N ALA A 369 -45.33 8.10 11.23
CA ALA A 369 -45.10 6.71 10.85
C ALA A 369 -43.90 6.55 9.93
N ALA A 370 -43.53 7.58 9.18
CA ALA A 370 -42.35 7.53 8.32
C ALA A 370 -41.07 7.30 9.12
N TRP A 371 -41.00 7.78 10.35
CA TRP A 371 -39.84 7.58 11.21
C TRP A 371 -39.50 6.11 11.41
N GLU A 372 -40.50 5.22 11.35
CA GLU A 372 -40.26 3.79 11.36
C GLU A 372 -40.38 3.14 10.00
N VAL A 373 -41.10 3.77 9.06
CA VAL A 373 -41.19 3.23 7.70
C VAL A 373 -39.83 3.26 7.02
N TYR A 374 -39.10 4.36 7.16
CA TYR A 374 -37.76 4.48 6.58
C TYR A 374 -36.67 4.06 7.56
N ARG A 375 -37.05 3.46 8.69
CA ARG A 375 -36.10 2.96 9.68
C ARG A 375 -35.15 4.05 10.16
N LEU A 376 -35.74 5.16 10.62
CA LEU A 376 -34.96 6.15 11.35
C LEU A 376 -34.83 5.79 12.82
N SER A 377 -35.55 4.77 13.28
CA SER A 377 -35.50 4.32 14.67
C SER A 377 -34.47 3.22 14.88
N ASP A 378 -33.71 2.86 13.85
CA ASP A 378 -32.68 1.83 13.96
C ASP A 378 -31.32 2.42 14.33
N ILE A 379 -31.28 3.72 14.63
CA ILE A 379 -30.04 4.35 15.07
C ILE A 379 -29.55 3.79 16.40
N ILE A 380 -30.42 3.09 17.14
CA ILE A 380 -29.97 2.35 18.31
C ILE A 380 -29.00 1.25 17.91
N TYR A 381 -29.23 0.60 16.77
CA TYR A 381 -28.29 -0.36 16.23
C TYR A 381 -27.02 0.28 15.71
N ASP A 382 -27.02 1.57 15.47
CA ASP A 382 -25.89 2.26 14.90
C ASP A 382 -24.84 2.57 15.96
N PRO A 383 -23.55 2.54 15.59
CA PRO A 383 -22.48 2.91 16.52
C PRO A 383 -22.24 4.41 16.68
N ASP A 384 -23.15 5.27 16.23
CA ASP A 384 -22.98 6.72 16.42
C ASP A 384 -24.37 7.33 16.52
N SER A 385 -24.81 7.60 17.75
CA SER A 385 -26.15 8.10 17.99
C SER A 385 -26.14 9.62 18.05
N ARG A 386 -26.00 10.23 16.87
CA ARG A 386 -26.08 11.67 16.71
C ARG A 386 -26.97 11.98 15.51
N PHE A 387 -27.65 13.13 15.57
CA PHE A 387 -28.54 13.54 14.51
C PHE A 387 -28.25 14.98 14.11
N ALA A 388 -28.65 15.33 12.89
CA ALA A 388 -28.60 16.70 12.42
C ALA A 388 -29.79 16.95 11.53
N GLY A 389 -30.23 18.21 11.49
CA GLY A 389 -31.40 18.57 10.71
C GLY A 389 -31.49 20.06 10.51
N LEU A 390 -32.53 20.47 9.81
CA LEU A 390 -32.78 21.86 9.49
C LEU A 390 -34.13 22.29 10.06
N LEU A 391 -34.16 23.48 10.66
CA LEU A 391 -35.38 24.06 11.19
C LEU A 391 -35.74 25.29 10.37
N PHE A 392 -36.96 25.35 9.88
CA PHE A 392 -37.46 26.47 9.09
C PHE A 392 -38.34 27.33 9.98
N PHE A 393 -37.92 28.57 10.20
CA PHE A 393 -38.66 29.52 11.02
C PHE A 393 -39.36 30.53 10.12
N PHE A 394 -40.66 30.67 10.28
CA PHE A 394 -41.47 31.58 9.48
C PHE A 394 -42.04 32.68 10.36
N ASP A 395 -42.10 33.89 9.81
CA ASP A 395 -42.67 35.04 10.51
C ASP A 395 -43.99 35.43 9.85
N ALA A 396 -44.56 36.55 10.32
CA ALA A 396 -45.83 37.02 9.81
C ALA A 396 -45.72 37.42 8.33
N THR A 397 -44.57 37.96 7.93
CA THR A 397 -44.38 38.41 6.55
C THR A 397 -44.45 37.27 5.55
N GLY A 398 -44.06 36.05 5.93
CA GLY A 398 -44.12 34.91 5.06
C GLY A 398 -42.77 34.34 4.66
N ASN A 399 -41.69 35.12 4.77
CA ASN A 399 -40.37 34.59 4.47
C ASN A 399 -39.90 33.66 5.59
N ARG A 400 -38.83 32.93 5.33
CA ARG A 400 -38.33 31.94 6.25
C ARG A 400 -36.83 32.12 6.48
N GLN A 401 -36.39 31.67 7.65
CA GLN A 401 -34.97 31.61 8.00
C GLN A 401 -34.62 30.16 8.28
N VAL A 402 -33.50 29.70 7.72
CA VAL A 402 -33.06 28.33 7.87
C VAL A 402 -31.96 28.29 8.93
N VAL A 403 -32.13 27.42 9.92
CA VAL A 403 -31.13 27.21 10.95
C VAL A 403 -30.89 25.71 11.06
N GLN A 404 -29.70 25.35 11.55
CA GLN A 404 -29.25 23.97 11.59
C GLN A 404 -28.96 23.56 13.02
N ILE A 405 -29.38 22.36 13.39
CA ILE A 405 -29.19 21.85 14.74
C ILE A 405 -28.51 20.49 14.68
N ASP A 406 -27.73 20.17 15.70
CA ASP A 406 -27.16 18.85 15.87
C ASP A 406 -26.88 18.60 17.34
N ALA A 407 -27.13 17.38 17.79
CA ALA A 407 -27.01 17.03 19.20
C ALA A 407 -27.02 15.52 19.33
N PRO A 408 -26.45 14.98 20.40
CA PRO A 408 -26.56 13.53 20.63
C PRO A 408 -28.01 13.11 20.80
N LEU A 409 -28.32 11.91 20.33
CA LEU A 409 -29.67 11.35 20.38
C LEU A 409 -29.67 10.18 21.36
N ILE A 410 -30.34 10.36 22.49
CA ILE A 410 -30.33 9.39 23.57
C ILE A 410 -31.64 8.62 23.54
N PRO A 411 -31.64 7.32 23.25
CA PRO A 411 -32.89 6.56 23.27
C PRO A 411 -33.41 6.40 24.70
N SER A 412 -34.73 6.20 24.79
CA SER A 412 -35.39 5.99 26.08
C SER A 412 -36.16 4.67 26.02
N PHE A 413 -36.13 3.92 27.12
CA PHE A 413 -36.73 2.60 27.17
C PHE A 413 -37.81 2.48 28.23
N MET A 414 -37.60 3.07 29.40
CA MET A 414 -38.61 3.02 30.46
C MET A 414 -39.52 4.25 30.40
N LEU B 16 -25.39 -49.52 -27.42
CA LEU B 16 -25.94 -48.49 -26.54
C LEU B 16 -24.90 -47.42 -26.24
N LEU B 17 -24.01 -47.71 -25.29
CA LEU B 17 -22.94 -46.81 -24.86
C LEU B 17 -23.58 -45.49 -24.43
N ASP B 18 -23.16 -44.34 -24.96
CA ASP B 18 -23.71 -43.06 -24.57
C ASP B 18 -25.20 -42.98 -24.86
N LYS B 19 -26.00 -42.74 -23.83
CA LYS B 19 -27.48 -42.66 -24.00
C LYS B 19 -27.91 -41.19 -24.18
N LYS B 20 -29.18 -40.89 -23.90
CA LYS B 20 -29.70 -39.51 -24.08
C LYS B 20 -29.72 -38.75 -22.74
N TRP B 21 -29.02 -39.27 -21.73
CA TRP B 21 -28.91 -38.56 -20.43
C TRP B 21 -28.24 -37.20 -20.67
N LEU B 22 -27.46 -37.07 -21.75
CA LEU B 22 -26.76 -35.83 -22.04
C LEU B 22 -27.73 -34.69 -22.31
N THR B 23 -28.80 -34.96 -23.07
CA THR B 23 -29.77 -33.92 -23.38
C THR B 23 -30.49 -33.46 -22.11
N PHE B 24 -30.88 -34.40 -21.25
CA PHE B 24 -31.57 -34.05 -20.02
C PHE B 24 -30.60 -33.40 -19.02
N VAL B 69 -33.04 -24.54 1.84
CA VAL B 69 -33.55 -25.77 2.41
C VAL B 69 -33.49 -26.90 1.38
N LEU B 70 -34.07 -26.64 0.20
CA LEU B 70 -34.05 -27.63 -0.87
C LEU B 70 -32.62 -27.93 -1.32
N GLU B 71 -31.79 -26.90 -1.39
CA GLU B 71 -30.39 -27.10 -1.78
C GLU B 71 -29.67 -28.01 -0.79
N ILE B 72 -29.87 -27.78 0.50
CA ILE B 72 -29.28 -28.66 1.50
C ILE B 72 -29.87 -30.06 1.41
N VAL B 73 -31.20 -30.14 1.24
CA VAL B 73 -31.86 -31.44 1.17
C VAL B 73 -31.41 -32.21 -0.08
N THR B 74 -31.46 -31.55 -1.24
CA THR B 74 -31.12 -32.23 -2.49
C THR B 74 -29.69 -32.78 -2.45
N ALA B 75 -28.78 -32.06 -1.79
CA ALA B 75 -27.41 -32.53 -1.67
C ALA B 75 -27.35 -33.83 -0.86
N SER B 76 -28.18 -33.94 0.19
CA SER B 76 -28.10 -35.09 1.08
C SER B 76 -28.44 -36.38 0.35
N ILE B 77 -29.56 -36.41 -0.37
CA ILE B 77 -29.97 -37.63 -1.07
C ILE B 77 -29.02 -37.91 -2.23
N LEU B 78 -28.72 -36.89 -3.02
CA LEU B 78 -27.92 -37.08 -4.23
C LEU B 78 -26.53 -37.61 -3.89
N TRP B 79 -25.90 -37.03 -2.86
CA TRP B 79 -24.60 -37.53 -2.42
C TRP B 79 -24.74 -38.90 -1.78
N GLY B 80 -25.77 -39.10 -0.96
CA GLY B 80 -25.94 -40.38 -0.29
C GLY B 80 -26.28 -41.51 -1.26
N TYR B 81 -27.16 -41.23 -2.23
CA TYR B 81 -27.62 -42.27 -3.15
C TYR B 81 -26.44 -42.88 -3.91
N LEU B 82 -25.56 -42.03 -4.45
CA LEU B 82 -24.41 -42.54 -5.19
C LEU B 82 -23.45 -43.28 -4.27
N TRP B 83 -23.29 -42.81 -3.03
CA TRP B 83 -22.38 -43.43 -2.09
C TRP B 83 -22.94 -44.72 -1.48
N LYS B 84 -24.24 -44.80 -1.24
CA LYS B 84 -24.81 -46.00 -0.63
C LYS B 84 -24.88 -47.16 -1.61
N THR B 85 -25.07 -46.87 -2.90
CA THR B 85 -25.13 -47.88 -3.94
C THR B 85 -23.73 -48.17 -4.50
N ARG B 86 -22.69 -48.01 -3.68
CA ARG B 86 -21.33 -48.13 -4.18
C ARG B 86 -21.00 -49.55 -4.61
N ASP B 87 -20.27 -49.65 -5.71
CA ASP B 87 -19.83 -50.95 -6.21
C ASP B 87 -18.67 -51.46 -5.37
N ARG B 88 -18.88 -52.56 -4.65
CA ARG B 88 -17.87 -53.10 -3.76
C ARG B 88 -16.82 -53.93 -4.48
N ASN B 89 -17.21 -54.65 -5.53
CA ASN B 89 -16.29 -55.46 -6.32
C ASN B 89 -15.90 -54.70 -7.59
N LEU B 90 -14.99 -53.74 -7.41
CA LEU B 90 -14.53 -52.95 -8.55
C LEU B 90 -13.61 -53.75 -9.46
N ALA B 91 -13.12 -54.91 -8.99
CA ALA B 91 -12.28 -55.75 -9.82
C ALA B 91 -13.09 -56.41 -10.93
N ALA B 92 -14.29 -56.88 -10.62
CA ALA B 92 -15.13 -57.61 -11.56
C ALA B 92 -15.91 -56.64 -12.46
N LEU B 93 -15.17 -55.97 -13.34
CA LEU B 93 -15.74 -55.07 -14.33
C LEU B 93 -15.27 -55.47 -15.71
N THR B 94 -16.21 -55.84 -16.57
CA THR B 94 -15.89 -56.04 -17.97
C THR B 94 -15.56 -54.69 -18.62
N PRO B 95 -14.61 -54.65 -19.55
CA PRO B 95 -14.29 -53.36 -20.19
C PRO B 95 -15.48 -52.74 -20.90
N ARG B 96 -16.39 -53.55 -21.43
CA ARG B 96 -17.60 -53.01 -22.03
C ARG B 96 -18.47 -52.33 -20.98
N GLU B 97 -18.64 -52.97 -19.82
CA GLU B 97 -19.38 -52.32 -18.74
C GLU B 97 -18.62 -51.11 -18.22
N GLU B 98 -17.29 -51.19 -18.18
CA GLU B 98 -16.49 -50.02 -17.82
C GLU B 98 -16.73 -48.87 -18.79
N LEU B 99 -16.72 -49.17 -20.09
CA LEU B 99 -16.94 -48.12 -21.09
C LEU B 99 -18.33 -47.52 -20.97
N ARG B 100 -19.34 -48.37 -20.75
CA ARG B 100 -20.70 -47.87 -20.60
C ARG B 100 -20.82 -46.91 -19.43
N ARG B 101 -20.32 -47.32 -18.26
CA ARG B 101 -20.37 -46.45 -17.08
C ARG B 101 -19.46 -45.25 -17.26
N ASN B 102 -18.41 -45.39 -18.07
CA ASN B 102 -17.44 -44.31 -18.24
C ASN B 102 -18.08 -43.12 -18.95
N PHE B 103 -18.96 -43.37 -19.91
CA PHE B 103 -19.71 -42.28 -20.55
C PHE B 103 -20.56 -41.52 -19.53
N THR B 104 -21.21 -42.24 -18.61
CA THR B 104 -22.07 -41.58 -17.63
C THR B 104 -21.27 -40.62 -16.76
N HIS B 105 -20.04 -40.98 -16.41
CA HIS B 105 -19.18 -40.06 -15.67
C HIS B 105 -18.90 -38.80 -16.46
N LEU B 106 -18.63 -38.93 -17.76
CA LEU B 106 -18.43 -37.74 -18.59
C LEU B 106 -19.73 -36.94 -18.69
N VAL B 107 -20.88 -37.61 -18.71
CA VAL B 107 -22.15 -36.91 -18.74
C VAL B 107 -22.34 -36.09 -17.46
N TRP B 108 -21.89 -36.63 -16.32
CA TRP B 108 -22.00 -35.88 -15.08
C TRP B 108 -21.11 -34.63 -15.11
N LEU B 109 -19.92 -34.74 -15.69
CA LEU B 109 -19.06 -33.57 -15.86
C LEU B 109 -19.71 -32.55 -16.79
N VAL B 110 -20.47 -33.02 -17.78
CA VAL B 110 -21.21 -32.11 -18.65
C VAL B 110 -22.20 -31.30 -17.85
N ALA B 111 -22.89 -31.94 -16.90
CA ALA B 111 -23.80 -31.21 -16.03
C ALA B 111 -23.04 -30.17 -15.20
N TYR B 112 -21.83 -30.53 -14.75
CA TYR B 112 -21.00 -29.58 -14.02
C TYR B 112 -20.67 -28.36 -14.87
N ALA B 113 -20.28 -28.59 -16.13
CA ALA B 113 -19.91 -27.48 -17.01
C ALA B 113 -21.09 -26.54 -17.24
N TRP B 114 -22.28 -27.11 -17.45
CA TRP B 114 -23.48 -26.28 -17.60
C TRP B 114 -23.77 -25.50 -16.32
N ALA B 115 -23.58 -26.16 -15.16
CA ALA B 115 -23.86 -25.50 -13.89
C ALA B 115 -22.89 -24.36 -13.63
N ILE B 116 -21.60 -24.56 -13.93
CA ILE B 116 -20.61 -23.50 -13.71
C ILE B 116 -20.90 -22.30 -14.59
N TYR B 117 -21.13 -22.54 -15.88
CA TYR B 117 -21.41 -21.44 -16.79
C TYR B 117 -22.68 -20.71 -16.41
N TRP B 118 -23.71 -21.45 -16.03
CA TRP B 118 -24.94 -20.82 -15.56
C TRP B 118 -24.73 -20.12 -14.23
N GLY B 119 -23.81 -20.65 -13.42
CA GLY B 119 -23.56 -20.07 -12.10
C GLY B 119 -22.54 -18.95 -12.09
N ALA B 120 -21.40 -19.16 -12.74
CA ALA B 120 -20.28 -18.24 -12.66
C ALA B 120 -20.26 -17.22 -13.79
N SER B 121 -21.00 -17.44 -14.87
CA SER B 121 -20.99 -16.50 -15.99
C SER B 121 -22.27 -15.70 -16.08
N TYR B 122 -23.43 -16.33 -15.96
CA TYR B 122 -24.70 -15.61 -16.09
C TYR B 122 -25.00 -14.82 -14.83
N PHE B 123 -25.05 -15.50 -13.69
CA PHE B 123 -25.53 -14.86 -12.46
C PHE B 123 -24.49 -13.95 -11.81
N THR B 124 -23.19 -14.20 -12.02
CA THR B 124 -22.18 -13.38 -11.36
C THR B 124 -22.20 -11.94 -11.88
N GLU B 125 -22.19 -11.77 -13.19
CA GLU B 125 -22.33 -10.43 -13.76
C GLU B 125 -23.76 -9.92 -13.64
N GLN B 126 -24.73 -10.80 -13.42
CA GLN B 126 -26.08 -10.34 -13.13
C GLN B 126 -26.10 -9.47 -11.88
N ASP B 127 -25.24 -9.80 -10.91
CA ASP B 127 -25.03 -8.90 -9.77
C ASP B 127 -24.37 -7.60 -10.23
N GLY B 128 -23.50 -7.68 -11.25
CA GLY B 128 -22.88 -6.48 -11.77
C GLY B 128 -23.88 -5.52 -12.38
N THR B 129 -24.89 -6.04 -13.06
CA THR B 129 -25.97 -5.21 -13.59
C THR B 129 -26.80 -4.60 -12.48
N TRP B 130 -26.92 -5.29 -11.35
CA TRP B 130 -27.72 -4.83 -10.23
C TRP B 130 -27.13 -3.58 -9.59
N LEU B 150 -28.11 -19.42 -5.19
CA LEU B 150 -28.83 -20.54 -5.81
C LEU B 150 -27.91 -21.36 -6.70
N SER B 151 -27.44 -20.74 -7.79
CA SER B 151 -26.60 -21.45 -8.75
C SER B 151 -25.29 -21.92 -8.12
N TYR B 152 -24.77 -21.15 -7.15
CA TYR B 152 -23.57 -21.59 -6.46
C TYR B 152 -23.80 -22.92 -5.72
N PRO B 153 -24.83 -23.07 -4.87
CA PRO B 153 -25.12 -24.40 -4.35
C PRO B 153 -25.47 -25.43 -5.41
N ILE B 154 -26.08 -25.02 -6.53
CA ILE B 154 -26.41 -26.00 -7.56
C ILE B 154 -25.15 -26.66 -8.11
N TYR B 155 -24.15 -25.85 -8.49
CA TYR B 155 -22.96 -26.50 -9.02
C TYR B 155 -22.14 -27.12 -7.91
N ILE B 156 -22.27 -26.64 -6.68
CA ILE B 156 -21.62 -27.33 -5.55
C ILE B 156 -22.13 -28.75 -5.46
N ILE B 157 -23.46 -28.92 -5.48
CA ILE B 157 -24.09 -30.28 -5.37
C ILE B 157 -23.62 -31.13 -6.55
N THR B 158 -23.76 -30.63 -7.78
CA THR B 158 -23.38 -31.41 -9.00
C THR B 158 -21.93 -31.90 -8.86
N GLY B 159 -21.00 -30.99 -8.54
CA GLY B 159 -19.57 -31.34 -8.44
C GLY B 159 -19.31 -32.42 -7.39
N PHE B 160 -19.81 -32.25 -6.17
CA PHE B 160 -19.55 -33.23 -5.07
C PHE B 160 -20.21 -34.57 -5.39
N ALA B 161 -21.42 -34.55 -5.96
CA ALA B 161 -22.11 -35.80 -6.34
C ALA B 161 -21.27 -36.54 -7.37
N ALA B 162 -20.77 -35.84 -8.39
CA ALA B 162 -19.91 -36.44 -9.44
C ALA B 162 -18.60 -36.95 -8.82
N PHE B 163 -18.13 -36.33 -7.73
CA PHE B 163 -16.91 -36.81 -7.04
C PHE B 163 -17.14 -38.24 -6.56
N ILE B 164 -18.14 -38.45 -5.71
CA ILE B 164 -18.49 -39.82 -5.22
C ILE B 164 -18.78 -40.71 -6.43
N TYR B 165 -19.48 -40.16 -7.43
CA TYR B 165 -19.85 -40.92 -8.66
C TYR B 165 -18.62 -41.57 -9.28
N ALA B 166 -17.61 -40.78 -9.65
CA ALA B 166 -16.40 -41.33 -10.32
C ALA B 166 -15.55 -42.12 -9.34
N LYS B 167 -15.48 -41.70 -8.08
CA LYS B 167 -14.65 -42.38 -7.05
C LYS B 167 -15.17 -43.81 -6.80
N THR B 168 -16.47 -44.05 -7.03
CA THR B 168 -17.07 -45.38 -6.73
C THR B 168 -17.28 -46.16 -8.03
N ARG B 169 -17.83 -45.54 -9.06
CA ARG B 169 -18.18 -46.27 -10.31
C ARG B 169 -16.94 -46.47 -11.20
N LEU B 170 -16.18 -45.42 -11.46
CA LEU B 170 -15.03 -45.53 -12.41
C LEU B 170 -13.77 -46.08 -11.72
N PRO B 171 -13.15 -47.16 -12.24
CA PRO B 171 -11.90 -47.69 -11.68
C PRO B 171 -10.67 -46.88 -12.13
N PHE B 172 -9.49 -47.14 -11.55
CA PHE B 172 -8.29 -46.34 -11.85
C PHE B 172 -8.45 -44.90 -11.37
N PHE B 173 -9.66 -44.54 -10.93
CA PHE B 173 -9.89 -43.23 -10.35
C PHE B 173 -10.15 -43.34 -8.85
N ALA B 174 -10.40 -44.55 -8.36
CA ALA B 174 -10.53 -44.84 -6.93
C ALA B 174 -9.15 -45.09 -6.35
N LYS B 175 -9.10 -45.69 -5.16
CA LYS B 175 -7.86 -46.05 -4.46
C LYS B 175 -6.89 -44.86 -4.38
N GLY B 176 -7.47 -43.69 -4.12
CA GLY B 176 -6.70 -42.48 -4.02
C GLY B 176 -7.42 -41.28 -4.59
N ILE B 177 -7.50 -40.20 -3.81
CA ILE B 177 -8.19 -39.00 -4.26
C ILE B 177 -7.32 -38.27 -5.27
N SER B 178 -7.89 -37.96 -6.43
CA SER B 178 -7.16 -37.22 -7.45
C SER B 178 -7.02 -35.77 -7.00
N LEU B 179 -5.79 -35.29 -6.92
CA LEU B 179 -5.52 -33.93 -6.47
C LEU B 179 -6.17 -32.89 -7.39
N PRO B 180 -5.98 -32.94 -8.72
CA PRO B 180 -6.63 -31.94 -9.57
C PRO B 180 -8.14 -31.98 -9.51
N TYR B 181 -8.73 -33.17 -9.42
CA TYR B 181 -10.19 -33.26 -9.44
C TYR B 181 -10.76 -32.80 -8.10
N LEU B 182 -10.04 -33.07 -7.01
CA LEU B 182 -10.41 -32.54 -5.70
C LEU B 182 -10.33 -31.03 -5.69
N VAL B 183 -9.27 -30.45 -6.25
CA VAL B 183 -9.19 -29.00 -6.34
C VAL B 183 -10.35 -28.47 -7.17
N LEU B 184 -10.69 -29.13 -8.28
CA LEU B 184 -11.83 -28.77 -9.09
C LEU B 184 -13.13 -28.74 -8.31
N VAL B 185 -13.41 -29.75 -7.49
CA VAL B 185 -14.67 -29.80 -6.76
C VAL B 185 -14.67 -28.87 -5.54
N VAL B 186 -13.51 -28.52 -5.00
CA VAL B 186 -13.48 -27.70 -3.78
C VAL B 186 -13.40 -26.22 -4.08
N GLY B 187 -12.60 -25.83 -5.07
CA GLY B 187 -12.36 -24.43 -5.37
C GLY B 187 -13.63 -23.66 -5.68
N PRO B 188 -14.29 -23.99 -6.79
CA PRO B 188 -15.57 -23.32 -7.08
C PRO B 188 -16.61 -23.52 -6.00
N PHE B 189 -16.53 -24.60 -5.24
CA PHE B 189 -17.42 -24.79 -4.10
C PHE B 189 -17.27 -23.70 -3.06
N MET B 190 -16.04 -23.42 -2.62
CA MET B 190 -15.86 -22.50 -1.51
C MET B 190 -15.92 -21.04 -1.96
N ILE B 191 -15.91 -20.78 -3.27
CA ILE B 191 -16.20 -19.46 -3.79
C ILE B 191 -17.52 -18.93 -3.23
N GLY B 218 -11.26 -12.10 -3.49
CA GLY B 218 -11.14 -13.49 -3.08
C GLY B 218 -11.63 -14.46 -4.13
N PHE B 219 -12.63 -14.04 -4.91
CA PHE B 219 -13.14 -14.88 -5.98
C PHE B 219 -12.10 -15.07 -7.09
N VAL B 220 -11.24 -14.06 -7.29
CA VAL B 220 -10.23 -14.13 -8.34
C VAL B 220 -9.24 -15.26 -8.05
N ILE B 221 -8.80 -15.37 -6.79
CA ILE B 221 -7.90 -16.44 -6.41
C ILE B 221 -8.59 -17.79 -6.58
N PHE B 222 -9.86 -17.85 -6.19
CA PHE B 222 -10.61 -19.09 -6.11
C PHE B 222 -11.26 -19.49 -7.43
N GLY B 223 -11.48 -18.53 -8.34
CA GLY B 223 -11.86 -18.89 -9.69
C GLY B 223 -10.73 -19.52 -10.47
N TRP B 224 -9.49 -19.29 -10.05
CA TRP B 224 -8.35 -19.91 -10.69
C TRP B 224 -8.36 -21.43 -10.51
N LEU B 225 -8.93 -21.90 -9.39
CA LEU B 225 -8.92 -23.33 -9.10
C LEU B 225 -9.77 -24.12 -10.09
N ALA B 226 -10.65 -23.46 -10.83
CA ALA B 226 -11.41 -24.15 -11.86
C ALA B 226 -10.54 -24.58 -13.04
N LEU B 227 -9.30 -24.09 -13.12
CA LEU B 227 -8.37 -24.55 -14.14
C LEU B 227 -7.95 -26.00 -13.94
N ALA B 228 -8.21 -26.58 -12.78
CA ALA B 228 -7.91 -27.99 -12.54
C ALA B 228 -8.72 -28.92 -13.43
N VAL B 229 -9.69 -28.37 -14.18
CA VAL B 229 -10.46 -29.17 -15.13
C VAL B 229 -9.54 -29.78 -16.17
N MET B 230 -8.41 -29.15 -16.45
CA MET B 230 -7.48 -29.67 -17.45
C MET B 230 -6.85 -30.99 -16.99
N GLY B 231 -6.30 -31.00 -15.77
CA GLY B 231 -5.78 -32.24 -15.21
C GLY B 231 -6.87 -33.27 -15.00
N THR B 232 -8.05 -32.82 -14.56
CA THR B 232 -9.19 -33.72 -14.46
C THR B 232 -9.50 -34.38 -15.79
N LEU B 233 -9.49 -33.61 -16.87
CA LEU B 233 -9.89 -34.15 -18.16
C LEU B 233 -8.83 -35.11 -18.69
N THR B 234 -7.55 -34.81 -18.46
CA THR B 234 -6.54 -35.76 -18.91
C THR B 234 -6.56 -37.04 -18.08
N GLN B 235 -6.86 -36.94 -16.79
CA GLN B 235 -7.04 -38.14 -15.98
C GLN B 235 -8.24 -38.96 -16.47
N THR B 236 -9.33 -38.28 -16.81
CA THR B 236 -10.50 -38.98 -17.33
C THR B 236 -10.20 -39.58 -18.71
N PHE B 237 -9.31 -38.95 -19.47
CA PHE B 237 -8.86 -39.52 -20.73
C PHE B 237 -8.07 -40.81 -20.50
N TYR B 238 -7.19 -40.81 -19.51
CA TYR B 238 -6.47 -42.04 -19.16
C TYR B 238 -7.43 -43.12 -18.70
N SER B 239 -8.49 -42.73 -17.98
CA SER B 239 -9.55 -43.68 -17.65
C SER B 239 -10.25 -44.20 -18.90
N PHE B 240 -10.48 -43.32 -19.88
CA PHE B 240 -11.05 -43.73 -21.16
C PHE B 240 -10.18 -44.80 -21.80
N ALA B 241 -8.88 -44.57 -21.88
CA ALA B 241 -7.95 -45.48 -22.56
C ALA B 241 -7.37 -46.50 -21.59
N GLN B 242 -8.25 -47.19 -20.86
CA GLN B 242 -7.81 -48.28 -19.98
C GLN B 242 -8.08 -49.63 -20.64
N GLY B 243 -9.34 -49.91 -20.95
CA GLY B 243 -9.70 -51.15 -21.61
C GLY B 243 -10.08 -50.93 -23.06
N GLY B 244 -10.77 -49.82 -23.33
CA GLY B 244 -11.19 -49.50 -24.68
C GLY B 244 -10.28 -48.51 -25.36
N LEU B 245 -8.97 -48.62 -25.10
CA LEU B 245 -8.00 -47.72 -25.72
C LEU B 245 -7.89 -47.93 -27.22
N GLY B 246 -8.00 -49.17 -27.69
CA GLY B 246 -7.89 -49.46 -29.10
C GLY B 246 -8.70 -50.69 -29.46
N GLN B 247 -8.58 -51.11 -30.72
CA GLN B 247 -7.62 -50.49 -31.63
C GLN B 247 -8.29 -49.65 -32.70
N SER B 248 -7.44 -48.85 -33.37
CA SER B 248 -7.75 -47.64 -34.12
C SER B 248 -6.75 -46.59 -33.67
N LEU B 249 -6.95 -46.08 -32.46
CA LEU B 249 -5.97 -45.24 -31.80
C LEU B 249 -4.65 -45.99 -31.66
N CYS B 250 -3.56 -45.32 -32.01
CA CYS B 250 -2.21 -45.90 -32.02
C CYS B 250 -2.13 -47.08 -33.00
N GLU B 251 -2.98 -47.05 -34.02
CA GLU B 251 -2.98 -48.05 -35.08
C GLU B 251 -3.90 -47.64 -36.23
N ALA C 7 -14.85 -54.71 -23.92
CA ALA C 7 -13.95 -53.80 -24.63
C ALA C 7 -14.71 -53.02 -25.70
N VAL C 8 -14.01 -52.67 -26.77
CA VAL C 8 -14.60 -51.97 -27.89
C VAL C 8 -14.59 -52.91 -29.09
N ARG C 9 -15.65 -52.86 -29.89
CA ARG C 9 -15.89 -53.89 -30.90
C ARG C 9 -14.93 -53.82 -32.08
N SER C 10 -14.98 -52.74 -32.85
CA SER C 10 -14.23 -52.66 -34.10
C SER C 10 -13.62 -51.26 -34.28
N HIS C 11 -12.97 -51.06 -35.43
CA HIS C 11 -12.23 -49.84 -35.68
C HIS C 11 -13.13 -48.63 -35.86
N ALA C 12 -14.17 -48.75 -36.69
CA ALA C 12 -14.95 -47.58 -37.08
C ALA C 12 -15.78 -47.05 -35.91
N GLU C 13 -16.46 -47.95 -35.21
CA GLU C 13 -17.26 -47.53 -34.07
C GLU C 13 -16.38 -47.02 -32.93
N ALA C 14 -15.14 -47.51 -32.86
CA ALA C 14 -14.17 -46.91 -31.93
C ALA C 14 -13.90 -45.46 -32.30
N VAL C 15 -13.78 -45.18 -33.60
CA VAL C 15 -13.59 -43.80 -34.05
C VAL C 15 -14.82 -42.96 -33.71
N GLN C 16 -16.01 -43.55 -33.84
CA GLN C 16 -17.24 -42.83 -33.48
C GLN C 16 -17.26 -42.50 -31.99
N VAL C 17 -16.84 -43.46 -31.16
CA VAL C 17 -16.76 -43.24 -29.72
C VAL C 17 -15.76 -42.13 -29.42
N SER C 18 -14.62 -42.14 -30.10
CA SER C 18 -13.61 -41.10 -29.90
C SER C 18 -14.16 -39.74 -30.31
N ARG C 19 -14.95 -39.68 -31.39
CA ARG C 19 -15.54 -38.42 -31.82
C ARG C 19 -16.54 -37.90 -30.80
N THR C 20 -17.36 -38.81 -30.24
CA THR C 20 -18.31 -38.40 -29.21
C THR C 20 -17.58 -37.86 -27.97
N ILE C 21 -16.50 -38.55 -27.57
CA ILE C 21 -15.68 -38.06 -26.47
C ILE C 21 -15.09 -36.70 -26.80
N ASP C 22 -14.65 -36.52 -28.06
CA ASP C 22 -14.10 -35.23 -28.47
C ASP C 22 -15.11 -34.12 -28.28
N TRP C 23 -16.34 -34.34 -28.76
CA TRP C 23 -17.36 -33.31 -28.64
C TRP C 23 -17.70 -33.02 -27.19
N MET C 24 -17.85 -34.06 -26.37
CA MET C 24 -18.20 -33.84 -24.96
C MET C 24 -17.09 -33.13 -24.21
N ALA C 25 -15.83 -33.51 -24.47
CA ALA C 25 -14.71 -32.85 -23.81
C ALA C 25 -14.60 -31.39 -24.25
N LEU C 26 -14.81 -31.12 -25.54
CA LEU C 26 -14.83 -29.74 -26.00
C LEU C 26 -15.91 -28.95 -25.28
N PHE C 27 -17.10 -29.53 -25.14
CA PHE C 27 -18.19 -28.86 -24.43
C PHE C 27 -17.78 -28.53 -22.99
N VAL C 28 -17.28 -29.53 -22.25
CA VAL C 28 -17.00 -29.32 -20.84
C VAL C 28 -15.87 -28.32 -20.64
N VAL C 29 -14.78 -28.46 -21.42
CA VAL C 29 -13.69 -27.50 -21.30
C VAL C 29 -14.15 -26.10 -21.65
N PHE C 30 -14.91 -25.96 -22.73
CA PHE C 30 -15.33 -24.63 -23.16
C PHE C 30 -16.15 -23.96 -22.06
N PHE C 31 -17.13 -24.67 -21.49
CA PHE C 31 -17.96 -24.02 -20.49
C PHE C 31 -17.25 -23.78 -19.16
N VAL C 32 -16.39 -24.71 -18.73
CA VAL C 32 -15.64 -24.44 -17.50
C VAL C 32 -14.72 -23.24 -17.67
N ILE C 33 -14.04 -23.14 -18.81
CA ILE C 33 -13.21 -21.97 -19.07
C ILE C 33 -14.05 -20.71 -19.13
N VAL C 34 -15.22 -20.77 -19.75
CA VAL C 34 -16.10 -19.60 -19.76
C VAL C 34 -16.39 -19.13 -18.35
N GLY C 35 -16.83 -20.05 -17.49
CA GLY C 35 -17.16 -19.67 -16.13
C GLY C 35 -15.99 -19.06 -15.38
N SER C 36 -14.87 -19.78 -15.36
CA SER C 36 -13.73 -19.33 -14.55
C SER C 36 -13.13 -18.04 -15.09
N TYR C 37 -12.88 -18.00 -16.41
CA TYR C 37 -12.27 -16.83 -17.02
C TYR C 37 -13.20 -15.63 -16.94
N HIS C 38 -14.52 -15.87 -16.97
CA HIS C 38 -15.48 -14.79 -16.83
C HIS C 38 -15.43 -14.21 -15.42
N ILE C 39 -15.34 -15.09 -14.41
CA ILE C 39 -15.16 -14.63 -13.03
C ILE C 39 -13.92 -13.76 -12.91
N HIS C 40 -12.80 -14.25 -13.43
CA HIS C 40 -11.53 -13.55 -13.27
C HIS C 40 -11.57 -12.19 -13.97
N ALA C 41 -12.09 -12.15 -15.19
CA ALA C 41 -12.17 -10.89 -15.92
C ALA C 41 -13.13 -9.92 -15.24
N MET C 42 -14.22 -10.44 -14.67
CA MET C 42 -15.18 -9.58 -13.98
C MET C 42 -14.60 -8.94 -12.74
N LEU C 43 -13.86 -9.70 -11.93
CA LEU C 43 -13.36 -9.17 -10.68
C LEU C 43 -11.92 -8.67 -10.77
N THR C 44 -11.35 -8.60 -11.97
CA THR C 44 -10.10 -7.88 -12.17
C THR C 44 -10.18 -6.75 -13.18
N MET C 45 -11.06 -6.84 -14.18
CA MET C 45 -11.06 -5.84 -15.24
C MET C 45 -12.45 -5.37 -15.64
N GLY C 46 -13.52 -6.01 -15.16
CA GLY C 46 -14.84 -5.81 -15.74
C GLY C 46 -15.32 -4.36 -15.69
N ASP C 47 -14.79 -3.57 -14.76
CA ASP C 47 -15.22 -2.19 -14.64
C ASP C 47 -14.93 -1.40 -15.90
N TRP C 48 -13.75 -1.60 -16.49
CA TRP C 48 -13.41 -0.88 -17.71
C TRP C 48 -14.15 -1.42 -18.92
N ASP C 49 -14.46 -2.71 -18.94
CA ASP C 49 -15.13 -3.31 -20.09
C ASP C 49 -16.62 -3.00 -20.15
N PHE C 50 -17.18 -2.43 -19.09
CA PHE C 50 -18.62 -2.20 -19.03
C PHE C 50 -19.07 -1.02 -19.89
N TRP C 51 -18.33 0.08 -19.89
CA TRP C 51 -18.84 1.35 -20.38
C TRP C 51 -17.91 1.96 -21.42
N SER C 52 -18.52 2.56 -22.46
CA SER C 52 -17.73 3.20 -23.51
C SER C 52 -16.94 4.38 -22.96
N ASP C 53 -17.55 5.19 -22.10
CA ASP C 53 -16.83 6.30 -21.48
C ASP C 53 -15.74 5.81 -20.52
N TRP C 54 -15.88 4.60 -20.00
CA TRP C 54 -14.84 3.95 -19.20
C TRP C 54 -13.70 3.40 -20.06
N LYS C 55 -13.97 3.08 -21.33
CA LYS C 55 -12.92 2.60 -22.23
C LYS C 55 -12.02 3.77 -22.60
N ASP C 56 -11.11 4.11 -21.69
CA ASP C 56 -10.16 5.18 -21.94
C ASP C 56 -8.98 4.63 -22.74
N ARG C 57 -7.92 5.42 -22.88
CA ARG C 57 -6.76 4.99 -23.65
C ARG C 57 -5.53 4.70 -22.80
N ARG C 58 -5.49 5.16 -21.55
CA ARG C 58 -4.38 4.86 -20.65
C ARG C 58 -4.67 3.65 -19.76
N LEU C 59 -5.68 3.76 -18.90
CA LEU C 59 -5.90 2.72 -17.89
C LEU C 59 -6.48 1.45 -18.52
N TRP C 60 -7.46 1.59 -19.40
CA TRP C 60 -8.06 0.41 -20.02
C TRP C 60 -7.02 -0.38 -20.81
N VAL C 61 -6.26 0.32 -21.66
CA VAL C 61 -5.23 -0.32 -22.46
C VAL C 61 -4.15 -0.92 -21.57
N THR C 62 -3.76 -0.23 -20.51
CA THR C 62 -2.74 -0.76 -19.62
C THR C 62 -3.21 -2.03 -18.92
N VAL C 63 -4.42 -2.01 -18.37
CA VAL C 63 -4.85 -3.06 -17.46
C VAL C 63 -5.38 -4.29 -18.17
N THR C 64 -6.22 -4.13 -19.21
CA THR C 64 -6.96 -5.28 -19.73
C THR C 64 -6.06 -6.43 -20.20
N PRO C 65 -5.05 -6.21 -21.05
CA PRO C 65 -4.21 -7.37 -21.43
C PRO C 65 -3.51 -8.03 -20.26
N ILE C 66 -3.06 -7.23 -19.28
CA ILE C 66 -2.31 -7.78 -18.16
C ILE C 66 -3.12 -8.82 -17.41
N VAL C 67 -4.39 -8.50 -17.10
CA VAL C 67 -5.24 -9.41 -16.34
C VAL C 67 -6.08 -10.31 -17.23
N LEU C 68 -5.95 -10.19 -18.55
CA LEU C 68 -6.69 -11.06 -19.46
C LEU C 68 -5.80 -12.11 -20.12
N VAL C 69 -4.47 -11.99 -20.04
CA VAL C 69 -3.59 -13.05 -20.53
C VAL C 69 -3.43 -14.19 -19.54
N THR C 70 -4.07 -14.11 -18.37
CA THR C 70 -3.85 -15.13 -17.34
C THR C 70 -4.31 -16.50 -17.79
N PHE C 71 -5.62 -16.65 -18.02
CA PHE C 71 -6.17 -17.96 -18.37
C PHE C 71 -5.69 -18.47 -19.71
N PRO C 72 -5.62 -17.67 -20.78
CA PRO C 72 -5.06 -18.20 -22.03
C PRO C 72 -3.68 -18.79 -21.88
N ALA C 73 -2.84 -18.21 -21.02
CA ALA C 73 -1.51 -18.76 -20.81
C ALA C 73 -1.58 -20.20 -20.29
N ALA C 74 -2.35 -20.41 -19.21
CA ALA C 74 -2.44 -21.75 -18.63
C ALA C 74 -3.08 -22.73 -19.59
N VAL C 75 -4.17 -22.32 -20.25
CA VAL C 75 -4.87 -23.24 -21.14
C VAL C 75 -3.99 -23.60 -22.33
N GLN C 76 -3.22 -22.64 -22.84
CA GLN C 76 -2.28 -22.95 -23.92
C GLN C 76 -1.21 -23.92 -23.43
N SER C 77 -0.61 -23.62 -22.26
CA SER C 77 0.45 -24.47 -21.74
C SER C 77 -0.02 -25.90 -21.52
N TYR C 78 -1.29 -26.09 -21.21
CA TYR C 78 -1.81 -27.45 -21.06
C TYR C 78 -2.14 -28.08 -22.41
N LEU C 79 -2.95 -27.39 -23.21
CA LEU C 79 -3.46 -27.99 -24.44
C LEU C 79 -2.35 -28.30 -25.42
N TRP C 80 -1.42 -27.35 -25.62
CA TRP C 80 -0.30 -27.62 -26.52
C TRP C 80 0.53 -28.80 -26.05
N GLU C 81 0.96 -28.76 -24.78
CA GLU C 81 1.84 -29.81 -24.27
C GLU C 81 1.17 -31.18 -24.27
N ARG C 82 -0.16 -31.23 -24.16
CA ARG C 82 -0.82 -32.52 -24.00
C ARG C 82 -1.49 -33.05 -25.26
N TYR C 83 -1.81 -32.20 -26.24
CA TYR C 83 -2.45 -32.68 -27.46
C TYR C 83 -1.98 -32.01 -28.74
N ARG C 84 -1.01 -31.10 -28.70
CA ARG C 84 -0.63 -30.30 -29.86
C ARG C 84 -1.84 -29.57 -30.43
N LEU C 85 -2.63 -28.96 -29.53
CA LEU C 85 -3.79 -28.15 -29.91
C LEU C 85 -3.48 -26.68 -29.69
N PRO C 86 -3.22 -25.90 -30.73
CA PRO C 86 -2.89 -24.49 -30.59
C PRO C 86 -4.09 -23.54 -30.67
N TRP C 87 -5.10 -23.80 -29.84
CA TRP C 87 -6.23 -22.87 -29.80
C TRP C 87 -6.77 -22.66 -28.39
N GLY C 88 -5.92 -22.85 -27.37
CA GLY C 88 -6.38 -22.60 -26.00
C GLY C 88 -6.74 -21.15 -25.77
N ALA C 89 -5.83 -20.24 -26.17
CA ALA C 89 -6.12 -18.80 -26.03
C ALA C 89 -7.40 -18.48 -26.82
N THR C 90 -7.55 -19.06 -28.02
CA THR C 90 -8.75 -18.83 -28.85
C THR C 90 -10.00 -19.25 -28.06
N VAL C 91 -10.08 -20.51 -27.62
CA VAL C 91 -11.30 -21.00 -26.91
C VAL C 91 -11.55 -20.17 -25.66
N CYS C 92 -10.50 -19.63 -25.02
CA CYS C 92 -10.72 -18.80 -23.84
C CYS C 92 -11.36 -17.47 -24.25
N VAL C 93 -10.80 -16.80 -25.26
CA VAL C 93 -11.31 -15.50 -25.67
C VAL C 93 -12.71 -15.63 -26.25
N LEU C 94 -12.95 -16.65 -27.09
CA LEU C 94 -14.28 -16.82 -27.66
C LEU C 94 -15.31 -17.09 -26.58
N GLY C 95 -14.98 -17.92 -25.58
CA GLY C 95 -15.92 -18.17 -24.51
C GLY C 95 -16.20 -16.94 -23.67
N LEU C 96 -15.17 -16.17 -23.34
CA LEU C 96 -15.38 -14.93 -22.60
C LEU C 96 -16.26 -13.97 -23.38
N LEU C 97 -16.00 -13.81 -24.68
CA LEU C 97 -16.80 -12.91 -25.49
C LEU C 97 -18.23 -13.41 -25.61
N LEU C 98 -18.41 -14.73 -25.71
CA LEU C 98 -19.76 -15.29 -25.78
C LEU C 98 -20.55 -14.97 -24.51
N GLY C 99 -19.96 -15.26 -23.35
CA GLY C 99 -20.65 -14.95 -22.10
C GLY C 99 -20.93 -13.46 -21.96
N GLU C 100 -19.94 -12.63 -22.29
CA GLU C 100 -20.10 -11.19 -22.19
C GLU C 100 -21.23 -10.71 -23.07
N TRP C 101 -21.29 -11.19 -24.32
CA TRP C 101 -22.31 -10.72 -25.24
C TRP C 101 -23.70 -11.23 -24.87
N ILE C 102 -23.82 -12.50 -24.48
CA ILE C 102 -25.10 -13.00 -24.02
C ILE C 102 -25.62 -12.16 -22.88
N ASN C 103 -24.76 -11.84 -21.91
CA ASN C 103 -25.23 -11.03 -20.80
C ASN C 103 -25.55 -9.60 -21.24
N ARG C 104 -24.71 -8.99 -22.08
CA ARG C 104 -24.99 -7.64 -22.55
C ARG C 104 -26.36 -7.56 -23.22
N TYR C 105 -26.73 -8.59 -23.98
CA TYR C 105 -27.97 -8.54 -24.73
C TYR C 105 -29.17 -9.01 -23.90
N PHE C 106 -28.94 -9.80 -22.85
CA PHE C 106 -30.06 -10.36 -22.11
C PHE C 106 -30.37 -9.60 -20.82
N ASN C 107 -29.36 -9.02 -20.17
CA ASN C 107 -29.55 -8.35 -18.88
C ASN C 107 -29.22 -6.87 -18.95
N PHE C 108 -28.07 -6.50 -19.53
CA PHE C 108 -27.74 -5.09 -19.68
C PHE C 108 -28.73 -4.39 -20.59
N TRP C 109 -29.25 -5.11 -21.59
CA TRP C 109 -30.21 -4.56 -22.52
C TRP C 109 -31.61 -5.16 -22.35
N GLY C 110 -31.73 -6.34 -21.76
CA GLY C 110 -33.03 -6.95 -21.54
C GLY C 110 -33.69 -6.54 -20.24
N TRP C 111 -33.00 -6.78 -19.12
CA TRP C 111 -33.54 -6.41 -17.81
C TRP C 111 -33.48 -4.90 -17.65
N THR C 112 -32.27 -4.35 -17.69
CA THR C 112 -32.10 -2.91 -17.83
C THR C 112 -32.23 -2.53 -19.31
N TYR C 113 -31.95 -1.27 -19.62
CA TYR C 113 -32.03 -0.84 -21.00
C TYR C 113 -30.85 0.05 -21.39
N PHE C 114 -29.65 -0.36 -20.99
CA PHE C 114 -28.44 0.30 -21.44
C PHE C 114 -28.19 -0.02 -22.91
N PRO C 115 -27.88 0.97 -23.74
CA PRO C 115 -27.69 0.69 -25.17
C PRO C 115 -26.49 -0.19 -25.43
N ILE C 116 -26.60 -1.00 -26.49
CA ILE C 116 -25.52 -1.93 -26.85
C ILE C 116 -24.27 -1.16 -27.24
N ASN C 117 -24.43 -0.09 -28.02
CA ASN C 117 -23.28 0.72 -28.38
C ASN C 117 -22.66 1.42 -27.17
N PHE C 118 -23.36 1.44 -26.04
CA PHE C 118 -22.82 1.98 -24.81
C PHE C 118 -22.18 0.92 -23.93
N VAL C 119 -22.64 -0.33 -23.99
CA VAL C 119 -22.12 -1.37 -23.11
C VAL C 119 -21.46 -2.50 -23.89
N PHE C 120 -20.97 -2.22 -25.10
CA PHE C 120 -20.31 -3.26 -25.88
C PHE C 120 -19.01 -3.69 -25.19
N PRO C 121 -18.66 -4.97 -25.28
CA PRO C 121 -17.42 -5.46 -24.67
C PRO C 121 -16.23 -5.22 -25.60
N ALA C 122 -15.05 -5.54 -25.08
CA ALA C 122 -13.81 -5.36 -25.82
C ALA C 122 -13.50 -6.59 -26.66
N SER C 123 -12.73 -6.37 -27.73
CA SER C 123 -12.36 -7.44 -28.66
C SER C 123 -10.94 -7.92 -28.38
N LEU C 124 -10.78 -9.25 -28.31
CA LEU C 124 -9.49 -9.85 -28.00
C LEU C 124 -9.14 -10.99 -28.95
N VAL C 125 -9.98 -11.26 -29.95
CA VAL C 125 -9.71 -12.34 -30.90
C VAL C 125 -8.39 -12.16 -31.62
N PRO C 126 -8.02 -10.95 -32.10
CA PRO C 126 -6.67 -10.81 -32.69
C PRO C 126 -5.55 -11.18 -31.75
N GLY C 127 -5.66 -10.81 -30.47
CA GLY C 127 -4.64 -11.19 -29.52
C GLY C 127 -4.56 -12.68 -29.33
N ALA C 128 -5.71 -13.35 -29.22
CA ALA C 128 -5.72 -14.80 -29.10
C ALA C 128 -5.11 -15.46 -30.33
N ILE C 129 -5.44 -14.97 -31.52
CA ILE C 129 -4.93 -15.56 -32.75
C ILE C 129 -3.42 -15.42 -32.82
N ILE C 130 -2.91 -14.22 -32.49
CA ILE C 130 -1.46 -14.02 -32.50
C ILE C 130 -0.80 -14.94 -31.49
N LEU C 131 -1.35 -14.98 -30.28
CA LEU C 131 -0.74 -15.80 -29.20
C LEU C 131 -0.72 -17.27 -29.63
N ASP C 132 -1.74 -17.73 -30.36
CA ASP C 132 -1.83 -19.17 -30.74
C ASP C 132 -0.89 -19.50 -31.90
N THR C 133 -0.76 -18.59 -32.87
CA THR C 133 0.16 -18.82 -34.02
C THR C 133 1.60 -18.77 -33.51
N VAL C 134 2.00 -17.67 -32.84
CA VAL C 134 3.37 -17.55 -32.27
C VAL C 134 3.64 -18.72 -31.33
N LEU C 135 2.59 -19.35 -30.79
CA LEU C 135 2.87 -20.53 -29.97
C LEU C 135 3.20 -21.74 -30.84
N MET C 136 2.28 -22.14 -31.72
CA MET C 136 2.49 -23.38 -32.46
C MET C 136 3.67 -23.25 -33.42
N LEU C 137 3.69 -22.18 -34.20
CA LEU C 137 4.88 -21.86 -34.97
C LEU C 137 6.00 -21.51 -34.01
N SER C 138 7.18 -22.11 -34.20
CA SER C 138 8.27 -21.94 -33.25
C SER C 138 7.82 -22.37 -31.86
N GLY C 139 7.54 -23.66 -31.70
CA GLY C 139 6.85 -24.15 -30.51
C GLY C 139 7.52 -23.78 -29.20
N SER C 140 8.68 -23.12 -29.26
CA SER C 140 9.36 -22.66 -28.06
C SER C 140 8.44 -21.82 -27.19
N TYR C 141 8.20 -22.31 -25.97
CA TYR C 141 7.35 -21.57 -25.04
C TYR C 141 7.96 -20.23 -24.65
N LEU C 142 9.28 -20.17 -24.50
CA LEU C 142 9.92 -18.88 -24.21
C LEU C 142 9.74 -17.91 -25.35
N PHE C 143 9.91 -18.38 -26.59
CA PHE C 143 9.67 -17.51 -27.75
C PHE C 143 8.22 -17.05 -27.78
N THR C 144 7.29 -17.94 -27.42
CA THR C 144 5.89 -17.54 -27.33
C THR C 144 5.71 -16.44 -26.31
N ALA C 145 6.18 -16.66 -25.08
CA ALA C 145 6.01 -15.68 -24.01
C ALA C 145 6.69 -14.36 -24.35
N ILE C 146 7.69 -14.37 -25.20
CA ILE C 146 8.38 -13.13 -25.57
C ILE C 146 7.66 -12.41 -26.71
N VAL C 147 7.27 -13.11 -27.76
CA VAL C 147 6.78 -12.47 -28.98
C VAL C 147 5.25 -12.38 -28.98
N GLY C 148 4.58 -13.50 -28.71
CA GLY C 148 3.13 -13.50 -28.74
C GLY C 148 2.53 -12.62 -27.66
N ALA C 149 3.15 -12.58 -26.48
CA ALA C 149 2.67 -11.68 -25.44
C ALA C 149 2.82 -10.22 -25.85
N MET C 150 3.95 -9.88 -26.48
CA MET C 150 4.12 -8.52 -26.99
C MET C 150 3.05 -8.20 -28.03
N GLY C 151 2.77 -9.15 -28.92
CA GLY C 151 1.72 -8.94 -29.92
C GLY C 151 0.36 -8.74 -29.28
N TRP C 152 0.04 -9.56 -28.28
CA TRP C 152 -1.23 -9.44 -27.56
C TRP C 152 -1.35 -8.06 -26.92
N GLY C 153 -0.29 -7.61 -26.26
CA GLY C 153 -0.34 -6.30 -25.62
C GLY C 153 -0.43 -5.17 -26.62
N LEU C 154 0.31 -5.27 -27.73
CA LEU C 154 0.39 -4.16 -28.67
C LEU C 154 -0.86 -4.04 -29.53
N ILE C 155 -1.46 -5.15 -29.94
CA ILE C 155 -2.56 -5.10 -30.89
C ILE C 155 -3.91 -4.91 -30.23
N PHE C 156 -3.96 -4.81 -28.90
CA PHE C 156 -5.24 -4.68 -28.21
C PHE C 156 -5.94 -3.38 -28.62
N TYR C 157 -5.32 -2.24 -28.34
CA TYR C 157 -5.95 -0.96 -28.68
C TYR C 157 -6.17 -0.78 -30.18
N PRO C 158 -5.21 -1.03 -31.07
CA PRO C 158 -5.53 -0.95 -32.50
C PRO C 158 -6.60 -1.95 -32.92
N GLY C 159 -6.72 -3.07 -32.20
CA GLY C 159 -7.80 -4.00 -32.50
C GLY C 159 -9.17 -3.44 -32.22
N ASN C 160 -9.31 -2.69 -31.13
CA ASN C 160 -10.58 -2.07 -30.77
C ASN C 160 -10.77 -0.69 -31.37
N TRP C 161 -9.75 -0.16 -32.05
CA TRP C 161 -9.88 1.15 -32.68
C TRP C 161 -11.01 1.22 -33.70
N PRO C 162 -11.23 0.23 -34.58
CA PRO C 162 -12.36 0.34 -35.51
C PRO C 162 -13.70 0.45 -34.81
N ILE C 163 -13.84 -0.10 -33.61
CA ILE C 163 -15.12 -0.06 -32.91
C ILE C 163 -15.31 1.26 -32.18
N ILE C 164 -14.27 1.71 -31.46
CA ILE C 164 -14.42 2.89 -30.61
C ILE C 164 -14.10 4.20 -31.32
N ALA C 165 -13.54 4.16 -32.51
CA ALA C 165 -13.19 5.37 -33.25
C ALA C 165 -14.40 6.26 -33.51
N PRO C 166 -15.55 5.72 -33.94
CA PRO C 166 -16.73 6.59 -34.14
C PRO C 166 -17.22 7.23 -32.86
N LEU C 167 -16.86 6.71 -31.70
CA LEU C 167 -17.31 7.24 -30.41
C LEU C 167 -16.39 8.32 -29.88
N HIS C 168 -15.38 8.73 -30.64
CA HIS C 168 -14.45 9.77 -30.21
C HIS C 168 -14.60 11.05 -31.02
N VAL C 169 -15.71 11.22 -31.70
CA VAL C 169 -15.95 12.44 -32.48
C VAL C 169 -16.24 13.59 -31.52
N PRO C 170 -15.49 14.70 -31.60
CA PRO C 170 -15.74 15.81 -30.68
C PRO C 170 -17.13 16.41 -30.86
N VAL C 171 -17.74 16.79 -29.74
CA VAL C 171 -19.05 17.41 -29.74
C VAL C 171 -19.06 18.55 -28.73
N GLU C 172 -19.65 19.67 -29.11
CA GLU C 172 -19.87 20.79 -28.19
C GLU C 172 -21.21 20.56 -27.50
N TYR C 173 -21.18 20.15 -26.24
CA TYR C 173 -22.38 19.82 -25.47
C TYR C 173 -22.57 20.88 -24.40
N ASN C 174 -23.46 21.83 -24.66
CA ASN C 174 -23.83 22.86 -23.69
C ASN C 174 -22.61 23.63 -23.18
N GLY C 175 -21.73 24.02 -24.11
CA GLY C 175 -20.60 24.86 -23.78
C GLY C 175 -19.35 24.11 -23.37
N MET C 176 -19.39 22.79 -23.26
CA MET C 176 -18.23 22.00 -22.91
C MET C 176 -17.96 20.95 -24.00
N LEU C 177 -16.69 20.78 -24.34
CA LEU C 177 -16.29 19.79 -25.33
C LEU C 177 -16.46 18.39 -24.74
N MET C 178 -17.13 17.52 -25.47
CA MET C 178 -17.38 16.15 -25.02
C MET C 178 -17.20 15.20 -26.18
N SER C 179 -16.87 13.96 -25.86
CA SER C 179 -16.84 12.90 -26.86
C SER C 179 -18.18 12.19 -26.90
N ILE C 180 -18.39 11.38 -27.94
CA ILE C 180 -19.62 10.63 -28.06
C ILE C 180 -19.77 9.66 -26.89
N ALA C 181 -18.67 8.99 -26.51
CA ALA C 181 -18.72 8.11 -25.36
C ALA C 181 -19.03 8.88 -24.08
N ASP C 182 -18.42 10.07 -23.93
CA ASP C 182 -18.69 10.89 -22.76
C ASP C 182 -20.15 11.34 -22.74
N ILE C 183 -20.70 11.70 -23.89
CA ILE C 183 -22.11 12.09 -23.94
C ILE C 183 -23.01 10.91 -23.60
N GLN C 184 -22.68 9.72 -24.08
CA GLN C 184 -23.48 8.54 -23.76
C GLN C 184 -23.45 8.27 -22.27
N GLY C 185 -22.27 8.35 -21.65
CA GLY C 185 -22.18 8.16 -20.22
C GLY C 185 -22.90 9.22 -19.42
N TYR C 186 -22.86 10.46 -19.90
CA TYR C 186 -23.56 11.54 -19.22
C TYR C 186 -25.07 11.36 -19.32
N ASN C 187 -25.57 10.95 -20.47
CA ASN C 187 -27.01 10.80 -20.70
C ASN C 187 -27.56 9.57 -19.98
N TYR C 188 -27.06 8.38 -20.34
CA TYR C 188 -27.55 7.17 -19.70
C TYR C 188 -26.93 7.03 -18.33
N VAL C 189 -27.74 7.16 -17.28
CA VAL C 189 -27.22 7.23 -15.91
C VAL C 189 -26.83 5.84 -15.43
N ARG C 190 -25.80 5.78 -14.59
CA ARG C 190 -25.37 4.56 -13.93
C ARG C 190 -25.38 4.84 -12.43
N THR C 191 -26.38 4.30 -11.74
CA THR C 191 -26.53 4.61 -10.32
C THR C 191 -25.33 4.15 -9.51
N GLY C 192 -24.84 2.95 -9.78
CA GLY C 192 -23.73 2.40 -9.02
C GLY C 192 -22.35 2.80 -9.50
N THR C 193 -22.23 3.47 -10.64
CA THR C 193 -20.93 3.80 -11.22
C THR C 193 -20.87 5.29 -11.56
N PRO C 194 -20.62 6.14 -10.57
CA PRO C 194 -20.48 7.57 -10.85
C PRO C 194 -19.20 7.89 -11.62
N GLU C 195 -19.09 9.16 -12.00
CA GLU C 195 -18.01 9.59 -12.88
C GLU C 195 -16.65 9.55 -12.20
N TYR C 196 -16.59 9.86 -10.90
CA TYR C 196 -15.29 9.92 -10.24
C TYR C 196 -14.62 8.55 -10.16
N ILE C 197 -15.40 7.46 -10.18
CA ILE C 197 -14.79 6.14 -10.16
C ILE C 197 -14.00 5.87 -11.44
N ARG C 198 -14.27 6.60 -12.53
CA ARG C 198 -13.59 6.28 -13.78
C ARG C 198 -12.09 6.53 -13.67
N MET C 199 -11.35 5.46 -13.45
CA MET C 199 -9.89 5.49 -13.54
C MET C 199 -9.55 5.59 -15.01
N VAL C 200 -9.51 6.81 -15.52
CA VAL C 200 -9.24 7.10 -16.92
C VAL C 200 -8.12 8.12 -16.98
N GLU C 201 -7.66 8.39 -18.19
CA GLU C 201 -6.61 9.39 -18.38
C GLU C 201 -7.11 10.76 -17.95
N LYS C 202 -6.54 11.28 -16.87
CA LYS C 202 -6.87 12.61 -16.37
C LYS C 202 -5.76 13.62 -16.58
N GLY C 203 -4.73 13.28 -17.34
CA GLY C 203 -3.62 14.19 -17.57
C GLY C 203 -2.52 14.02 -16.55
N THR C 204 -1.29 14.33 -16.93
CA THR C 204 -0.14 14.33 -16.06
C THR C 204 0.86 15.36 -16.57
N LEU C 205 1.72 15.84 -15.68
CA LEU C 205 2.78 16.77 -16.07
C LEU C 205 4.04 16.06 -16.56
N ARG C 206 3.97 14.75 -16.79
CA ARG C 206 5.10 13.97 -17.28
C ARG C 206 4.68 13.10 -18.45
N THR C 207 3.69 13.53 -19.22
CA THR C 207 3.29 12.89 -20.47
C THR C 207 3.70 13.83 -21.60
N PHE C 208 4.66 13.38 -22.40
CA PHE C 208 5.28 14.24 -23.40
C PHE C 208 4.70 13.99 -24.78
N GLY C 209 4.06 15.01 -25.34
CA GLY C 209 3.51 14.92 -26.68
C GLY C 209 2.41 13.90 -26.84
N LYS C 210 2.35 13.27 -28.01
CA LYS C 210 1.32 12.28 -28.32
C LYS C 210 1.90 10.89 -28.13
N ASP C 211 1.93 10.42 -26.89
CA ASP C 211 2.51 9.13 -26.58
C ASP C 211 1.74 8.35 -25.51
N VAL C 212 0.53 8.77 -25.15
CA VAL C 212 -0.21 8.09 -24.10
C VAL C 212 -0.56 6.67 -24.53
N ALA C 213 -1.13 6.52 -25.73
CA ALA C 213 -1.50 5.18 -26.19
C ALA C 213 -0.29 4.28 -26.41
N PRO C 214 0.77 4.70 -27.12
CA PRO C 214 1.88 3.75 -27.35
C PRO C 214 2.61 3.35 -26.08
N VAL C 215 2.90 4.29 -25.19
CA VAL C 215 3.64 3.97 -23.96
C VAL C 215 2.84 2.99 -23.11
N SER C 216 1.55 3.24 -22.95
CA SER C 216 0.71 2.32 -22.20
C SER C 216 0.65 0.96 -22.87
N ALA C 217 0.57 0.93 -24.20
CA ALA C 217 0.53 -0.34 -24.91
C ALA C 217 1.80 -1.15 -24.69
N PHE C 218 2.97 -0.49 -24.74
CA PHE C 218 4.22 -1.21 -24.52
C PHE C 218 4.35 -1.68 -23.07
N PHE C 219 3.95 -0.85 -22.11
CA PHE C 219 4.00 -1.30 -20.72
C PHE C 219 3.08 -2.49 -20.49
N SER C 220 1.89 -2.46 -21.08
CA SER C 220 0.99 -3.60 -21.03
C SER C 220 1.60 -4.83 -21.68
N ALA C 221 2.32 -4.65 -22.79
CA ALA C 221 2.95 -5.78 -23.45
C ALA C 221 4.01 -6.44 -22.55
N PHE C 222 4.87 -5.62 -21.92
CA PHE C 222 5.88 -6.20 -21.04
C PHE C 222 5.26 -6.88 -19.83
N MET C 223 4.28 -6.23 -19.21
CA MET C 223 3.63 -6.84 -18.06
C MET C 223 2.88 -8.11 -18.46
N SER C 224 2.36 -8.16 -19.69
CA SER C 224 1.74 -9.37 -20.18
C SER C 224 2.75 -10.47 -20.41
N ILE C 225 3.96 -10.11 -20.85
CA ILE C 225 5.05 -11.09 -20.91
C ILE C 225 5.26 -11.71 -19.54
N LEU C 226 5.37 -10.87 -18.52
CA LEU C 226 5.62 -11.38 -17.16
C LEU C 226 4.47 -12.26 -16.69
N ILE C 227 3.22 -11.82 -16.92
CA ILE C 227 2.07 -12.58 -16.44
C ILE C 227 1.94 -13.90 -17.18
N TYR C 228 2.23 -13.90 -18.49
CA TYR C 228 2.23 -15.14 -19.25
C TYR C 228 3.28 -16.10 -18.73
N PHE C 229 4.48 -15.58 -18.42
CA PHE C 229 5.54 -16.45 -17.90
C PHE C 229 5.13 -17.06 -16.58
N MET C 230 4.46 -16.29 -15.72
CA MET C 230 3.99 -16.84 -14.45
C MET C 230 2.89 -17.87 -14.67
N TRP C 231 1.89 -17.54 -15.48
CA TRP C 231 0.73 -18.40 -15.62
C TRP C 231 1.00 -19.64 -16.44
N HIS C 232 2.08 -19.66 -17.23
CA HIS C 232 2.49 -20.92 -17.85
C HIS C 232 2.84 -21.94 -16.79
N PHE C 233 3.60 -21.55 -15.77
CA PHE C 233 3.93 -22.46 -14.69
C PHE C 233 2.73 -22.76 -13.81
N ILE C 234 1.85 -21.78 -13.57
CA ILE C 234 0.64 -22.07 -12.81
C ILE C 234 -0.21 -23.11 -13.54
N GLY C 235 -0.34 -22.96 -14.86
CA GLY C 235 -1.08 -23.96 -15.63
C GLY C 235 -0.41 -25.31 -15.66
N ARG C 236 0.92 -25.31 -15.70
CA ARG C 236 1.71 -26.58 -15.70
C ARG C 236 1.36 -27.39 -14.46
N TRP C 237 1.26 -26.73 -13.30
CA TRP C 237 0.84 -27.45 -12.07
C TRP C 237 -0.65 -27.80 -12.15
N PHE C 238 -1.48 -26.86 -12.62
CA PHE C 238 -2.93 -27.14 -12.79
C PHE C 238 -3.12 -28.30 -13.78
N SER C 239 -2.02 -28.77 -14.38
CA SER C 239 -2.12 -29.90 -15.31
C SER C 239 -1.59 -31.20 -14.72
N ASN C 240 -1.28 -31.24 -13.43
CA ASN C 240 -0.75 -32.44 -12.82
C ASN C 240 -1.81 -33.54 -12.77
N GLU C 241 -1.36 -34.78 -12.56
CA GLU C 241 -2.31 -35.91 -12.39
C GLU C 241 -1.93 -36.61 -11.09
N ARG C 242 -1.72 -35.84 -10.01
CA ARG C 242 -1.26 -36.41 -8.72
C ARG C 242 -2.33 -37.32 -8.11
N PHE C 243 -1.90 -38.45 -7.53
CA PHE C 243 -2.85 -39.36 -6.84
C PHE C 243 -2.63 -39.28 -5.33
N LEU C 244 -3.26 -38.31 -4.67
CA LEU C 244 -3.17 -38.17 -3.20
C LEU C 244 -3.83 -39.38 -2.53
N GLN C 245 -3.38 -39.76 -1.33
CA GLN C 245 -3.93 -40.94 -0.61
C GLN C 245 -4.27 -40.56 0.82
N SER C 246 -5.12 -39.54 1.00
CA SER C 246 -5.49 -39.07 2.37
C SER C 246 -5.75 -37.55 2.34
N THR C 247 -6.92 -37.16 1.83
CA THR C 247 -7.29 -35.71 1.75
C THR C 247 -7.10 -35.04 3.11
N LEU D 16 18.72 -44.85 38.63
CA LEU D 16 18.92 -43.41 38.64
C LEU D 16 18.14 -42.74 37.50
N LEU D 17 18.71 -42.78 36.30
CA LEU D 17 18.11 -42.19 35.09
C LEU D 17 17.84 -40.71 35.36
N ASP D 18 16.62 -40.23 35.16
CA ASP D 18 16.30 -38.82 35.38
C ASP D 18 16.52 -38.43 36.84
N LYS D 19 17.39 -37.43 37.05
CA LYS D 19 17.70 -36.97 38.43
C LYS D 19 16.82 -35.77 38.79
N LYS D 20 17.25 -34.95 39.76
CA LYS D 20 16.45 -33.78 40.21
C LYS D 20 16.97 -32.50 39.56
N TRP D 21 17.79 -32.61 38.51
CA TRP D 21 18.25 -31.42 37.76
C TRP D 21 17.04 -30.69 37.19
N LEU D 22 15.93 -31.40 36.98
CA LEU D 22 14.72 -30.80 36.41
C LEU D 22 14.16 -29.71 37.33
N THR D 23 14.12 -29.97 38.63
CA THR D 23 13.59 -28.98 39.56
C THR D 23 14.46 -27.73 39.58
N PHE D 24 15.77 -27.90 39.60
CA PHE D 24 16.68 -26.76 39.62
C PHE D 24 16.69 -26.06 38.26
N VAL D 69 27.17 -7.48 30.20
CA VAL D 69 28.50 -7.99 30.49
C VAL D 69 28.41 -9.44 30.98
N LEU D 70 27.59 -9.64 32.02
CA LEU D 70 27.42 -11.00 32.56
C LEU D 70 26.81 -11.93 31.52
N GLU D 71 25.85 -11.43 30.74
CA GLU D 71 25.24 -12.24 29.70
C GLU D 71 26.26 -12.69 28.68
N ILE D 72 27.13 -11.78 28.24
CA ILE D 72 28.20 -12.15 27.31
C ILE D 72 29.18 -13.10 27.98
N VAL D 73 29.53 -12.82 29.23
CA VAL D 73 30.49 -13.66 29.95
C VAL D 73 29.91 -15.06 30.18
N THR D 74 28.69 -15.13 30.70
CA THR D 74 28.09 -16.43 31.02
C THR D 74 27.99 -17.31 29.78
N ALA D 75 27.72 -16.70 28.63
CA ALA D 75 27.65 -17.46 27.39
C ALA D 75 29.01 -18.10 27.06
N SER D 76 30.10 -17.37 27.31
CA SER D 76 31.41 -17.84 26.92
C SER D 76 31.79 -19.13 27.64
N ILE D 77 31.65 -19.14 28.97
CA ILE D 77 32.02 -20.34 29.74
C ILE D 77 31.05 -21.48 29.46
N LEU D 78 29.75 -21.17 29.48
CA LEU D 78 28.74 -22.21 29.33
C LEU D 78 28.85 -22.91 27.98
N TRP D 79 29.04 -22.13 26.92
CA TRP D 79 29.23 -22.73 25.60
C TRP D 79 30.58 -23.44 25.52
N GLY D 80 31.63 -22.83 26.07
CA GLY D 80 32.94 -23.45 26.01
C GLY D 80 33.04 -24.72 26.83
N TYR D 81 32.46 -24.71 28.03
CA TYR D 81 32.57 -25.85 28.93
C TYR D 81 32.01 -27.11 28.29
N LEU D 82 30.82 -27.02 27.69
CA LEU D 82 30.22 -28.18 27.05
C LEU D 82 31.02 -28.60 25.83
N TRP D 83 31.58 -27.64 25.09
CA TRP D 83 32.34 -27.96 23.89
C TRP D 83 33.74 -28.48 24.19
N LYS D 84 34.39 -27.98 25.24
CA LYS D 84 35.75 -28.42 25.54
C LYS D 84 35.77 -29.82 26.14
N THR D 85 34.72 -30.19 26.88
CA THR D 85 34.61 -31.51 27.47
C THR D 85 33.92 -32.51 26.52
N ARG D 86 34.07 -32.29 25.22
CA ARG D 86 33.34 -33.08 24.24
C ARG D 86 33.79 -34.54 24.26
N ASP D 87 32.81 -35.45 24.13
CA ASP D 87 33.10 -36.87 24.05
C ASP D 87 33.63 -37.21 22.66
N ARG D 88 34.90 -37.65 22.61
CA ARG D 88 35.53 -37.95 21.33
C ARG D 88 35.17 -39.33 20.81
N ASN D 89 34.98 -40.30 21.67
CA ASN D 89 34.60 -41.65 21.27
C ASN D 89 33.10 -41.84 21.46
N LEU D 90 32.34 -41.28 20.52
CA LEU D 90 30.88 -41.41 20.58
C LEU D 90 30.41 -42.81 20.23
N ALA D 91 31.30 -43.64 19.67
CA ALA D 91 30.93 -45.02 19.36
C ALA D 91 30.81 -45.85 20.63
N ALA D 92 31.71 -45.65 21.59
CA ALA D 92 31.75 -46.45 22.81
C ALA D 92 30.77 -45.89 23.85
N LEU D 93 29.48 -46.06 23.55
CA LEU D 93 28.40 -45.67 24.45
C LEU D 93 27.49 -46.85 24.70
N THR D 94 27.40 -47.28 25.96
CA THR D 94 26.41 -48.26 26.32
C THR D 94 25.01 -47.64 26.23
N PRO D 95 24.00 -48.40 25.82
CA PRO D 95 22.64 -47.81 25.74
C PRO D 95 22.14 -47.29 27.08
N ARG D 96 22.56 -47.92 28.19
CA ARG D 96 22.19 -47.41 29.50
C ARG D 96 22.82 -46.04 29.75
N GLU D 97 24.10 -45.88 29.40
CA GLU D 97 24.73 -44.57 29.50
C GLU D 97 24.12 -43.59 28.51
N GLU D 98 23.76 -44.08 27.32
CA GLU D 98 23.05 -43.23 26.36
C GLU D 98 21.73 -42.75 26.94
N LEU D 99 20.97 -43.65 27.57
CA LEU D 99 19.68 -43.27 28.13
C LEU D 99 19.85 -42.27 29.27
N ARG D 100 20.86 -42.49 30.13
CA ARG D 100 21.12 -41.57 31.23
C ARG D 100 21.41 -40.17 30.72
N ARG D 101 22.35 -40.05 29.77
CA ARG D 101 22.69 -38.75 29.21
C ARG D 101 21.52 -38.19 28.40
N ASN D 102 20.68 -39.06 27.86
CA ASN D 102 19.58 -38.61 27.01
C ASN D 102 18.55 -37.82 27.81
N PHE D 103 18.30 -38.24 29.05
CA PHE D 103 17.43 -37.46 29.93
C PHE D 103 17.97 -36.06 30.17
N THR D 104 19.29 -35.94 30.37
CA THR D 104 19.87 -34.62 30.63
C THR D 104 19.65 -33.67 29.46
N HIS D 105 19.72 -34.19 28.23
CA HIS D 105 19.43 -33.35 27.08
C HIS D 105 17.99 -32.86 27.10
N LEU D 106 17.04 -33.72 27.46
CA LEU D 106 15.66 -33.28 27.59
C LEU D 106 15.51 -32.28 28.73
N VAL D 107 16.29 -32.43 29.80
CA VAL D 107 16.26 -31.47 30.89
C VAL D 107 16.74 -30.11 30.41
N TRP D 108 17.74 -30.09 29.53
CA TRP D 108 18.22 -28.82 29.00
C TRP D 108 17.15 -28.15 28.16
N LEU D 109 16.40 -28.92 27.36
CA LEU D 109 15.30 -28.37 26.60
C LEU D 109 14.21 -27.83 27.53
N VAL D 110 14.04 -28.46 28.69
CA VAL D 110 13.09 -27.96 29.68
C VAL D 110 13.50 -26.56 30.14
N ALA D 111 14.80 -26.35 30.36
CA ALA D 111 15.29 -25.02 30.71
C ALA D 111 15.01 -24.03 29.58
N TYR D 112 15.15 -24.48 28.33
CA TYR D 112 14.83 -23.62 27.20
C TYR D 112 13.36 -23.21 27.20
N ALA D 113 12.46 -24.17 27.46
CA ALA D 113 11.03 -23.86 27.46
C ALA D 113 10.68 -22.85 28.54
N TRP D 114 11.26 -23.01 29.73
CA TRP D 114 11.05 -22.04 30.80
C TRP D 114 11.60 -20.68 30.41
N ALA D 115 12.77 -20.66 29.76
CA ALA D 115 13.38 -19.39 29.38
C ALA D 115 12.55 -18.67 28.32
N ILE D 116 12.03 -19.41 27.34
CA ILE D 116 11.23 -18.79 26.29
C ILE D 116 9.95 -18.20 26.86
N TYR D 117 9.25 -18.97 27.68
CA TYR D 117 8.00 -18.49 28.26
C TYR D 117 8.25 -17.29 29.16
N TRP D 118 9.32 -17.34 29.96
CA TRP D 118 9.68 -16.19 30.79
C TRP D 118 10.14 -15.02 29.93
N GLY D 119 10.75 -15.31 28.78
CA GLY D 119 11.26 -14.28 27.92
C GLY D 119 10.26 -13.72 26.93
N ALA D 120 9.54 -14.60 26.24
CA ALA D 120 8.67 -14.20 25.14
C ALA D 120 7.22 -13.98 25.58
N SER D 121 6.83 -14.47 26.74
CA SER D 121 5.44 -14.32 27.19
C SER D 121 5.30 -13.30 28.29
N TYR D 122 6.15 -13.36 29.32
CA TYR D 122 6.04 -12.44 30.44
C TYR D 122 6.57 -11.05 30.09
N PHE D 123 7.82 -10.98 29.65
CA PHE D 123 8.48 -9.69 29.46
C PHE D 123 8.06 -8.98 28.18
N THR D 124 7.63 -9.71 27.15
CA THR D 124 7.27 -9.06 25.89
C THR D 124 6.04 -8.18 26.05
N GLU D 125 4.97 -8.73 26.63
CA GLU D 125 3.79 -7.93 26.92
C GLU D 125 4.04 -6.98 28.09
N GLN D 126 5.05 -7.24 28.90
CA GLN D 126 5.42 -6.28 29.95
C GLN D 126 5.82 -4.95 29.33
N ASP D 127 6.43 -4.98 28.14
CA ASP D 127 6.63 -3.77 27.36
C ASP D 127 5.29 -3.19 26.91
N GLY D 128 4.33 -4.06 26.61
CA GLY D 128 3.01 -3.58 26.21
C GLY D 128 2.31 -2.81 27.31
N THR D 129 2.46 -3.24 28.56
CA THR D 129 1.93 -2.51 29.70
C THR D 129 2.64 -1.17 29.89
N TRP D 130 3.91 -1.09 29.51
CA TRP D 130 4.70 0.12 29.68
C TRP D 130 4.21 1.24 28.77
N LEU D 150 17.36 -8.69 28.73
CA LEU D 150 17.81 -9.66 29.72
C LEU D 150 17.38 -11.07 29.37
N SER D 151 16.06 -11.29 29.41
CA SER D 151 15.53 -12.63 29.16
C SER D 151 15.84 -13.10 27.75
N TYR D 152 15.90 -12.18 26.79
CA TYR D 152 16.28 -12.56 25.43
C TYR D 152 17.68 -13.15 25.40
N PRO D 153 18.73 -12.49 25.92
CA PRO D 153 20.03 -13.18 26.03
C PRO D 153 19.98 -14.43 26.90
N ILE D 154 19.13 -14.47 27.93
CA ILE D 154 19.09 -15.67 28.76
C ILE D 154 18.68 -16.89 27.94
N TYR D 155 17.58 -16.79 27.18
CA TYR D 155 17.20 -17.96 26.42
C TYR D 155 18.12 -18.15 25.21
N ILE D 156 18.76 -17.09 24.73
CA ILE D 156 19.77 -17.26 23.69
C ILE D 156 20.89 -18.17 24.20
N ILE D 157 21.40 -17.88 25.40
CA ILE D 157 22.51 -18.68 25.99
C ILE D 157 22.04 -20.13 26.19
N THR D 158 20.88 -20.32 26.84
CA THR D 158 20.35 -21.69 27.11
C THR D 158 20.27 -22.48 25.80
N GLY D 159 19.64 -21.91 24.77
CA GLY D 159 19.47 -22.60 23.48
C GLY D 159 20.79 -23.01 22.84
N PHE D 160 21.74 -22.08 22.72
CA PHE D 160 23.03 -22.37 22.05
C PHE D 160 23.85 -23.37 22.87
N ALA D 161 23.81 -23.25 24.20
CA ALA D 161 24.52 -24.21 25.08
C ALA D 161 23.96 -25.61 24.86
N ALA D 162 22.63 -25.73 24.83
CA ALA D 162 21.97 -27.05 24.60
C ALA D 162 22.29 -27.56 23.19
N PHE D 163 22.54 -26.66 22.23
CA PHE D 163 22.93 -27.09 20.86
C PHE D 163 24.22 -27.90 20.95
N ILE D 164 25.30 -27.28 21.46
CA ILE D 164 26.59 -28.00 21.63
C ILE D 164 26.36 -29.23 22.51
N TYR D 165 25.53 -29.09 23.56
CA TYR D 165 25.23 -30.19 24.50
C TYR D 165 24.78 -31.45 23.73
N ALA D 166 23.70 -31.34 22.96
CA ALA D 166 23.14 -32.51 22.24
C ALA D 166 24.07 -32.92 21.09
N LYS D 167 24.69 -31.95 20.42
CA LYS D 167 25.59 -32.24 19.25
C LYS D 167 26.79 -33.07 19.71
N THR D 168 27.21 -32.95 20.97
CA THR D 168 28.42 -33.65 21.46
C THR D 168 28.04 -34.87 22.30
N ARG D 169 27.09 -34.72 23.22
CA ARG D 169 26.74 -35.83 24.15
C ARG D 169 25.82 -36.86 23.48
N LEU D 170 24.74 -36.41 22.84
CA LEU D 170 23.74 -37.37 22.29
C LEU D 170 24.16 -37.86 20.89
N PRO D 171 24.25 -39.19 20.65
CA PRO D 171 24.56 -39.74 19.32
C PRO D 171 23.34 -39.72 18.39
N PHE D 172 23.52 -40.03 17.09
CA PHE D 172 22.43 -39.94 16.11
C PHE D 172 21.97 -38.51 15.93
N PHE D 173 22.45 -37.60 16.77
CA PHE D 173 22.15 -36.18 16.62
C PHE D 173 23.38 -35.41 16.17
N ALA D 174 24.56 -36.03 16.24
CA ALA D 174 25.80 -35.48 15.73
C ALA D 174 25.93 -35.83 14.25
N LYS D 175 27.14 -35.71 13.70
CA LYS D 175 27.45 -36.05 12.31
C LYS D 175 26.48 -35.38 11.34
N GLY D 176 26.14 -34.14 11.64
CA GLY D 176 25.22 -33.38 10.83
C GLY D 176 24.31 -32.49 11.65
N ILE D 177 24.25 -31.21 11.28
CA ILE D 177 23.42 -30.26 12.02
C ILE D 177 21.96 -30.49 11.66
N SER D 178 21.12 -30.66 12.68
CA SER D 178 19.69 -30.83 12.45
C SER D 178 19.08 -29.52 12.02
N LEU D 179 18.45 -29.50 10.85
CA LEU D 179 17.85 -28.28 10.32
C LEU D 179 16.77 -27.71 11.25
N PRO D 180 15.79 -28.51 11.69
CA PRO D 180 14.77 -27.94 12.59
C PRO D 180 15.34 -27.43 13.90
N TYR D 181 16.32 -28.15 14.47
CA TYR D 181 16.84 -27.73 15.76
C TYR D 181 17.71 -26.50 15.63
N LEU D 182 18.43 -26.39 14.51
CA LEU D 182 19.17 -25.17 14.20
C LEU D 182 18.24 -23.99 14.02
N VAL D 183 17.13 -24.18 13.30
CA VAL D 183 16.15 -23.11 13.17
C VAL D 183 15.61 -22.72 14.54
N LEU D 184 15.32 -23.72 15.38
CA LEU D 184 14.89 -23.46 16.75
C LEU D 184 15.87 -22.60 17.54
N VAL D 185 17.17 -22.89 17.47
CA VAL D 185 18.14 -22.15 18.26
C VAL D 185 18.45 -20.78 17.65
N VAL D 186 18.25 -20.61 16.34
CA VAL D 186 18.62 -19.35 15.69
C VAL D 186 17.46 -18.35 15.66
N GLY D 187 16.25 -18.82 15.38
CA GLY D 187 15.11 -17.95 15.21
C GLY D 187 14.83 -17.07 16.42
N PRO D 188 14.45 -17.69 17.54
CA PRO D 188 14.25 -16.89 18.76
C PRO D 188 15.49 -16.14 19.20
N PHE D 189 16.68 -16.63 18.85
CA PHE D 189 17.91 -15.90 19.13
C PHE D 189 17.95 -14.55 18.43
N MET D 190 17.69 -14.51 17.14
CA MET D 190 17.87 -13.27 16.40
C MET D 190 16.68 -12.32 16.55
N ILE D 191 15.58 -12.79 17.13
CA ILE D 191 14.48 -11.93 17.55
C ILE D 191 15.01 -10.79 18.40
N GLY D 218 8.60 -7.59 12.52
CA GLY D 218 9.70 -8.51 12.31
C GLY D 218 9.69 -9.67 13.29
N PHE D 219 9.20 -9.41 14.51
CA PHE D 219 9.11 -10.46 15.52
C PHE D 219 8.08 -11.52 15.12
N VAL D 220 7.04 -11.11 14.38
CA VAL D 220 6.00 -12.05 13.98
C VAL D 220 6.58 -13.11 13.05
N ILE D 221 7.40 -12.69 12.09
CA ILE D 221 8.04 -13.64 11.18
C ILE D 221 8.96 -14.56 11.96
N PHE D 222 9.69 -14.00 12.91
CA PHE D 222 10.76 -14.68 13.63
C PHE D 222 10.26 -15.46 14.83
N GLY D 223 9.09 -15.10 15.38
CA GLY D 223 8.45 -15.96 16.37
C GLY D 223 7.91 -17.23 15.77
N TRP D 224 7.66 -17.23 14.46
CA TRP D 224 7.21 -18.45 13.79
C TRP D 224 8.26 -19.53 13.82
N LEU D 225 9.54 -19.16 13.84
CA LEU D 225 10.62 -20.14 13.80
C LEU D 225 10.66 -21.00 15.06
N ALA D 226 10.02 -20.56 16.14
CA ALA D 226 9.94 -21.39 17.34
C ALA D 226 9.07 -22.62 17.13
N LEU D 227 8.30 -22.69 16.05
CA LEU D 227 7.54 -23.88 15.72
C LEU D 227 8.43 -25.07 15.35
N ALA D 228 9.71 -24.83 15.09
CA ALA D 228 10.63 -25.93 14.81
C ALA D 228 10.82 -26.85 16.01
N VAL D 229 10.28 -26.48 17.17
CA VAL D 229 10.33 -27.36 18.34
C VAL D 229 9.64 -28.68 18.06
N MET D 230 8.68 -28.69 17.14
CA MET D 230 7.97 -29.93 16.81
C MET D 230 8.90 -30.94 16.13
N GLY D 231 9.61 -30.50 15.09
CA GLY D 231 10.59 -31.36 14.46
C GLY D 231 11.74 -31.70 15.39
N THR D 232 12.16 -30.74 16.20
CA THR D 232 13.16 -31.03 17.23
C THR D 232 12.71 -32.13 18.16
N LEU D 233 11.45 -32.08 18.59
CA LEU D 233 10.98 -33.05 19.58
C LEU D 233 10.83 -34.42 18.95
N THR D 234 10.39 -34.49 17.69
CA THR D 234 10.31 -35.81 17.07
C THR D 234 11.70 -36.38 16.79
N GLN D 235 12.68 -35.54 16.46
CA GLN D 235 14.05 -36.02 16.34
C GLN D 235 14.59 -36.51 17.67
N THR D 236 14.29 -35.80 18.75
CA THR D 236 14.72 -36.23 20.07
C THR D 236 14.00 -37.51 20.49
N PHE D 237 12.76 -37.70 20.01
CA PHE D 237 12.06 -38.96 20.22
C PHE D 237 12.75 -40.11 19.51
N TYR D 238 13.17 -39.89 18.26
CA TYR D 238 13.93 -40.92 17.56
C TYR D 238 15.25 -41.22 18.27
N SER D 239 15.88 -40.19 18.85
CA SER D 239 17.04 -40.43 19.69
C SER D 239 16.69 -41.24 20.93
N PHE D 240 15.52 -40.97 21.53
CA PHE D 240 15.03 -41.78 22.65
C PHE D 240 14.93 -43.25 22.26
N ALA D 241 14.29 -43.53 21.12
CA ALA D 241 14.06 -44.90 20.67
C ALA D 241 15.19 -45.40 19.79
N GLN D 242 16.43 -45.28 20.27
CA GLN D 242 17.59 -45.83 19.55
C GLN D 242 18.02 -47.15 20.19
N GLY D 243 18.39 -47.12 21.47
CA GLY D 243 18.77 -48.32 22.18
C GLY D 243 17.72 -48.76 23.17
N GLY D 244 17.07 -47.81 23.83
CA GLY D 244 16.04 -48.11 24.80
C GLY D 244 14.64 -47.98 24.24
N LEU D 245 14.47 -48.36 22.97
CA LEU D 245 13.16 -48.29 22.33
C LEU D 245 12.17 -49.27 22.93
N GLY D 246 12.62 -50.45 23.34
CA GLY D 246 11.74 -51.45 23.90
C GLY D 246 12.49 -52.34 24.88
N GLN D 247 11.81 -53.36 25.37
CA GLN D 247 10.46 -53.66 24.91
C GLN D 247 9.38 -53.33 25.93
N SER D 248 8.14 -53.33 25.43
CA SER D 248 6.95 -52.65 25.97
C SER D 248 6.31 -51.91 24.81
N LEU D 249 6.95 -50.82 24.39
CA LEU D 249 6.59 -50.13 23.15
C LEU D 249 6.72 -51.10 21.98
N CYS D 250 5.69 -51.11 21.12
CA CYS D 250 5.60 -52.02 19.98
C CYS D 250 5.60 -53.48 20.43
N GLU D 251 5.11 -53.70 21.66
CA GLU D 251 4.96 -55.04 22.21
C GLU D 251 4.18 -55.01 23.52
N LEU E 16 49.12 -21.70 -31.14
CA LEU E 16 48.17 -20.62 -31.42
C LEU E 16 47.21 -20.42 -30.26
N LEU E 17 46.18 -21.27 -30.21
CA LEU E 17 45.13 -21.24 -29.17
C LEU E 17 44.53 -19.83 -29.16
N ASP E 18 44.48 -19.14 -28.02
CA ASP E 18 43.87 -17.81 -27.93
C ASP E 18 44.61 -16.83 -28.83
N LYS E 19 43.88 -16.22 -29.77
CA LYS E 19 44.50 -15.24 -30.71
C LYS E 19 44.31 -13.81 -30.18
N LYS E 20 44.38 -12.82 -31.08
CA LYS E 20 44.25 -11.40 -30.66
C LYS E 20 42.83 -10.89 -30.91
N TRP E 21 41.87 -11.80 -31.15
CA TRP E 21 40.45 -11.40 -31.31
C TRP E 21 39.98 -10.71 -30.02
N LEU E 22 40.64 -11.01 -28.88
CA LEU E 22 40.25 -10.43 -27.60
C LEU E 22 40.43 -8.92 -27.60
N THR E 23 41.54 -8.42 -28.15
CA THR E 23 41.79 -6.99 -28.18
C THR E 23 40.75 -6.27 -29.04
N PHE E 24 40.43 -6.83 -30.20
CA PHE E 24 39.45 -6.24 -31.10
C PHE E 24 38.05 -6.38 -30.54
N VAL E 69 17.48 0.62 -37.44
CA VAL E 69 17.56 -0.08 -38.72
C VAL E 69 18.83 -0.93 -38.75
N LEU E 70 19.98 -0.29 -38.50
CA LEU E 70 21.24 -1.01 -38.50
C LEU E 70 21.27 -2.09 -37.42
N GLU E 71 20.71 -1.78 -36.25
CA GLU E 71 20.66 -2.75 -35.16
C GLU E 71 19.85 -3.98 -35.56
N ILE E 72 18.70 -3.78 -36.20
CA ILE E 72 17.91 -4.90 -36.69
C ILE E 72 18.65 -5.63 -37.80
N VAL E 73 19.27 -4.88 -38.71
CA VAL E 73 19.99 -5.50 -39.82
C VAL E 73 21.19 -6.29 -39.31
N THR E 74 22.02 -5.67 -38.47
CA THR E 74 23.24 -6.33 -37.99
C THR E 74 22.92 -7.62 -37.26
N ALA E 75 21.79 -7.65 -36.54
CA ALA E 75 21.38 -8.88 -35.86
C ALA E 75 21.09 -9.98 -36.85
N SER E 76 20.48 -9.65 -37.98
CA SER E 76 20.04 -10.66 -38.95
C SER E 76 21.23 -11.43 -39.51
N ILE E 77 22.24 -10.71 -40.01
CA ILE E 77 23.41 -11.38 -40.60
C ILE E 77 24.22 -12.09 -39.52
N LEU E 78 24.48 -11.41 -38.40
CA LEU E 78 25.33 -11.97 -37.36
C LEU E 78 24.75 -13.26 -36.79
N TRP E 79 23.45 -13.26 -36.53
CA TRP E 79 22.79 -14.47 -36.04
C TRP E 79 22.73 -15.53 -37.15
N GLY E 80 22.41 -15.11 -38.37
CA GLY E 80 22.31 -16.06 -39.47
C GLY E 80 23.65 -16.68 -39.84
N TYR E 81 24.70 -15.85 -39.88
CA TYR E 81 26.01 -16.34 -40.31
C TYR E 81 26.50 -17.47 -39.42
N LEU E 82 26.40 -17.31 -38.11
CA LEU E 82 26.84 -18.36 -37.19
C LEU E 82 25.96 -19.59 -37.31
N TRP E 83 24.66 -19.39 -37.54
CA TRP E 83 23.74 -20.52 -37.64
C TRP E 83 23.82 -21.24 -38.97
N LYS E 84 24.06 -20.52 -40.07
CA LYS E 84 24.10 -21.17 -41.38
C LYS E 84 25.38 -21.97 -41.57
N THR E 85 26.49 -21.53 -40.96
CA THR E 85 27.76 -22.23 -41.03
C THR E 85 27.90 -23.27 -39.92
N ARG E 86 26.78 -23.83 -39.47
CA ARG E 86 26.79 -24.71 -38.31
C ARG E 86 27.54 -26.01 -38.60
N ASP E 87 28.31 -26.46 -37.62
CA ASP E 87 29.04 -27.72 -37.74
C ASP E 87 28.08 -28.88 -37.55
N ARG E 88 27.89 -29.67 -38.60
CA ARG E 88 26.94 -30.78 -38.57
C ARG E 88 27.51 -32.03 -37.90
N ASN E 89 28.81 -32.28 -38.06
CA ASN E 89 29.46 -33.43 -37.44
C ASN E 89 30.20 -32.98 -36.18
N LEU E 90 29.43 -32.78 -35.11
CA LEU E 90 30.02 -32.36 -33.85
C LEU E 90 30.78 -33.49 -33.17
N ALA E 91 30.60 -34.73 -33.64
CA ALA E 91 31.33 -35.85 -33.07
C ALA E 91 32.79 -35.81 -33.48
N ALA E 92 33.07 -35.46 -34.74
CA ALA E 92 34.43 -35.46 -35.28
C ALA E 92 35.16 -34.17 -34.92
N LEU E 93 35.47 -34.02 -33.64
CA LEU E 93 36.23 -32.89 -33.12
C LEU E 93 37.43 -33.40 -32.35
N THR E 94 38.62 -33.05 -32.81
CA THR E 94 39.81 -33.31 -32.03
C THR E 94 39.82 -32.40 -30.80
N PRO E 95 40.31 -32.87 -29.65
CA PRO E 95 40.34 -32.00 -28.47
C PRO E 95 41.15 -30.73 -28.68
N ARG E 96 42.20 -30.79 -29.51
CA ARG E 96 42.95 -29.58 -29.82
C ARG E 96 42.09 -28.59 -30.59
N GLU E 97 41.33 -29.07 -31.58
CA GLU E 97 40.40 -28.19 -32.28
C GLU E 97 39.29 -27.72 -31.35
N GLU E 98 38.84 -28.60 -30.46
CA GLU E 98 37.87 -28.20 -29.45
C GLU E 98 38.41 -27.08 -28.57
N LEU E 99 39.67 -27.21 -28.12
CA LEU E 99 40.26 -26.19 -27.28
C LEU E 99 40.42 -24.87 -28.03
N ARG E 100 40.84 -24.94 -29.29
CA ARG E 100 40.99 -23.74 -30.09
C ARG E 100 39.67 -22.99 -30.22
N ARG E 101 38.61 -23.70 -30.62
CA ARG E 101 37.31 -23.07 -30.75
C ARG E 101 36.76 -22.65 -29.40
N ASN E 102 37.18 -23.34 -28.33
CA ASN E 102 36.64 -23.07 -27.01
C ASN E 102 37.07 -21.69 -26.52
N PHE E 103 38.30 -21.28 -26.84
CA PHE E 103 38.75 -19.93 -26.53
C PHE E 103 37.88 -18.88 -27.22
N THR E 104 37.53 -19.12 -28.49
CA THR E 104 36.73 -18.14 -29.22
C THR E 104 35.38 -17.92 -28.56
N HIS E 105 34.78 -18.99 -28.02
CA HIS E 105 33.53 -18.83 -27.28
C HIS E 105 33.71 -17.95 -26.05
N LEU E 106 34.81 -18.13 -25.32
CA LEU E 106 35.09 -17.25 -24.19
C LEU E 106 35.34 -15.83 -24.65
N VAL E 107 35.95 -15.66 -25.83
CA VAL E 107 36.16 -14.32 -26.37
C VAL E 107 34.83 -13.66 -26.68
N TRP E 108 33.86 -14.42 -27.16
CA TRP E 108 32.55 -13.86 -27.43
C TRP E 108 31.87 -13.41 -26.13
N LEU E 109 32.01 -14.19 -25.06
CA LEU E 109 31.49 -13.76 -23.77
C LEU E 109 32.19 -12.50 -23.28
N VAL E 110 33.47 -12.34 -23.62
CA VAL E 110 34.18 -11.12 -23.26
C VAL E 110 33.53 -9.91 -23.94
N ALA E 111 33.14 -10.06 -25.21
CA ALA E 111 32.41 -9.00 -25.89
C ALA E 111 31.08 -8.71 -25.20
N TYR E 112 30.41 -9.75 -24.72
CA TYR E 112 29.17 -9.56 -23.97
C TYR E 112 29.41 -8.74 -22.70
N ALA E 113 30.47 -9.06 -21.96
CA ALA E 113 30.75 -8.35 -20.72
C ALA E 113 31.03 -6.88 -20.99
N TRP E 114 31.79 -6.58 -22.03
CA TRP E 114 32.05 -5.19 -22.40
C TRP E 114 30.76 -4.50 -22.80
N ALA E 115 29.90 -5.20 -23.54
CA ALA E 115 28.65 -4.61 -23.99
C ALA E 115 27.70 -4.32 -22.83
N ILE E 116 27.61 -5.24 -21.87
CA ILE E 116 26.73 -5.02 -20.72
C ILE E 116 27.22 -3.83 -19.90
N TYR E 117 28.51 -3.78 -19.59
CA TYR E 117 29.04 -2.68 -18.79
C TYR E 117 28.87 -1.36 -19.51
N TRP E 118 29.13 -1.35 -20.82
CA TRP E 118 28.91 -0.13 -21.60
C TRP E 118 27.44 0.20 -21.70
N GLY E 119 26.59 -0.82 -21.70
CA GLY E 119 25.16 -0.62 -21.83
C GLY E 119 24.42 -0.36 -20.53
N ALA E 120 24.71 -1.18 -19.50
CA ALA E 120 23.96 -1.14 -18.26
C ALA E 120 24.60 -0.25 -17.19
N SER E 121 25.87 0.10 -17.35
CA SER E 121 26.54 0.90 -16.33
C SER E 121 26.77 2.33 -16.80
N TYR E 122 27.27 2.53 -18.02
CA TYR E 122 27.57 3.87 -18.50
C TYR E 122 26.29 4.61 -18.90
N PHE E 123 25.52 4.01 -19.81
CA PHE E 123 24.38 4.72 -20.41
C PHE E 123 23.16 4.75 -19.50
N THR E 124 23.00 3.79 -18.59
CA THR E 124 21.81 3.77 -17.74
C THR E 124 21.79 4.96 -16.78
N GLU E 125 22.89 5.17 -16.06
CA GLU E 125 22.99 6.36 -15.22
C GLU E 125 23.19 7.63 -16.04
N GLN E 126 23.59 7.51 -17.30
CA GLN E 126 23.64 8.68 -18.17
C GLN E 126 22.25 9.28 -18.32
N ASP E 127 21.22 8.42 -18.33
CA ASP E 127 19.85 8.92 -18.23
C ASP E 127 19.61 9.59 -16.89
N GLY E 128 20.24 9.07 -15.82
CA GLY E 128 20.09 9.68 -14.52
C GLY E 128 20.64 11.09 -14.45
N THR E 129 21.75 11.34 -15.14
CA THR E 129 22.30 12.69 -15.24
C THR E 129 21.39 13.61 -16.05
N TRP E 130 20.66 13.05 -17.00
CA TRP E 130 19.79 13.82 -17.88
C TRP E 130 18.61 14.41 -17.09
N LEU E 150 20.36 2.17 -28.00
CA LEU E 150 21.50 1.77 -28.79
C LEU E 150 22.26 0.62 -28.14
N SER E 151 22.86 0.90 -26.98
CA SER E 151 23.66 -0.10 -26.29
C SER E 151 22.83 -1.31 -25.89
N TYR E 152 21.55 -1.09 -25.56
CA TYR E 152 20.68 -2.23 -25.24
C TYR E 152 20.56 -3.18 -26.43
N PRO E 153 20.19 -2.73 -27.64
CA PRO E 153 20.27 -3.65 -28.78
C PRO E 153 21.67 -4.18 -29.06
N ILE E 154 22.72 -3.40 -28.79
CA ILE E 154 24.08 -3.90 -29.04
C ILE E 154 24.35 -5.15 -28.21
N TYR E 155 24.09 -5.09 -26.90
CA TYR E 155 24.38 -6.29 -26.12
C TYR E 155 23.34 -7.37 -26.36
N ILE E 156 22.12 -6.99 -26.79
CA ILE E 156 21.16 -8.00 -27.20
C ILE E 156 21.71 -8.83 -28.35
N ILE E 157 22.24 -8.14 -29.38
CA ILE E 157 22.79 -8.85 -30.58
C ILE E 157 23.97 -9.72 -30.13
N THR E 158 24.93 -9.16 -29.40
CA THR E 158 26.14 -9.92 -28.97
C THR E 158 25.71 -11.18 -28.23
N GLY E 159 24.81 -11.06 -27.24
CA GLY E 159 24.37 -12.22 -26.44
C GLY E 159 23.72 -13.31 -27.29
N PHE E 160 22.75 -12.95 -28.14
CA PHE E 160 22.02 -13.96 -28.95
C PHE E 160 22.97 -14.59 -29.98
N ALA E 161 23.86 -13.81 -30.57
CA ALA E 161 24.84 -14.34 -31.54
C ALA E 161 25.72 -15.37 -30.83
N ALA E 162 26.22 -15.04 -29.64
CA ALA E 162 27.07 -15.97 -28.85
C ALA E 162 26.26 -17.21 -28.44
N PHE E 163 24.93 -17.09 -28.29
CA PHE E 163 24.08 -18.26 -27.98
C PHE E 163 24.21 -19.28 -29.10
N ILE E 164 23.85 -18.90 -30.33
CA ILE E 164 24.00 -19.81 -31.51
C ILE E 164 25.47 -20.24 -31.62
N TYR E 165 26.40 -19.31 -31.38
CA TYR E 165 27.85 -19.60 -31.46
C TYR E 165 28.21 -20.83 -30.62
N ALA E 166 27.94 -20.79 -29.31
CA ALA E 166 28.31 -21.90 -28.40
C ALA E 166 27.43 -23.13 -28.67
N LYS E 167 26.15 -22.92 -28.99
CA LYS E 167 25.20 -24.03 -29.22
C LYS E 167 25.63 -24.86 -30.43
N THR E 168 26.33 -24.25 -31.38
CA THR E 168 26.72 -24.96 -32.64
C THR E 168 28.20 -25.36 -32.60
N ARG E 169 29.09 -24.45 -32.20
CA ARG E 169 30.55 -24.74 -32.23
C ARG E 169 30.99 -25.58 -31.04
N LEU E 170 30.61 -25.20 -29.82
CA LEU E 170 31.12 -25.91 -28.60
C LEU E 170 30.27 -27.16 -28.31
N PRO E 171 30.88 -28.36 -28.17
CA PRO E 171 30.15 -29.58 -27.79
C PRO E 171 29.87 -29.65 -26.29
N PHE E 172 29.05 -30.62 -25.83
CA PHE E 172 28.65 -30.69 -24.43
C PHE E 172 27.79 -29.49 -24.03
N PHE E 173 27.69 -28.50 -24.91
CA PHE E 173 26.81 -27.38 -24.68
C PHE E 173 25.62 -27.40 -25.62
N ALA E 174 25.67 -28.24 -26.65
CA ALA E 174 24.56 -28.49 -27.55
C ALA E 174 23.65 -29.57 -26.96
N LYS E 175 22.80 -30.16 -27.79
CA LYS E 175 21.89 -31.25 -27.40
C LYS E 175 21.10 -30.91 -26.14
N GLY E 176 20.68 -29.65 -26.07
CA GLY E 176 19.92 -29.16 -24.94
C GLY E 176 20.26 -27.74 -24.58
N ILE E 177 19.24 -26.90 -24.44
CA ILE E 177 19.47 -25.50 -24.12
C ILE E 177 19.82 -25.38 -22.64
N SER E 178 20.94 -24.71 -22.35
CA SER E 178 21.34 -24.48 -20.97
C SER E 178 20.42 -23.46 -20.33
N LEU E 179 19.77 -23.84 -19.23
CA LEU E 179 18.84 -22.96 -18.55
C LEU E 179 19.52 -21.67 -18.06
N PRO E 180 20.65 -21.74 -17.33
CA PRO E 180 21.27 -20.49 -16.89
C PRO E 180 21.73 -19.60 -18.04
N TYR E 181 22.26 -20.20 -19.11
CA TYR E 181 22.77 -19.38 -20.19
C TYR E 181 21.63 -18.76 -21.00
N LEU E 182 20.53 -19.49 -21.12
CA LEU E 182 19.32 -18.93 -21.73
C LEU E 182 18.77 -17.78 -20.90
N VAL E 183 18.73 -17.94 -19.57
CA VAL E 183 18.30 -16.84 -18.73
C VAL E 183 19.23 -15.65 -18.91
N LEU E 184 20.54 -15.90 -18.98
CA LEU E 184 21.52 -14.85 -19.24
C LEU E 184 21.25 -14.09 -20.53
N VAL E 185 20.95 -14.78 -21.62
CA VAL E 185 20.74 -14.11 -22.90
C VAL E 185 19.36 -13.46 -22.99
N VAL E 186 18.38 -13.92 -22.22
CA VAL E 186 17.03 -13.39 -22.35
C VAL E 186 16.78 -12.23 -21.38
N GLY E 187 17.25 -12.35 -20.15
CA GLY E 187 16.97 -11.37 -19.13
C GLY E 187 17.39 -9.96 -19.49
N PRO E 188 18.70 -9.74 -19.63
CA PRO E 188 19.16 -8.40 -20.07
C PRO E 188 18.62 -8.00 -21.43
N PHE E 189 18.28 -8.97 -22.28
CA PHE E 189 17.64 -8.65 -23.54
C PHE E 189 16.30 -7.97 -23.36
N MET E 190 15.42 -8.52 -22.54
CA MET E 190 14.07 -7.98 -22.44
C MET E 190 13.99 -6.75 -21.54
N ILE E 191 15.06 -6.46 -20.78
CA ILE E 191 15.18 -5.20 -20.08
C ILE E 191 14.93 -4.03 -21.01
N GLY E 218 10.81 -2.42 -12.87
CA GLY E 218 10.88 -3.61 -13.69
C GLY E 218 12.30 -4.02 -14.04
N PHE E 219 13.17 -3.02 -14.19
CA PHE E 219 14.57 -3.30 -14.50
C PHE E 219 15.26 -4.00 -13.33
N VAL E 220 14.82 -3.71 -12.09
CA VAL E 220 15.43 -4.31 -10.91
C VAL E 220 15.23 -5.82 -10.92
N ILE E 221 14.01 -6.26 -11.25
CA ILE E 221 13.72 -7.69 -11.32
C ILE E 221 14.56 -8.32 -12.43
N PHE E 222 14.66 -7.64 -13.56
CA PHE E 222 15.24 -8.16 -14.77
C PHE E 222 16.76 -7.98 -14.84
N GLY E 223 17.31 -7.03 -14.09
CA GLY E 223 18.75 -6.98 -13.91
C GLY E 223 19.28 -8.10 -13.05
N TRP E 224 18.41 -8.71 -12.23
CA TRP E 224 18.81 -9.86 -11.43
C TRP E 224 19.16 -11.06 -12.30
N LEU E 225 18.52 -11.17 -13.47
CA LEU E 225 18.75 -12.31 -14.34
C LEU E 225 20.16 -12.36 -14.89
N ALA E 226 20.89 -11.25 -14.85
CA ALA E 226 22.29 -11.27 -15.28
C ALA E 226 23.17 -12.05 -14.32
N LEU E 227 22.68 -12.40 -13.14
CA LEU E 227 23.42 -13.27 -12.22
C LEU E 227 23.58 -14.68 -12.75
N ALA E 228 22.84 -15.07 -13.79
CA ALA E 228 23.01 -16.38 -14.40
C ALA E 228 24.36 -16.55 -15.05
N VAL E 229 25.16 -15.48 -15.12
CA VAL E 229 26.52 -15.58 -15.64
C VAL E 229 27.35 -16.54 -14.81
N MET E 230 27.00 -16.72 -13.54
CA MET E 230 27.75 -17.61 -12.67
C MET E 230 27.57 -19.07 -13.11
N GLY E 231 26.32 -19.50 -13.29
CA GLY E 231 26.07 -20.84 -13.81
C GLY E 231 26.58 -21.00 -15.23
N THR E 232 26.44 -19.96 -16.05
CA THR E 232 27.03 -19.99 -17.38
C THR E 232 28.53 -20.23 -17.33
N LEU E 233 29.22 -19.55 -16.42
CA LEU E 233 30.67 -19.65 -16.39
C LEU E 233 31.11 -21.00 -15.85
N THR E 234 30.38 -21.57 -14.89
CA THR E 234 30.77 -22.90 -14.44
C THR E 234 30.46 -23.96 -15.49
N GLN E 235 29.39 -23.78 -16.27
CA GLN E 235 29.14 -24.69 -17.39
C GLN E 235 30.24 -24.57 -18.44
N THR E 236 30.67 -23.34 -18.73
CA THR E 236 31.76 -23.15 -19.69
C THR E 236 33.07 -23.70 -19.14
N PHE E 237 33.24 -23.69 -17.81
CA PHE E 237 34.40 -24.34 -17.20
C PHE E 237 34.37 -25.85 -17.40
N TYR E 238 33.18 -26.45 -17.22
CA TYR E 238 33.06 -27.88 -17.50
C TYR E 238 33.34 -28.19 -18.96
N SER E 239 32.91 -27.29 -19.86
CA SER E 239 33.29 -27.43 -21.27
C SER E 239 34.80 -27.31 -21.46
N PHE E 240 35.45 -26.40 -20.72
CA PHE E 240 36.90 -26.30 -20.74
C PHE E 240 37.55 -27.63 -20.37
N ALA E 241 37.10 -28.22 -19.26
CA ALA E 241 37.70 -29.46 -18.75
C ALA E 241 36.99 -30.69 -19.31
N GLN E 242 36.87 -30.76 -20.63
CA GLN E 242 36.30 -31.94 -21.29
C GLN E 242 37.43 -32.80 -21.87
N GLY E 243 38.22 -32.24 -22.79
CA GLY E 243 39.33 -32.95 -23.37
C GLY E 243 40.66 -32.44 -22.85
N GLY E 244 40.77 -31.12 -22.66
CA GLY E 244 41.99 -30.52 -22.17
C GLY E 244 41.96 -30.25 -20.68
N LEU E 245 41.33 -31.14 -19.92
CA LEU E 245 41.26 -30.98 -18.47
C LEU E 245 42.61 -31.11 -17.80
N GLY E 246 43.47 -31.98 -18.29
CA GLY E 246 44.78 -32.20 -17.71
C GLY E 246 45.77 -32.64 -18.76
N GLN E 247 46.98 -32.95 -18.30
CA GLN E 247 47.27 -32.98 -16.87
C GLN E 247 48.15 -31.83 -16.42
N SER E 248 48.20 -31.67 -15.09
CA SER E 248 48.56 -30.48 -14.34
C SER E 248 47.48 -30.28 -13.29
N LEU E 249 46.30 -29.84 -13.73
CA LEU E 249 45.11 -29.83 -12.91
C LEU E 249 44.81 -31.23 -12.40
N CYS E 250 44.53 -31.34 -11.10
CA CYS E 250 44.29 -32.63 -10.43
C CYS E 250 45.51 -33.53 -10.53
N GLU E 251 46.69 -32.91 -10.65
CA GLU E 251 47.96 -33.64 -10.67
C GLU E 251 49.13 -32.67 -10.58
N ALA F 7 20.93 -50.59 28.10
CA ALA F 7 19.58 -50.54 27.56
C ALA F 7 18.58 -50.22 28.67
N VAL F 8 17.35 -50.72 28.51
CA VAL F 8 16.32 -50.55 29.51
C VAL F 8 16.02 -51.93 30.11
N ARG F 9 15.75 -51.95 31.42
CA ARG F 9 15.74 -53.20 32.16
C ARG F 9 14.52 -54.07 31.85
N SER F 10 13.32 -53.59 32.16
CA SER F 10 12.12 -54.43 32.07
C SER F 10 10.96 -53.62 31.51
N HIS F 11 9.79 -54.27 31.46
CA HIS F 11 8.62 -53.68 30.82
C HIS F 11 8.04 -52.52 31.62
N ALA F 12 7.84 -52.70 32.93
CA ALA F 12 7.11 -51.71 33.72
C ALA F 12 7.91 -50.42 33.88
N GLU F 13 9.19 -50.54 34.22
CA GLU F 13 10.02 -49.35 34.38
C GLU F 13 10.24 -48.66 33.03
N ALA F 14 10.18 -49.42 31.93
CA ALA F 14 10.18 -48.79 30.61
C ALA F 14 8.93 -47.92 30.44
N VAL F 15 7.79 -48.41 30.91
CA VAL F 15 6.56 -47.62 30.85
C VAL F 15 6.70 -46.37 31.72
N GLN F 16 7.34 -46.51 32.88
CA GLN F 16 7.56 -45.35 33.75
C GLN F 16 8.46 -44.32 33.05
N VAL F 17 9.51 -44.79 32.37
CA VAL F 17 10.38 -43.89 31.62
C VAL F 17 9.60 -43.19 30.52
N SER F 18 8.74 -43.94 29.81
CA SER F 18 7.92 -43.34 28.78
C SER F 18 6.98 -42.29 29.34
N ARG F 19 6.41 -42.54 30.53
CA ARG F 19 5.53 -41.57 31.16
C ARG F 19 6.28 -40.30 31.55
N THR F 20 7.50 -40.46 32.08
CA THR F 20 8.31 -39.29 32.41
C THR F 20 8.63 -38.48 31.16
N ILE F 21 8.99 -39.17 30.07
CA ILE F 21 9.22 -38.49 28.80
C ILE F 21 7.96 -37.78 28.33
N ASP F 22 6.80 -38.42 28.51
CA ASP F 22 5.54 -37.81 28.13
C ASP F 22 5.32 -36.49 28.86
N TRP F 23 5.52 -36.51 30.17
CA TRP F 23 5.30 -35.30 30.96
C TRP F 23 6.29 -34.20 30.57
N MET F 24 7.57 -34.55 30.39
CA MET F 24 8.57 -33.54 30.04
C MET F 24 8.31 -32.96 28.65
N ALA F 25 7.95 -33.80 27.69
CA ALA F 25 7.65 -33.32 26.35
C ALA F 25 6.41 -32.44 26.35
N LEU F 26 5.39 -32.81 27.11
CA LEU F 26 4.21 -31.96 27.24
C LEU F 26 4.60 -30.60 27.80
N PHE F 27 5.45 -30.59 28.84
CA PHE F 27 5.91 -29.33 29.41
C PHE F 27 6.61 -28.46 28.38
N VAL F 28 7.58 -29.04 27.66
CA VAL F 28 8.40 -28.23 26.76
C VAL F 28 7.56 -27.72 25.59
N VAL F 29 6.73 -28.58 25.00
CA VAL F 29 5.88 -28.14 23.90
C VAL F 29 4.93 -27.06 24.37
N PHE F 30 4.30 -27.25 25.53
CA PHE F 30 3.32 -26.28 26.01
C PHE F 30 3.97 -24.92 26.18
N PHE F 31 5.13 -24.86 26.84
CA PHE F 31 5.73 -23.55 27.07
C PHE F 31 6.32 -22.92 25.81
N VAL F 32 6.92 -23.71 24.91
CA VAL F 32 7.39 -23.11 23.67
C VAL F 32 6.24 -22.56 22.85
N ILE F 33 5.12 -23.29 22.76
CA ILE F 33 3.96 -22.79 22.06
C ILE F 33 3.43 -21.54 22.73
N VAL F 34 3.40 -21.51 24.08
CA VAL F 34 2.95 -20.30 24.77
C VAL F 34 3.79 -19.11 24.34
N GLY F 35 5.12 -19.25 24.40
CA GLY F 35 5.96 -18.13 24.05
C GLY F 35 5.76 -17.65 22.62
N SER F 36 5.85 -18.58 21.66
CA SER F 36 5.78 -18.19 20.26
C SER F 36 4.41 -17.64 19.89
N TYR F 37 3.35 -18.38 20.26
CA TYR F 37 2.00 -17.97 19.92
C TYR F 37 1.63 -16.67 20.62
N HIS F 38 2.18 -16.45 21.81
CA HIS F 38 1.95 -15.20 22.53
C HIS F 38 2.60 -14.04 21.79
N ILE F 39 3.83 -14.23 21.31
CA ILE F 39 4.48 -13.21 20.49
C ILE F 39 3.63 -12.88 19.27
N HIS F 40 3.19 -13.91 18.55
CA HIS F 40 2.47 -13.69 17.30
C HIS F 40 1.15 -12.97 17.56
N ALA F 41 0.41 -13.39 18.59
CA ALA F 41 -0.86 -12.75 18.90
C ALA F 41 -0.64 -11.31 19.37
N MET F 42 0.44 -11.07 20.12
CA MET F 42 0.72 -9.72 20.58
C MET F 42 1.04 -8.77 19.45
N LEU F 43 1.84 -9.19 18.48
CA LEU F 43 2.27 -8.29 17.42
C LEU F 43 1.44 -8.42 16.15
N THR F 44 0.34 -9.18 16.19
CA THR F 44 -0.65 -9.13 15.13
C THR F 44 -2.05 -8.72 15.59
N MET F 45 -2.44 -9.02 16.82
CA MET F 45 -3.81 -8.78 17.24
C MET F 45 -3.93 -8.16 18.62
N GLY F 46 -2.84 -8.05 19.39
CA GLY F 46 -2.95 -7.76 20.82
C GLY F 46 -3.64 -6.43 21.12
N ASP F 47 -3.62 -5.50 20.16
CA ASP F 47 -4.24 -4.21 20.38
C ASP F 47 -5.72 -4.33 20.66
N TRP F 48 -6.41 -5.19 19.89
CA TRP F 48 -7.85 -5.36 20.10
C TRP F 48 -8.15 -6.16 21.36
N ASP F 49 -7.28 -7.09 21.73
CA ASP F 49 -7.52 -7.94 22.89
C ASP F 49 -7.27 -7.23 24.21
N PHE F 50 -6.66 -6.05 24.19
CA PHE F 50 -6.30 -5.35 25.42
C PHE F 50 -7.49 -4.71 26.13
N TRP F 51 -8.41 -4.10 25.39
CA TRP F 51 -9.37 -3.17 25.98
C TRP F 51 -10.79 -3.54 25.59
N SER F 52 -11.71 -3.40 26.55
CA SER F 52 -13.11 -3.69 26.29
C SER F 52 -13.69 -2.74 25.25
N ASP F 53 -13.37 -1.46 25.35
CA ASP F 53 -13.83 -0.51 24.34
C ASP F 53 -13.19 -0.76 22.98
N TRP F 54 -12.03 -1.39 22.94
CA TRP F 54 -11.40 -1.85 21.72
C TRP F 54 -12.05 -3.09 21.13
N LYS F 55 -12.68 -3.91 21.97
CA LYS F 55 -13.39 -5.10 21.50
C LYS F 55 -14.66 -4.67 20.79
N ASP F 56 -14.51 -4.24 19.54
CA ASP F 56 -15.66 -3.84 18.73
C ASP F 56 -16.29 -5.08 18.11
N ARG F 57 -17.20 -4.88 17.16
CA ARG F 57 -17.89 -5.99 16.52
C ARG F 57 -17.50 -6.19 15.07
N ARG F 58 -16.88 -5.19 14.42
CA ARG F 58 -16.41 -5.35 13.06
C ARG F 58 -14.94 -5.74 12.98
N LEU F 59 -14.05 -4.87 13.48
CA LEU F 59 -12.62 -5.10 13.28
C LEU F 59 -12.11 -6.23 14.16
N TRP F 60 -12.51 -6.26 15.44
CA TRP F 60 -12.05 -7.30 16.34
C TRP F 60 -12.47 -8.68 15.84
N VAL F 61 -13.76 -8.82 15.50
CA VAL F 61 -14.29 -10.09 15.00
C VAL F 61 -13.63 -10.46 13.69
N THR F 62 -13.41 -9.49 12.80
CA THR F 62 -12.78 -9.79 11.52
C THR F 62 -11.35 -10.28 11.71
N VAL F 63 -10.57 -9.57 12.53
CA VAL F 63 -9.13 -9.79 12.56
C VAL F 63 -8.72 -10.95 13.46
N THR F 64 -9.30 -11.08 14.66
CA THR F 64 -8.74 -12.01 15.63
C THR F 64 -8.67 -13.46 15.14
N PRO F 65 -9.73 -14.07 14.61
CA PRO F 65 -9.59 -15.45 14.14
C PRO F 65 -8.56 -15.60 13.02
N ILE F 66 -8.48 -14.61 12.12
CA ILE F 66 -7.58 -14.72 10.97
C ILE F 66 -6.14 -14.88 11.43
N VAL F 67 -5.70 -14.05 12.38
CA VAL F 67 -4.32 -14.10 12.85
C VAL F 67 -4.14 -14.98 14.07
N LEU F 68 -5.21 -15.62 14.56
CA LEU F 68 -5.10 -16.54 15.68
C LEU F 68 -5.23 -17.99 15.28
N VAL F 69 -5.68 -18.29 14.06
CA VAL F 69 -5.66 -19.68 13.58
C VAL F 69 -4.31 -20.12 13.07
N THR F 70 -3.30 -19.25 13.09
CA THR F 70 -2.01 -19.58 12.49
C THR F 70 -1.35 -20.76 13.20
N PHE F 71 -0.99 -20.55 14.48
CA PHE F 71 -0.27 -21.57 15.23
C PHE F 71 -1.08 -22.85 15.45
N PRO F 72 -2.37 -22.79 15.81
CA PRO F 72 -3.13 -24.04 15.94
C PRO F 72 -3.10 -24.88 14.69
N ALA F 73 -3.12 -24.26 13.50
CA ALA F 73 -3.06 -25.03 12.27
C ALA F 73 -1.78 -25.87 12.20
N ALA F 74 -0.63 -25.23 12.41
CA ALA F 74 0.64 -25.94 12.32
C ALA F 74 0.75 -27.01 13.39
N VAL F 75 0.37 -26.66 14.63
CA VAL F 75 0.52 -27.62 15.72
C VAL F 75 -0.40 -28.81 15.51
N GLN F 76 -1.61 -28.57 15.00
CA GLN F 76 -2.50 -29.68 14.69
C GLN F 76 -1.91 -30.55 13.58
N SER F 77 -1.44 -29.91 12.50
CA SER F 77 -0.90 -30.66 11.37
C SER F 77 0.28 -31.52 11.79
N TYR F 78 1.04 -31.09 12.78
CA TYR F 78 2.14 -31.92 13.28
C TYR F 78 1.66 -32.99 14.23
N LEU F 79 0.92 -32.60 15.27
CA LEU F 79 0.57 -33.54 16.34
C LEU F 79 -0.32 -34.66 15.81
N TRP F 80 -1.34 -34.32 15.02
CA TRP F 80 -2.19 -35.36 14.46
C TRP F 80 -1.39 -36.32 13.59
N GLU F 81 -0.65 -35.79 12.63
CA GLU F 81 0.08 -36.65 11.69
C GLU F 81 1.13 -37.51 12.39
N ARG F 82 1.67 -37.05 13.51
CA ARG F 82 2.79 -37.77 14.11
C ARG F 82 2.42 -38.61 15.33
N TYR F 83 1.29 -38.34 16.00
CA TYR F 83 0.92 -39.14 17.16
C TYR F 83 -0.57 -39.43 17.29
N ARG F 84 -1.40 -39.01 16.34
CA ARG F 84 -2.86 -39.10 16.48
C ARG F 84 -3.33 -38.42 17.76
N LEU F 85 -2.79 -37.21 18.01
CA LEU F 85 -3.18 -36.39 19.14
C LEU F 85 -4.01 -35.21 18.67
N PRO F 86 -5.34 -35.22 18.87
CA PRO F 86 -6.20 -34.14 18.40
C PRO F 86 -6.44 -33.03 19.43
N TRP F 87 -5.35 -32.47 19.97
CA TRP F 87 -5.52 -31.34 20.88
C TRP F 87 -4.45 -30.27 20.69
N GLY F 88 -3.88 -30.17 19.49
CA GLY F 88 -2.90 -29.13 19.24
C GLY F 88 -3.50 -27.74 19.35
N ALA F 89 -4.63 -27.53 18.67
CA ALA F 89 -5.32 -26.22 18.77
C ALA F 89 -5.66 -25.95 20.23
N THR F 90 -6.12 -26.98 20.95
CA THR F 90 -6.47 -26.82 22.39
C THR F 90 -5.24 -26.34 23.16
N VAL F 91 -4.13 -27.07 23.11
CA VAL F 91 -2.92 -26.70 23.90
C VAL F 91 -2.45 -25.30 23.48
N CYS F 92 -2.65 -24.91 22.22
CA CYS F 92 -2.24 -23.56 21.83
C CYS F 92 -3.12 -22.51 22.49
N VAL F 93 -4.45 -22.70 22.40
CA VAL F 93 -5.37 -21.71 22.95
C VAL F 93 -5.26 -21.65 24.47
N LEU F 94 -5.17 -22.80 25.14
CA LEU F 94 -5.03 -22.79 26.59
C LEU F 94 -3.75 -22.11 27.03
N GLY F 95 -2.65 -22.35 26.34
CA GLY F 95 -1.40 -21.69 26.69
C GLY F 95 -1.45 -20.19 26.47
N LEU F 96 -2.04 -19.76 25.34
CA LEU F 96 -2.17 -18.33 25.10
C LEU F 96 -3.03 -17.67 26.17
N LEU F 97 -4.16 -18.31 26.52
CA LEU F 97 -5.03 -17.75 27.54
C LEU F 97 -4.34 -17.73 28.90
N LEU F 98 -3.56 -18.77 29.20
CA LEU F 98 -2.83 -18.79 30.46
C LEU F 98 -1.84 -17.63 30.56
N GLY F 99 -1.02 -17.45 29.53
CA GLY F 99 -0.09 -16.32 29.54
C GLY F 99 -0.80 -14.99 29.61
N GLU F 100 -1.87 -14.84 28.83
CA GLU F 100 -2.61 -13.59 28.83
C GLU F 100 -3.18 -13.28 30.20
N TRP F 101 -3.76 -14.29 30.85
CA TRP F 101 -4.39 -14.07 32.16
C TRP F 101 -3.36 -13.81 33.24
N ILE F 102 -2.27 -14.57 33.26
CA ILE F 102 -1.20 -14.31 34.22
C ILE F 102 -0.72 -12.88 34.09
N ASN F 103 -0.50 -12.41 32.86
CA ASN F 103 -0.05 -11.04 32.72
C ASN F 103 -1.12 -10.02 33.09
N ARG F 104 -2.38 -10.26 32.69
CA ARG F 104 -3.45 -9.35 33.06
C ARG F 104 -3.54 -9.18 34.57
N TYR F 105 -3.34 -10.26 35.32
CA TYR F 105 -3.50 -10.19 36.77
C TYR F 105 -2.23 -9.74 37.48
N PHE F 106 -1.07 -9.90 36.84
CA PHE F 106 0.18 -9.58 37.55
C PHE F 106 0.75 -8.22 37.17
N ASN F 107 0.54 -7.76 35.94
CA ASN F 107 1.13 -6.51 35.46
C ASN F 107 0.06 -5.48 35.10
N PHE F 108 -0.95 -5.87 34.32
CA PHE F 108 -2.03 -4.94 33.99
C PHE F 108 -2.79 -4.53 35.24
N TRP F 109 -2.90 -5.44 36.21
CA TRP F 109 -3.61 -5.17 37.45
C TRP F 109 -2.66 -5.08 38.65
N GLY F 110 -1.48 -5.68 38.58
CA GLY F 110 -0.52 -5.62 39.66
C GLY F 110 0.38 -4.40 39.62
N TRP F 111 1.12 -4.24 38.52
CA TRP F 111 2.01 -3.10 38.35
C TRP F 111 1.18 -1.84 38.12
N THR F 112 0.42 -1.82 37.04
CA THR F 112 -0.62 -0.82 36.85
C THR F 112 -1.86 -1.25 37.62
N TYR F 113 -2.95 -0.50 37.42
CA TYR F 113 -4.19 -0.84 38.10
C TYR F 113 -5.39 -0.73 37.16
N PHE F 114 -5.24 -1.25 35.94
CA PHE F 114 -6.37 -1.35 35.03
C PHE F 114 -7.30 -2.45 35.51
N PRO F 115 -8.62 -2.21 35.56
CA PRO F 115 -9.54 -3.23 36.07
C PRO F 115 -9.58 -4.46 35.18
N ILE F 116 -9.82 -5.61 35.81
CA ILE F 116 -9.87 -6.88 35.10
C ILE F 116 -11.03 -6.90 34.12
N ASN F 117 -12.19 -6.40 34.54
CA ASN F 117 -13.32 -6.33 33.62
C ASN F 117 -13.08 -5.36 32.48
N PHE F 118 -12.04 -4.52 32.57
CA PHE F 118 -11.65 -3.64 31.49
C PHE F 118 -10.58 -4.24 30.59
N VAL F 119 -9.71 -5.10 31.11
CA VAL F 119 -8.61 -5.64 30.34
C VAL F 119 -8.70 -7.16 30.18
N PHE F 120 -9.90 -7.73 30.29
CA PHE F 120 -10.06 -9.16 30.13
C PHE F 120 -9.71 -9.58 28.70
N PRO F 121 -9.11 -10.75 28.53
CA PRO F 121 -8.77 -11.23 27.19
C PRO F 121 -9.97 -11.92 26.54
N ALA F 122 -9.79 -12.30 25.27
CA ALA F 122 -10.84 -12.94 24.50
C ALA F 122 -10.81 -14.46 24.71
N SER F 123 -11.97 -15.09 24.50
CA SER F 123 -12.10 -16.53 24.68
C SER F 123 -12.07 -17.24 23.33
N LEU F 124 -11.26 -18.30 23.25
CA LEU F 124 -11.10 -19.06 22.00
C LEU F 124 -11.20 -20.56 22.21
N VAL F 125 -11.48 -21.01 23.44
CA VAL F 125 -11.60 -22.44 23.71
C VAL F 125 -12.67 -23.11 22.86
N PRO F 126 -13.87 -22.52 22.66
CA PRO F 126 -14.83 -23.16 21.74
C PRO F 126 -14.27 -23.35 20.33
N GLY F 127 -13.55 -22.36 19.81
CA GLY F 127 -12.95 -22.50 18.50
C GLY F 127 -11.93 -23.61 18.46
N ALA F 128 -11.08 -23.70 19.48
CA ALA F 128 -10.10 -24.78 19.53
C ALA F 128 -10.78 -26.14 19.59
N ILE F 129 -11.83 -26.25 20.41
CA ILE F 129 -12.54 -27.52 20.56
C ILE F 129 -13.16 -27.95 19.25
N ILE F 130 -13.82 -27.01 18.56
CA ILE F 130 -14.42 -27.33 17.27
C ILE F 130 -13.36 -27.75 16.28
N LEU F 131 -12.27 -26.98 16.21
CA LEU F 131 -11.18 -27.27 15.24
C LEU F 131 -10.60 -28.66 15.52
N ASP F 132 -10.53 -29.07 16.79
CA ASP F 132 -9.90 -30.36 17.16
C ASP F 132 -10.83 -31.54 16.87
N THR F 133 -12.13 -31.37 17.15
CA THR F 133 -13.12 -32.45 16.87
C THR F 133 -13.25 -32.62 15.35
N VAL F 134 -13.57 -31.55 14.63
CA VAL F 134 -13.69 -31.60 13.14
C VAL F 134 -12.37 -32.13 12.54
N LEU F 135 -11.25 -32.01 13.26
CA LEU F 135 -10.04 -32.61 12.74
C LEU F 135 -10.04 -34.12 12.93
N MET F 136 -10.13 -34.59 14.17
CA MET F 136 -9.98 -36.02 14.42
C MET F 136 -11.13 -36.80 13.81
N LEU F 137 -12.36 -36.36 14.08
CA LEU F 137 -13.50 -36.90 13.35
C LEU F 137 -13.38 -36.50 11.89
N SER F 138 -13.53 -37.46 10.98
CA SER F 138 -13.31 -37.20 9.56
C SER F 138 -11.90 -36.67 9.35
N GLY F 139 -10.90 -37.53 9.62
CA GLY F 139 -9.53 -37.06 9.71
C GLY F 139 -9.02 -36.31 8.50
N SER F 140 -9.84 -36.21 7.45
CA SER F 140 -9.48 -35.46 6.26
C SER F 140 -9.06 -34.04 6.62
N TYR F 141 -7.80 -33.71 6.30
CA TYR F 141 -7.30 -32.36 6.58
C TYR F 141 -8.03 -31.31 5.77
N LEU F 142 -8.40 -31.62 4.52
CA LEU F 142 -9.17 -30.67 3.73
C LEU F 142 -10.55 -30.43 4.35
N PHE F 143 -11.20 -31.50 4.79
CA PHE F 143 -12.48 -31.33 5.48
C PHE F 143 -12.31 -30.50 6.74
N THR F 144 -11.21 -30.71 7.46
CA THR F 144 -10.95 -29.89 8.64
C THR F 144 -10.81 -28.42 8.25
N ALA F 145 -9.94 -28.12 7.28
CA ALA F 145 -9.71 -26.74 6.87
C ALA F 145 -10.97 -26.09 6.33
N ILE F 146 -11.93 -26.88 5.83
CA ILE F 146 -13.16 -26.32 5.31
C ILE F 146 -14.19 -26.10 6.41
N VAL F 147 -14.40 -27.07 7.30
CA VAL F 147 -15.51 -27.02 8.24
C VAL F 147 -15.06 -26.44 9.58
N GLY F 148 -13.97 -26.97 10.13
CA GLY F 148 -13.52 -26.50 11.43
C GLY F 148 -13.07 -25.05 11.42
N ALA F 149 -12.46 -24.62 10.31
CA ALA F 149 -12.09 -23.21 10.20
C ALA F 149 -13.33 -22.32 10.14
N MET F 150 -14.36 -22.75 9.41
CA MET F 150 -15.61 -22.00 9.41
C MET F 150 -16.21 -21.93 10.79
N GLY F 151 -16.18 -23.05 11.53
CA GLY F 151 -16.68 -23.04 12.89
C GLY F 151 -15.90 -22.10 13.79
N TRP F 152 -14.57 -22.13 13.68
CA TRP F 152 -13.73 -21.24 14.46
C TRP F 152 -14.07 -19.79 14.18
N GLY F 153 -14.20 -19.43 12.90
CA GLY F 153 -14.53 -18.06 12.56
C GLY F 153 -15.91 -17.65 13.02
N LEU F 154 -16.89 -18.54 12.87
CA LEU F 154 -18.27 -18.18 13.16
C LEU F 154 -18.56 -18.11 14.65
N ILE F 155 -17.98 -19.02 15.45
CA ILE F 155 -18.34 -19.09 16.87
C ILE F 155 -17.53 -18.15 17.74
N PHE F 156 -16.61 -17.38 17.16
CA PHE F 156 -15.79 -16.48 17.97
C PHE F 156 -16.64 -15.44 18.68
N TYR F 157 -17.34 -14.61 17.93
CA TYR F 157 -18.15 -13.56 18.55
C TYR F 157 -19.28 -14.11 19.42
N PRO F 158 -20.08 -15.09 18.99
CA PRO F 158 -21.05 -15.66 19.94
C PRO F 158 -20.40 -16.31 21.13
N GLY F 159 -19.16 -16.79 21.00
CA GLY F 159 -18.46 -17.32 22.15
C GLY F 159 -18.15 -16.28 23.20
N ASN F 160 -17.78 -15.07 22.77
CA ASN F 160 -17.48 -13.98 23.69
C ASN F 160 -18.70 -13.14 24.02
N TRP F 161 -19.85 -13.40 23.40
CA TRP F 161 -21.05 -12.65 23.71
C TRP F 161 -21.46 -12.75 25.18
N PRO F 162 -21.43 -13.91 25.84
CA PRO F 162 -21.80 -13.93 27.27
C PRO F 162 -20.91 -13.03 28.13
N ILE F 163 -19.66 -12.81 27.74
CA ILE F 163 -18.77 -11.99 28.54
C ILE F 163 -19.00 -10.50 28.28
N ILE F 164 -19.09 -10.12 27.01
CA ILE F 164 -19.15 -8.70 26.65
C ILE F 164 -20.55 -8.14 26.59
N ALA F 165 -21.58 -8.98 26.66
CA ALA F 165 -22.96 -8.52 26.61
C ALA F 165 -23.29 -7.55 27.74
N PRO F 166 -22.90 -7.81 28.99
CA PRO F 166 -23.19 -6.83 30.05
C PRO F 166 -22.49 -5.50 29.86
N LEU F 167 -21.45 -5.45 29.03
CA LEU F 167 -20.70 -4.22 28.80
C LEU F 167 -21.28 -3.38 27.67
N HIS F 168 -22.41 -3.79 27.09
CA HIS F 168 -23.03 -3.05 26.00
C HIS F 168 -24.35 -2.41 26.41
N VAL F 169 -24.58 -2.25 27.71
CA VAL F 169 -25.81 -1.62 28.18
C VAL F 169 -25.72 -0.12 27.92
N PRO F 170 -26.70 0.46 27.22
CA PRO F 170 -26.64 1.90 26.92
C PRO F 170 -26.68 2.74 28.19
N VAL F 171 -25.90 3.82 28.19
CA VAL F 171 -25.85 4.75 29.31
C VAL F 171 -25.81 6.18 28.77
N GLU F 172 -26.58 7.06 29.40
CA GLU F 172 -26.52 8.49 29.09
C GLU F 172 -25.45 9.11 29.98
N TYR F 173 -24.30 9.43 29.38
CA TYR F 173 -23.15 9.95 30.13
C TYR F 173 -22.95 11.41 29.72
N ASN F 174 -23.45 12.32 30.56
CA ASN F 174 -23.25 13.76 30.38
C ASN F 174 -23.74 14.23 29.01
N GLY F 175 -24.94 13.77 28.63
CA GLY F 175 -25.58 14.22 27.41
C GLY F 175 -25.23 13.43 26.16
N MET F 176 -24.33 12.46 26.26
CA MET F 176 -23.98 11.61 25.12
C MET F 176 -24.21 10.14 25.45
N LEU F 177 -24.76 9.41 24.50
CA LEU F 177 -25.01 7.99 24.69
C LEU F 177 -23.68 7.24 24.65
N MET F 178 -23.45 6.40 25.65
CA MET F 178 -22.22 5.64 25.75
C MET F 178 -22.53 4.22 26.20
N SER F 179 -21.65 3.30 25.84
CA SER F 179 -21.74 1.94 26.35
C SER F 179 -20.90 1.81 27.61
N ILE F 180 -21.09 0.69 28.32
CA ILE F 180 -20.31 0.45 29.53
C ILE F 180 -18.83 0.34 29.20
N ALA F 181 -18.51 -0.36 28.10
CA ALA F 181 -17.12 -0.45 27.67
C ALA F 181 -16.57 0.93 27.30
N ASP F 182 -17.37 1.74 26.61
CA ASP F 182 -16.95 3.09 26.26
C ASP F 182 -16.73 3.93 27.50
N ILE F 183 -17.60 3.81 28.50
CA ILE F 183 -17.42 4.56 29.74
C ILE F 183 -16.16 4.11 30.46
N GLN F 184 -15.89 2.80 30.47
CA GLN F 184 -14.68 2.29 31.11
C GLN F 184 -13.45 2.85 30.43
N GLY F 185 -13.43 2.84 29.10
CA GLY F 185 -12.30 3.39 28.37
C GLY F 185 -12.15 4.89 28.57
N TYR F 186 -13.26 5.61 28.67
CA TYR F 186 -13.20 7.04 28.89
C TYR F 186 -12.66 7.36 30.29
N ASN F 187 -13.09 6.59 31.29
CA ASN F 187 -12.69 6.83 32.67
C ASN F 187 -11.25 6.42 32.91
N TYR F 188 -10.94 5.14 32.74
CA TYR F 188 -9.58 4.67 32.96
C TYR F 188 -8.70 5.06 31.78
N VAL F 189 -7.76 5.97 32.01
CA VAL F 189 -6.99 6.55 30.92
C VAL F 189 -5.92 5.58 30.45
N ARG F 190 -5.62 5.62 29.16
CA ARG F 190 -4.53 4.85 28.56
C ARG F 190 -3.62 5.85 27.86
N THR F 191 -2.47 6.12 28.46
CA THR F 191 -1.57 7.15 27.93
C THR F 191 -1.10 6.80 26.52
N GLY F 192 -0.72 5.55 26.30
CA GLY F 192 -0.21 5.14 25.01
C GLY F 192 -1.23 4.75 23.98
N THR F 193 -2.51 4.65 24.35
CA THR F 193 -3.56 4.19 23.44
C THR F 193 -4.73 5.16 23.44
N PRO F 194 -4.61 6.26 22.70
CA PRO F 194 -5.74 7.20 22.60
C PRO F 194 -6.90 6.64 21.80
N GLU F 195 -7.99 7.40 21.79
CA GLU F 195 -9.25 6.94 21.21
C GLU F 195 -9.15 6.80 19.69
N TYR F 196 -8.43 7.70 19.02
CA TYR F 196 -8.41 7.64 17.56
C TYR F 196 -7.74 6.38 17.03
N ILE F 197 -6.84 5.77 17.80
CA ILE F 197 -6.22 4.53 17.35
C ILE F 197 -7.24 3.40 17.26
N ARG F 198 -8.38 3.51 17.94
CA ARG F 198 -9.31 2.39 17.94
C ARG F 198 -9.88 2.15 16.55
N MET F 199 -9.31 1.16 15.86
CA MET F 199 -9.86 0.65 14.61
C MET F 199 -11.09 -0.14 14.99
N VAL F 200 -12.22 0.56 15.09
CA VAL F 200 -13.49 -0.03 15.48
C VAL F 200 -14.53 0.38 14.44
N GLU F 201 -15.72 -0.19 14.57
CA GLU F 201 -16.80 0.14 13.65
C GLU F 201 -17.17 1.61 13.80
N LYS F 202 -16.89 2.39 12.76
CA LYS F 202 -17.23 3.80 12.73
C LYS F 202 -18.36 4.14 11.77
N GLY F 203 -19.04 3.13 11.23
CA GLY F 203 -20.12 3.36 10.29
C GLY F 203 -19.64 3.38 8.85
N THR F 204 -20.50 3.02 7.92
CA THR F 204 -20.24 3.10 6.50
C THR F 204 -21.57 3.31 5.78
N LEU F 205 -21.51 3.87 4.57
CA LEU F 205 -22.70 4.05 3.76
C LEU F 205 -23.03 2.82 2.91
N ARG F 206 -22.37 1.69 3.17
CA ARG F 206 -22.62 0.45 2.46
C ARG F 206 -22.79 -0.72 3.43
N THR F 207 -23.30 -0.43 4.62
CA THR F 207 -23.68 -1.46 5.59
C THR F 207 -25.21 -1.44 5.69
N PHE F 208 -25.82 -2.53 5.24
CA PHE F 208 -27.27 -2.55 5.08
C PHE F 208 -27.92 -3.27 6.25
N GLY F 209 -28.74 -2.55 7.01
CA GLY F 209 -29.48 -3.13 8.11
C GLY F 209 -28.61 -3.65 9.23
N LYS F 210 -29.05 -4.73 9.88
CA LYS F 210 -28.33 -5.33 11.00
C LYS F 210 -27.55 -6.53 10.49
N ASP F 211 -26.36 -6.26 9.92
CA ASP F 211 -25.54 -7.32 9.36
C ASP F 211 -24.05 -7.12 9.62
N VAL F 212 -23.65 -6.21 10.50
CA VAL F 212 -22.23 -5.95 10.71
C VAL F 212 -21.56 -7.18 11.32
N ALA F 213 -22.14 -7.73 12.39
CA ALA F 213 -21.56 -8.91 13.03
C ALA F 213 -21.56 -10.13 12.12
N PRO F 214 -22.66 -10.51 11.48
CA PRO F 214 -22.62 -11.75 10.67
C PRO F 214 -21.69 -11.66 9.47
N VAL F 215 -21.71 -10.53 8.73
CA VAL F 215 -20.87 -10.42 7.54
C VAL F 215 -19.41 -10.49 7.92
N SER F 216 -19.02 -9.77 8.97
CA SER F 216 -17.64 -9.83 9.43
C SER F 216 -17.27 -11.23 9.89
N ALA F 217 -18.20 -11.92 10.58
CA ALA F 217 -17.93 -13.28 11.03
C ALA F 217 -17.69 -14.22 9.86
N PHE F 218 -18.51 -14.12 8.81
CA PHE F 218 -18.31 -14.98 7.64
C PHE F 218 -17.03 -14.65 6.90
N PHE F 219 -16.70 -13.36 6.76
CA PHE F 219 -15.44 -13.02 6.10
C PHE F 219 -14.25 -13.54 6.90
N SER F 220 -14.31 -13.43 8.23
CA SER F 220 -13.27 -14.00 9.07
C SER F 220 -13.20 -15.51 8.92
N ALA F 221 -14.35 -16.18 8.78
CA ALA F 221 -14.34 -17.63 8.60
C ALA F 221 -13.64 -18.02 7.30
N PHE F 222 -13.95 -17.34 6.20
CA PHE F 222 -13.30 -17.68 4.93
C PHE F 222 -11.81 -17.38 4.98
N MET F 223 -11.43 -16.22 5.52
CA MET F 223 -10.01 -15.90 5.61
C MET F 223 -9.29 -16.86 6.54
N SER F 224 -9.98 -17.36 7.57
CA SER F 224 -9.39 -18.36 8.44
C SER F 224 -9.22 -19.68 7.72
N ILE F 225 -10.15 -20.03 6.83
CA ILE F 225 -9.94 -21.20 5.97
C ILE F 225 -8.65 -21.06 5.19
N LEU F 226 -8.46 -19.90 4.56
CA LEU F 226 -7.25 -19.68 3.76
C LEU F 226 -6.00 -19.75 4.62
N ILE F 227 -6.02 -19.11 5.80
CA ILE F 227 -4.84 -19.07 6.65
C ILE F 227 -4.54 -20.46 7.21
N TYR F 228 -5.57 -21.23 7.55
CA TYR F 228 -5.37 -22.60 7.98
C TYR F 228 -4.76 -23.44 6.89
N PHE F 229 -5.23 -23.27 5.65
CA PHE F 229 -4.68 -24.03 4.54
C PHE F 229 -3.21 -23.70 4.32
N MET F 230 -2.84 -22.43 4.47
CA MET F 230 -1.43 -22.05 4.35
C MET F 230 -0.60 -22.62 5.50
N TRP F 231 -1.07 -22.44 6.73
CA TRP F 231 -0.26 -22.80 7.88
C TRP F 231 -0.19 -24.30 8.10
N HIS F 232 -1.10 -25.08 7.51
CA HIS F 232 -0.93 -26.53 7.52
C HIS F 232 0.37 -26.91 6.81
N PHE F 233 0.61 -26.32 5.63
CA PHE F 233 1.83 -26.60 4.91
C PHE F 233 3.05 -25.98 5.59
N ILE F 234 2.91 -24.80 6.18
CA ILE F 234 4.02 -24.22 6.93
C ILE F 234 4.41 -25.13 8.09
N GLY F 235 3.42 -25.67 8.81
CA GLY F 235 3.71 -26.60 9.89
C GLY F 235 4.29 -27.91 9.41
N ARG F 236 3.82 -28.36 8.24
CA ARG F 236 4.33 -29.63 7.64
C ARG F 236 5.84 -29.51 7.43
N TRP F 237 6.32 -28.36 6.94
CA TRP F 237 7.79 -28.16 6.80
C TRP F 237 8.41 -27.98 8.18
N PHE F 238 7.78 -27.21 9.06
CA PHE F 238 8.29 -27.03 10.44
C PHE F 238 8.35 -28.40 11.15
N SER F 239 7.85 -29.45 10.49
CA SER F 239 7.89 -30.77 11.08
C SER F 239 8.95 -31.68 10.44
N ASN F 240 9.80 -31.13 9.58
CA ASN F 240 10.79 -31.96 8.91
C ASN F 240 11.85 -32.43 9.91
N GLU F 241 12.60 -33.47 9.50
CA GLU F 241 13.73 -33.96 10.34
C GLU F 241 14.97 -33.95 9.46
N ARG F 242 15.21 -32.87 8.73
CA ARG F 242 16.35 -32.80 7.77
C ARG F 242 17.69 -32.86 8.49
N PHE F 243 18.66 -33.58 7.92
CA PHE F 243 20.02 -33.64 8.52
C PHE F 243 20.99 -32.87 7.62
N LEU F 244 21.08 -31.56 7.81
CA LEU F 244 22.03 -30.71 7.04
C LEU F 244 23.47 -31.11 7.40
N GLN F 245 24.42 -30.93 6.48
CA GLN F 245 25.83 -31.31 6.73
C GLN F 245 26.75 -30.15 6.34
N SER F 246 26.54 -28.97 6.94
CA SER F 246 27.36 -27.78 6.60
C SER F 246 26.51 -26.50 6.73
N THR F 247 26.26 -26.06 7.98
CA THR F 247 25.44 -24.85 8.24
C THR F 247 25.96 -23.68 7.39
N ALA G 7 44.23 -32.44 -27.85
CA ALA G 7 44.26 -32.23 -26.40
C ALA G 7 45.19 -31.07 -26.06
N VAL G 8 45.78 -31.13 -24.87
CA VAL G 8 46.75 -30.15 -24.43
C VAL G 8 48.11 -30.81 -24.35
N ARG G 9 49.16 -30.07 -24.72
CA ARG G 9 50.46 -30.67 -24.96
C ARG G 9 51.17 -31.12 -23.68
N SER G 10 51.50 -30.18 -22.79
CA SER G 10 52.34 -30.48 -21.64
C SER G 10 51.82 -29.74 -20.40
N HIS G 11 52.57 -29.89 -19.30
CA HIS G 11 52.13 -29.36 -18.01
C HIS G 11 52.18 -27.84 -17.95
N ALA G 12 53.31 -27.25 -18.38
CA ALA G 12 53.51 -25.82 -18.16
C ALA G 12 52.59 -24.98 -19.04
N GLU G 13 52.49 -25.32 -20.32
CA GLU G 13 51.60 -24.58 -21.20
C GLU G 13 50.14 -24.80 -20.83
N ALA G 14 49.82 -25.95 -20.21
CA ALA G 14 48.49 -26.13 -19.65
C ALA G 14 48.24 -25.13 -18.53
N VAL G 15 49.25 -24.88 -17.70
CA VAL G 15 49.14 -23.88 -16.64
C VAL G 15 48.97 -22.49 -17.25
N GLN G 16 49.67 -22.22 -18.36
CA GLN G 16 49.50 -20.93 -19.04
C GLN G 16 48.08 -20.76 -19.57
N VAL G 17 47.54 -21.84 -20.15
CA VAL G 17 46.16 -21.80 -20.64
C VAL G 17 45.20 -21.55 -19.49
N SER G 18 45.43 -22.22 -18.36
CA SER G 18 44.57 -22.02 -17.19
C SER G 18 44.67 -20.58 -16.69
N ARG G 19 45.86 -19.99 -16.73
CA ARG G 19 46.01 -18.59 -16.30
C ARG G 19 45.26 -17.64 -17.25
N THR G 20 45.34 -17.91 -18.55
CA THR G 20 44.61 -17.09 -19.51
C THR G 20 43.11 -17.19 -19.27
N ILE G 21 42.62 -18.41 -19.03
CA ILE G 21 41.22 -18.61 -18.69
C ILE G 21 40.86 -17.87 -17.41
N ASP G 22 41.76 -17.90 -16.43
CA ASP G 22 41.53 -17.19 -15.17
C ASP G 22 41.32 -15.71 -15.42
N TRP G 23 42.21 -15.10 -16.20
CA TRP G 23 42.11 -13.67 -16.47
C TRP G 23 40.84 -13.33 -17.23
N MET G 24 40.51 -14.13 -18.25
CA MET G 24 39.31 -13.85 -19.05
C MET G 24 38.04 -14.01 -18.22
N ALA G 25 37.97 -15.05 -17.39
CA ALA G 25 36.80 -15.26 -16.55
C ALA G 25 36.68 -14.16 -15.51
N LEU G 26 37.80 -13.72 -14.94
CA LEU G 26 37.76 -12.59 -14.02
C LEU G 26 37.20 -11.35 -14.72
N PHE G 27 37.67 -11.09 -15.95
CA PHE G 27 37.17 -9.95 -16.72
C PHE G 27 35.66 -10.04 -16.91
N VAL G 28 35.17 -11.18 -17.40
CA VAL G 28 33.76 -11.29 -17.76
C VAL G 28 32.88 -11.21 -16.52
N VAL G 29 33.26 -11.92 -15.44
CA VAL G 29 32.47 -11.84 -14.22
C VAL G 29 32.47 -10.43 -13.67
N PHE G 30 33.63 -9.78 -13.64
CA PHE G 30 33.70 -8.44 -13.07
C PHE G 30 32.78 -7.49 -13.81
N PHE G 31 32.84 -7.49 -15.15
CA PHE G 31 32.01 -6.54 -15.88
C PHE G 31 30.52 -6.89 -15.86
N VAL G 32 30.16 -8.17 -15.91
CA VAL G 32 28.73 -8.51 -15.81
C VAL G 32 28.19 -8.10 -14.44
N ILE G 33 28.94 -8.35 -13.36
CA ILE G 33 28.52 -7.93 -12.04
C ILE G 33 28.41 -6.41 -11.97
N VAL G 34 29.37 -5.70 -12.58
CA VAL G 34 29.29 -4.24 -12.60
C VAL G 34 27.98 -3.79 -13.22
N GLY G 35 27.66 -4.32 -14.40
CA GLY G 35 26.44 -3.89 -15.08
C GLY G 35 25.19 -4.19 -14.27
N SER G 36 25.04 -5.44 -13.84
CA SER G 36 23.81 -5.83 -13.16
C SER G 36 23.66 -5.14 -11.81
N TYR G 37 24.72 -5.17 -11.00
CA TYR G 37 24.68 -4.57 -9.67
C TYR G 37 24.51 -3.07 -9.77
N HIS G 38 25.05 -2.46 -10.82
CA HIS G 38 24.89 -1.03 -11.03
C HIS G 38 23.43 -0.71 -11.34
N ILE G 39 22.80 -1.51 -12.20
CA ILE G 39 21.37 -1.35 -12.47
C ILE G 39 20.57 -1.44 -11.18
N HIS G 40 20.82 -2.47 -10.38
CA HIS G 40 20.03 -2.69 -9.18
C HIS G 40 20.21 -1.55 -8.19
N ALA G 41 21.45 -1.11 -7.98
CA ALA G 41 21.70 -0.01 -7.05
C ALA G 41 21.09 1.29 -7.56
N MET G 42 21.12 1.50 -8.88
CA MET G 42 20.54 2.71 -9.44
C MET G 42 19.04 2.77 -9.28
N LEU G 43 18.34 1.66 -9.50
CA LEU G 43 16.89 1.69 -9.44
C LEU G 43 16.32 1.20 -8.11
N THR G 44 17.18 1.01 -7.10
CA THR G 44 16.70 0.83 -5.74
C THR G 44 17.24 1.86 -4.76
N MET G 45 18.45 2.38 -4.97
CA MET G 45 19.06 3.24 -3.96
C MET G 45 19.71 4.49 -4.54
N GLY G 46 19.85 4.60 -5.86
CA GLY G 46 20.72 5.61 -6.45
C GLY G 46 20.36 7.03 -6.07
N ASP G 47 19.10 7.27 -5.71
CA ASP G 47 18.67 8.62 -5.37
C ASP G 47 19.44 9.16 -4.17
N TRP G 48 19.63 8.32 -3.14
CA TRP G 48 20.35 8.76 -1.96
C TRP G 48 21.85 8.88 -2.22
N ASP G 49 22.40 8.05 -3.10
CA ASP G 49 23.84 8.05 -3.36
C ASP G 49 24.27 9.22 -4.23
N PHE G 50 23.34 9.93 -4.85
CA PHE G 50 23.68 10.99 -5.80
C PHE G 50 24.19 12.26 -5.12
N TRP G 51 23.58 12.67 -4.01
CA TRP G 51 23.76 14.02 -3.50
C TRP G 51 24.18 14.01 -2.04
N SER G 52 25.08 14.93 -1.69
CA SER G 52 25.54 15.03 -0.30
C SER G 52 24.40 15.44 0.63
N ASP G 53 23.58 16.39 0.21
CA ASP G 53 22.42 16.78 1.01
C ASP G 53 21.39 15.67 1.10
N TRP G 54 21.37 14.76 0.13
CA TRP G 54 20.55 13.56 0.18
C TRP G 54 21.11 12.50 1.11
N LYS G 55 22.42 12.49 1.33
CA LYS G 55 23.03 11.54 2.27
C LYS G 55 22.67 11.95 3.70
N ASP G 56 21.46 11.59 4.11
CA ASP G 56 21.02 11.88 5.46
C ASP G 56 21.53 10.78 6.40
N ARG G 57 21.02 10.76 7.63
CA ARG G 57 21.47 9.79 8.61
C ARG G 57 20.41 8.74 8.95
N ARG G 58 19.14 8.99 8.63
CA ARG G 58 18.08 8.01 8.86
C ARG G 58 17.79 7.17 7.63
N LEU G 59 17.32 7.81 6.55
CA LEU G 59 16.85 7.05 5.39
C LEU G 59 18.01 6.45 4.62
N TRP G 60 19.08 7.21 4.38
CA TRP G 60 20.21 6.69 3.63
C TRP G 60 20.83 5.50 4.33
N VAL G 61 21.09 5.64 5.63
CA VAL G 61 21.67 4.56 6.43
C VAL G 61 20.74 3.37 6.48
N THR G 62 19.44 3.60 6.63
CA THR G 62 18.50 2.50 6.69
C THR G 62 18.45 1.73 5.37
N VAL G 63 18.36 2.45 4.25
CA VAL G 63 18.05 1.82 2.98
C VAL G 63 19.27 1.22 2.28
N THR G 64 20.40 1.92 2.25
CA THR G 64 21.48 1.50 1.37
C THR G 64 21.99 0.10 1.64
N PRO G 65 22.33 -0.30 2.87
CA PRO G 65 22.77 -1.69 3.06
C PRO G 65 21.73 -2.72 2.68
N ILE G 66 20.45 -2.44 2.95
CA ILE G 66 19.39 -3.42 2.70
C ILE G 66 19.35 -3.79 1.23
N VAL G 67 19.38 -2.79 0.34
CA VAL G 67 19.29 -3.05 -1.09
C VAL G 67 20.66 -3.17 -1.75
N LEU G 68 21.75 -3.06 -0.99
CA LEU G 68 23.08 -3.25 -1.54
C LEU G 68 23.73 -4.57 -1.14
N VAL G 69 23.17 -5.28 -0.15
CA VAL G 69 23.67 -6.62 0.16
C VAL G 69 23.12 -7.69 -0.76
N THR G 70 22.27 -7.33 -1.73
CA THR G 70 21.62 -8.33 -2.57
C THR G 70 22.63 -9.11 -3.41
N PHE G 71 23.31 -8.41 -4.32
CA PHE G 71 24.23 -9.08 -5.23
C PHE G 71 25.44 -9.69 -4.53
N PRO G 72 26.09 -9.02 -3.57
CA PRO G 72 27.20 -9.69 -2.86
C PRO G 72 26.80 -11.02 -2.25
N ALA G 73 25.58 -11.13 -1.72
CA ALA G 73 25.12 -12.39 -1.15
C ALA G 73 25.17 -13.52 -2.18
N ALA G 74 24.55 -13.29 -3.34
CA ALA G 74 24.49 -14.33 -4.36
C ALA G 74 25.89 -14.65 -4.89
N VAL G 75 26.69 -13.62 -5.16
CA VAL G 75 28.01 -13.85 -5.73
C VAL G 75 28.90 -14.59 -4.74
N GLN G 76 28.79 -14.27 -3.44
CA GLN G 76 29.52 -15.02 -2.43
C GLN G 76 29.05 -16.46 -2.37
N SER G 77 27.74 -16.67 -2.34
CA SER G 77 27.21 -18.02 -2.24
C SER G 77 27.65 -18.89 -3.41
N TYR G 78 27.86 -18.28 -4.58
CA TYR G 78 28.34 -19.05 -5.72
C TYR G 78 29.85 -19.25 -5.66
N LEU G 79 30.61 -18.16 -5.52
CA LEU G 79 32.05 -18.23 -5.63
C LEU G 79 32.65 -19.09 -4.53
N TRP G 80 32.21 -18.89 -3.28
CA TRP G 80 32.73 -19.71 -2.19
C TRP G 80 32.42 -21.19 -2.43
N GLU G 81 31.15 -21.51 -2.68
CA GLU G 81 30.76 -22.91 -2.83
C GLU G 81 31.44 -23.58 -4.01
N ARG G 82 31.79 -22.82 -5.05
CA ARG G 82 32.30 -23.45 -6.26
C ARG G 82 33.81 -23.36 -6.43
N TYR G 83 34.50 -22.44 -5.77
CA TYR G 83 35.95 -22.35 -5.93
C TYR G 83 36.70 -22.01 -4.65
N ARG G 84 36.04 -21.89 -3.50
CA ARG G 84 36.68 -21.40 -2.27
C ARG G 84 37.33 -20.03 -2.50
N LEU G 85 36.60 -19.15 -3.17
CA LEU G 85 37.05 -17.78 -3.42
C LEU G 85 36.26 -16.81 -2.55
N PRO G 86 36.85 -16.28 -1.47
CA PRO G 86 36.14 -15.38 -0.57
C PRO G 86 36.28 -13.90 -0.92
N TRP G 87 35.96 -13.54 -2.16
CA TRP G 87 36.00 -12.13 -2.52
C TRP G 87 34.85 -11.73 -3.45
N GLY G 88 33.74 -12.47 -3.40
CA GLY G 88 32.60 -12.09 -4.24
C GLY G 88 32.03 -10.74 -3.86
N ALA G 89 31.78 -10.55 -2.55
CA ALA G 89 31.28 -9.24 -2.08
C ALA G 89 32.29 -8.15 -2.48
N THR G 90 33.59 -8.44 -2.33
CA THR G 90 34.65 -7.46 -2.70
C THR G 90 34.50 -7.08 -4.17
N VAL G 91 34.55 -8.07 -5.08
CA VAL G 91 34.50 -7.77 -6.55
C VAL G 91 33.18 -7.04 -6.88
N CYS G 92 32.10 -7.31 -6.14
CA CYS G 92 30.86 -6.59 -6.40
C CYS G 92 30.98 -5.12 -6.01
N VAL G 93 31.47 -4.87 -4.79
CA VAL G 93 31.56 -3.50 -4.31
C VAL G 93 32.58 -2.71 -5.10
N LEU G 94 33.74 -3.31 -5.41
CA LEU G 94 34.74 -2.59 -6.21
C LEU G 94 34.22 -2.25 -7.59
N GLY G 95 33.50 -3.18 -8.23
CA GLY G 95 32.94 -2.89 -9.54
C GLY G 95 31.89 -1.79 -9.49
N LEU G 96 31.01 -1.85 -8.50
CA LEU G 96 30.00 -0.79 -8.36
C LEU G 96 30.65 0.56 -8.14
N LEU G 97 31.66 0.62 -7.27
CA LEU G 97 32.35 1.88 -7.00
C LEU G 97 33.09 2.36 -8.24
N LEU G 98 33.68 1.44 -9.02
CA LEU G 98 34.37 1.82 -10.23
C LEU G 98 33.41 2.46 -11.23
N GLY G 99 32.27 1.79 -11.50
CA GLY G 99 31.30 2.37 -12.40
C GLY G 99 30.78 3.71 -11.92
N GLU G 100 30.46 3.79 -10.61
CA GLU G 100 29.94 5.02 -10.03
C GLU G 100 30.93 6.15 -10.19
N TRP G 101 32.22 5.89 -9.91
CA TRP G 101 33.22 6.94 -9.98
C TRP G 101 33.52 7.36 -11.40
N ILE G 102 33.63 6.41 -12.32
CA ILE G 102 33.81 6.75 -13.73
C ILE G 102 32.69 7.65 -14.20
N ASN G 103 31.44 7.32 -13.85
CA ASN G 103 30.35 8.17 -14.29
C ASN G 103 30.36 9.52 -13.58
N ARG G 104 30.63 9.55 -12.28
CA ARG G 104 30.69 10.82 -11.57
C ARG G 104 31.70 11.77 -12.20
N TYR G 105 32.84 11.23 -12.64
CA TYR G 105 33.90 12.09 -13.17
C TYR G 105 33.72 12.38 -14.67
N PHE G 106 32.98 11.54 -15.38
CA PHE G 106 32.87 11.73 -16.83
C PHE G 106 31.58 12.43 -17.26
N ASN G 107 30.48 12.22 -16.53
CA ASN G 107 29.19 12.77 -16.92
C ASN G 107 28.64 13.75 -15.89
N PHE G 108 28.66 13.37 -14.60
CA PHE G 108 28.21 14.30 -13.57
C PHE G 108 29.12 15.53 -13.50
N TRP G 109 30.39 15.35 -13.79
CA TRP G 109 31.37 16.43 -13.77
C TRP G 109 31.86 16.81 -15.16
N GLY G 110 31.78 15.90 -16.12
CA GLY G 110 32.21 16.19 -17.48
C GLY G 110 31.14 16.82 -18.34
N TRP G 111 30.00 16.13 -18.49
CA TRP G 111 28.90 16.65 -19.29
C TRP G 111 28.24 17.81 -18.55
N THR G 112 27.69 17.52 -17.37
CA THR G 112 27.29 18.55 -16.44
C THR G 112 28.51 19.03 -15.66
N TYR G 113 28.27 19.88 -14.66
CA TYR G 113 29.38 20.38 -13.86
C TYR G 113 29.03 20.38 -12.37
N PHE G 114 28.43 19.31 -11.90
CA PHE G 114 28.20 19.12 -10.47
C PHE G 114 29.53 18.82 -9.79
N PRO G 115 29.83 19.47 -8.67
CA PRO G 115 31.13 19.24 -8.02
C PRO G 115 31.26 17.82 -7.48
N ILE G 116 32.49 17.32 -7.48
CA ILE G 116 32.76 15.96 -7.03
C ILE G 116 32.45 15.83 -5.54
N ASN G 117 32.84 16.83 -4.75
CA ASN G 117 32.50 16.79 -3.33
C ASN G 117 31.00 16.88 -3.08
N PHE G 118 30.22 17.25 -4.10
CA PHE G 118 28.77 17.26 -4.01
C PHE G 118 28.13 15.96 -4.49
N VAL G 119 28.75 15.27 -5.44
CA VAL G 119 28.16 14.07 -6.02
C VAL G 119 29.01 12.83 -5.75
N PHE G 120 29.83 12.84 -4.70
CA PHE G 120 30.63 11.67 -4.39
C PHE G 120 29.74 10.49 -4.00
N PRO G 121 30.14 9.27 -4.36
CA PRO G 121 29.36 8.08 -4.01
C PRO G 121 29.70 7.62 -2.59
N ALA G 122 28.97 6.60 -2.14
CA ALA G 122 29.14 6.05 -0.81
C ALA G 122 30.20 4.95 -0.83
N SER G 123 30.82 4.72 0.34
CA SER G 123 31.87 3.73 0.48
C SER G 123 31.32 2.46 1.12
N LEU G 124 31.64 1.31 0.53
CA LEU G 124 31.15 0.02 1.01
C LEU G 124 32.25 -1.03 1.10
N VAL G 125 33.50 -0.65 0.82
CA VAL G 125 34.61 -1.61 0.89
C VAL G 125 34.75 -2.22 2.29
N PRO G 126 34.65 -1.46 3.40
CA PRO G 126 34.68 -2.12 4.71
C PRO G 126 33.61 -3.17 4.89
N GLY G 127 32.39 -2.89 4.42
CA GLY G 127 31.33 -3.88 4.52
C GLY G 127 31.65 -5.13 3.72
N ALA G 128 32.16 -4.96 2.50
CA ALA G 128 32.53 -6.11 1.69
C ALA G 128 33.63 -6.92 2.35
N ILE G 129 34.63 -6.24 2.91
CA ILE G 129 35.74 -6.92 3.55
C ILE G 129 35.26 -7.73 4.74
N ILE G 130 34.41 -7.12 5.58
CA ILE G 130 33.88 -7.84 6.73
C ILE G 130 33.07 -9.04 6.27
N LEU G 131 32.19 -8.83 5.29
CA LEU G 131 31.31 -9.92 4.80
C LEU G 131 32.17 -11.06 4.26
N ASP G 132 33.30 -10.75 3.64
CA ASP G 132 34.16 -11.80 3.00
C ASP G 132 34.98 -12.56 4.05
N THR G 133 35.50 -11.86 5.05
CA THR G 133 36.28 -12.52 6.13
C THR G 133 35.33 -13.39 6.96
N VAL G 134 34.25 -12.81 7.50
CA VAL G 134 33.25 -13.58 8.31
C VAL G 134 32.72 -14.74 7.46
N LEU G 135 32.80 -14.65 6.12
CA LEU G 135 32.38 -15.80 5.33
C LEU G 135 33.45 -16.90 5.36
N MET G 136 34.65 -16.59 4.89
CA MET G 136 35.65 -17.65 4.74
C MET G 136 36.08 -18.19 6.11
N LEU G 137 36.40 -17.31 7.04
CA LEU G 137 36.58 -17.72 8.43
C LEU G 137 35.24 -18.19 8.96
N SER G 138 35.22 -19.37 9.58
CA SER G 138 33.97 -19.97 10.03
C SER G 138 33.04 -20.13 8.84
N GLY G 139 33.42 -21.00 7.89
CA GLY G 139 32.75 -21.05 6.60
C GLY G 139 31.25 -21.25 6.67
N SER G 140 30.71 -21.44 7.87
CA SER G 140 29.26 -21.58 8.05
C SER G 140 28.52 -20.41 7.41
N TYR G 141 27.68 -20.73 6.42
CA TYR G 141 26.89 -19.70 5.75
C TYR G 141 25.90 -19.04 6.71
N LEU G 142 25.32 -19.80 7.63
CA LEU G 142 24.42 -19.21 8.60
C LEU G 142 25.16 -18.24 9.52
N PHE G 143 26.36 -18.62 9.97
CA PHE G 143 27.18 -17.72 10.77
C PHE G 143 27.52 -16.46 9.97
N THR G 144 27.80 -16.64 8.68
CA THR G 144 28.06 -15.47 7.84
C THR G 144 26.84 -14.56 7.79
N ALA G 145 25.68 -15.10 7.46
CA ALA G 145 24.47 -14.30 7.35
C ALA G 145 24.10 -13.64 8.67
N ILE G 146 24.54 -14.21 9.79
CA ILE G 146 24.22 -13.62 11.09
C ILE G 146 25.22 -12.53 11.47
N VAL G 147 26.52 -12.78 11.31
CA VAL G 147 27.53 -11.88 11.85
C VAL G 147 28.00 -10.89 10.80
N GLY G 148 28.36 -11.38 9.61
CA GLY G 148 28.86 -10.49 8.57
C GLY G 148 27.82 -9.51 8.09
N ALA G 149 26.55 -9.94 8.03
CA ALA G 149 25.50 -9.01 7.65
C ALA G 149 25.32 -7.91 8.71
N MET G 150 25.39 -8.29 9.99
CA MET G 150 25.34 -7.28 11.05
C MET G 150 26.50 -6.31 10.92
N GLY G 151 27.70 -6.82 10.63
CA GLY G 151 28.84 -5.95 10.45
C GLY G 151 28.67 -5.01 9.27
N TRP G 152 28.16 -5.54 8.15
CA TRP G 152 27.90 -4.71 6.98
C TRP G 152 26.93 -3.59 7.31
N GLY G 153 25.83 -3.93 8.00
CA GLY G 153 24.85 -2.91 8.34
C GLY G 153 25.40 -1.89 9.32
N LEU G 154 26.17 -2.34 10.31
CA LEU G 154 26.60 -1.45 11.38
C LEU G 154 27.73 -0.52 10.94
N ILE G 155 28.67 -1.02 10.11
CA ILE G 155 29.85 -0.23 9.79
C ILE G 155 29.65 0.69 8.60
N PHE G 156 28.45 0.70 8.00
CA PHE G 156 28.22 1.54 6.83
C PHE G 156 28.38 3.02 7.18
N TYR G 157 27.55 3.52 8.09
CA TYR G 157 27.63 4.94 8.45
C TYR G 157 28.96 5.33 9.07
N PRO G 158 29.52 4.61 10.05
CA PRO G 158 30.87 4.96 10.52
C PRO G 158 31.92 4.85 9.44
N GLY G 159 31.70 3.99 8.43
CA GLY G 159 32.62 3.93 7.31
C GLY G 159 32.64 5.19 6.48
N ASN G 160 31.47 5.79 6.27
CA ASN G 160 31.37 7.03 5.50
C ASN G 160 31.50 8.28 6.36
N TRP G 161 31.59 8.12 7.68
CA TRP G 161 31.75 9.29 8.56
C TRP G 161 33.00 10.10 8.24
N PRO G 162 34.18 9.51 7.98
CA PRO G 162 35.34 10.35 7.65
C PRO G 162 35.13 11.20 6.41
N ILE G 163 34.29 10.77 5.47
CA ILE G 163 34.08 11.53 4.24
C ILE G 163 33.06 12.64 4.47
N ILE G 164 31.94 12.32 5.11
CA ILE G 164 30.84 13.28 5.22
C ILE G 164 30.92 14.16 6.45
N ALA G 165 31.81 13.87 7.39
CA ALA G 165 31.94 14.68 8.60
C ALA G 165 32.28 16.14 8.29
N PRO G 166 33.22 16.44 7.39
CA PRO G 166 33.48 17.85 7.08
C PRO G 166 32.30 18.57 6.46
N LEU G 167 31.33 17.85 5.92
CA LEU G 167 30.17 18.45 5.27
C LEU G 167 29.03 18.72 6.25
N HIS G 168 29.23 18.47 7.55
CA HIS G 168 28.20 18.70 8.55
C HIS G 168 28.54 19.86 9.48
N VAL G 169 29.45 20.73 9.07
CA VAL G 169 29.81 21.88 9.89
C VAL G 169 28.68 22.90 9.84
N PRO G 170 28.14 23.33 10.97
CA PRO G 170 27.04 24.29 10.95
C PRO G 170 27.45 25.62 10.34
N VAL G 171 26.54 26.22 9.57
CA VAL G 171 26.76 27.51 8.94
C VAL G 171 25.49 28.34 9.06
N GLU G 172 25.65 29.62 9.39
CA GLU G 172 24.54 30.57 9.38
C GLU G 172 24.45 31.16 7.97
N TYR G 173 23.45 30.72 7.21
CA TYR G 173 23.29 31.13 5.81
C TYR G 173 22.05 32.00 5.72
N ASN G 174 22.25 33.32 5.69
CA ASN G 174 21.17 34.30 5.51
C ASN G 174 20.07 34.12 6.55
N GLY G 175 20.46 33.97 7.81
CA GLY G 175 19.53 33.91 8.90
C GLY G 175 19.01 32.53 9.24
N MET G 176 19.36 31.51 8.47
CA MET G 176 18.93 30.14 8.75
C MET G 176 20.15 29.24 8.90
N LEU G 177 20.09 28.35 9.88
CA LEU G 177 21.17 27.40 10.12
C LEU G 177 21.16 26.35 9.01
N MET G 178 22.32 26.12 8.41
CA MET G 178 22.46 25.16 7.31
C MET G 178 23.74 24.38 7.50
N SER G 179 23.76 23.17 6.95
CA SER G 179 24.98 22.39 6.89
C SER G 179 25.71 22.66 5.57
N ILE G 180 26.95 22.20 5.49
CA ILE G 180 27.72 22.38 4.26
C ILE G 180 27.07 21.62 3.11
N ALA G 181 26.59 20.40 3.38
CA ALA G 181 25.87 19.64 2.37
C ALA G 181 24.59 20.36 1.96
N ASP G 182 23.86 20.91 2.93
CA ASP G 182 22.64 21.65 2.62
C ASP G 182 22.95 22.88 1.78
N ILE G 183 24.03 23.59 2.11
CA ILE G 183 24.42 24.75 1.32
C ILE G 183 24.79 24.35 -0.10
N GLN G 184 25.52 23.24 -0.25
CA GLN G 184 25.88 22.76 -1.58
C GLN G 184 24.64 22.43 -2.40
N GLY G 185 23.69 21.74 -1.78
CA GLY G 185 22.45 21.42 -2.49
C GLY G 185 21.63 22.64 -2.82
N TYR G 186 21.63 23.64 -1.93
CA TYR G 186 20.90 24.88 -2.19
C TYR G 186 21.53 25.65 -3.34
N ASN G 187 22.87 25.72 -3.38
CA ASN G 187 23.59 26.49 -4.38
C ASN G 187 23.54 25.80 -5.75
N TYR G 188 24.08 24.59 -5.84
CA TYR G 188 24.09 23.88 -7.11
C TYR G 188 22.72 23.29 -7.37
N VAL G 189 22.02 23.81 -8.37
CA VAL G 189 20.62 23.46 -8.58
C VAL G 189 20.52 22.09 -9.25
N ARG G 190 19.46 21.36 -8.92
CA ARG G 190 19.14 20.07 -9.54
C ARG G 190 17.73 20.20 -10.10
N THR G 191 17.62 20.34 -11.41
CA THR G 191 16.31 20.58 -12.03
C THR G 191 15.35 19.42 -11.78
N GLY G 192 15.83 18.19 -11.90
CA GLY G 192 14.98 17.03 -11.74
C GLY G 192 14.82 16.53 -10.32
N THR G 193 15.56 17.07 -9.35
CA THR G 193 15.54 16.59 -7.98
C THR G 193 15.33 17.75 -7.02
N PRO G 194 14.09 18.19 -6.85
CA PRO G 194 13.81 19.26 -5.89
C PRO G 194 13.96 18.79 -4.45
N GLU G 195 13.84 19.76 -3.53
CA GLU G 195 14.11 19.50 -2.12
C GLU G 195 13.07 18.59 -1.48
N TYR G 196 11.81 18.71 -1.88
CA TYR G 196 10.79 17.91 -1.21
C TYR G 196 10.95 16.42 -1.47
N ILE G 197 11.58 16.03 -2.57
CA ILE G 197 11.80 14.62 -2.84
C ILE G 197 12.76 14.02 -1.82
N ARG G 198 13.57 14.83 -1.13
CA ARG G 198 14.56 14.27 -0.22
C ARG G 198 13.90 13.54 0.94
N MET G 199 13.81 12.22 0.83
CA MET G 199 13.40 11.36 1.93
C MET G 199 14.56 11.34 2.91
N VAL G 200 14.58 12.32 3.80
CA VAL G 200 15.63 12.48 4.79
C VAL G 200 14.98 12.61 6.16
N GLU G 201 15.81 12.63 7.19
CA GLU G 201 15.30 12.79 8.55
C GLU G 201 14.62 14.15 8.69
N LYS G 202 13.31 14.13 8.87
CA LYS G 202 12.54 15.35 9.08
C LYS G 202 12.02 15.48 10.50
N GLY G 203 12.47 14.65 11.43
CA GLY G 203 12.00 14.70 12.80
C GLY G 203 10.79 13.82 13.03
N THR G 204 10.63 13.35 14.27
CA THR G 204 9.48 12.58 14.69
C THR G 204 9.25 12.83 16.17
N LEU G 205 8.02 12.62 16.63
CA LEU G 205 7.71 12.74 18.05
C LEU G 205 7.97 11.45 18.82
N ARG G 206 8.63 10.47 18.20
CA ARG G 206 8.96 9.21 18.85
C ARG G 206 10.42 8.85 18.63
N THR G 207 11.28 9.85 18.50
CA THR G 207 12.73 9.67 18.46
C THR G 207 13.28 10.24 19.76
N PHE G 208 13.82 9.35 20.60
CA PHE G 208 14.21 9.74 21.95
C PHE G 208 15.71 9.99 22.04
N GLY G 209 16.07 11.22 22.36
CA GLY G 209 17.47 11.59 22.54
C GLY G 209 18.31 11.46 21.28
N LYS G 210 19.58 11.08 21.45
CA LYS G 210 20.51 10.95 20.34
C LYS G 210 20.63 9.47 19.97
N ASP G 211 19.67 9.01 19.18
CA ASP G 211 19.63 7.61 18.78
C ASP G 211 19.20 7.39 17.33
N VAL G 212 19.15 8.44 16.51
CA VAL G 212 18.68 8.27 15.13
C VAL G 212 19.65 7.40 14.35
N ALA G 213 20.94 7.71 14.41
CA ALA G 213 21.92 6.91 13.68
C ALA G 213 22.02 5.48 14.18
N PRO G 214 22.15 5.20 15.49
CA PRO G 214 22.31 3.81 15.92
C PRO G 214 21.08 2.95 15.65
N VAL G 215 19.88 3.46 15.93
CA VAL G 215 18.67 2.66 15.73
C VAL G 215 18.50 2.31 14.26
N SER G 216 18.69 3.29 13.38
CA SER G 216 18.62 3.02 11.95
C SER G 216 19.68 2.02 11.52
N ALA G 217 20.89 2.14 12.06
CA ALA G 217 21.96 1.21 11.71
C ALA G 217 21.61 -0.21 12.11
N PHE G 218 21.06 -0.40 13.31
CA PHE G 218 20.68 -1.74 13.75
C PHE G 218 19.52 -2.30 12.93
N PHE G 219 18.53 -1.47 12.61
CA PHE G 219 17.43 -1.95 11.77
C PHE G 219 17.94 -2.35 10.40
N SER G 220 18.84 -1.56 9.83
CA SER G 220 19.46 -1.92 8.56
C SER G 220 20.24 -3.22 8.67
N ALA G 221 20.93 -3.43 9.80
CA ALA G 221 21.67 -4.67 9.98
C ALA G 221 20.75 -5.88 9.99
N PHE G 222 19.65 -5.82 10.73
CA PHE G 222 18.72 -6.95 10.76
C PHE G 222 18.08 -7.19 9.40
N MET G 223 17.65 -6.12 8.73
CA MET G 223 17.04 -6.29 7.42
C MET G 223 18.06 -6.82 6.42
N SER G 224 19.33 -6.45 6.58
CA SER G 224 20.39 -6.99 5.74
C SER G 224 20.61 -8.46 6.02
N ILE G 225 20.49 -8.89 7.28
CA ILE G 225 20.52 -10.32 7.58
C ILE G 225 19.43 -11.03 6.78
N LEU G 226 18.22 -10.50 6.83
CA LEU G 226 17.11 -11.15 6.11
C LEU G 226 17.37 -11.18 4.61
N ILE G 227 17.83 -10.07 4.04
CA ILE G 227 18.03 -9.99 2.59
C ILE G 227 19.17 -10.90 2.17
N TYR G 228 20.23 -10.98 2.99
CA TYR G 228 21.32 -11.91 2.69
C TYR G 228 20.83 -13.35 2.72
N PHE G 229 20.00 -13.69 3.71
CA PHE G 229 19.48 -15.05 3.79
C PHE G 229 18.64 -15.39 2.56
N MET G 230 17.84 -14.43 2.08
CA MET G 230 17.06 -14.67 0.87
C MET G 230 17.96 -14.80 -0.36
N TRP G 231 18.89 -13.86 -0.53
CA TRP G 231 19.68 -13.83 -1.75
C TRP G 231 20.73 -14.93 -1.81
N HIS G 232 21.09 -15.54 -0.68
CA HIS G 232 21.92 -16.73 -0.74
C HIS G 232 21.21 -17.83 -1.52
N PHE G 233 19.92 -18.05 -1.22
CA PHE G 233 19.16 -19.06 -1.95
C PHE G 233 18.88 -18.63 -3.39
N ILE G 234 18.63 -17.33 -3.62
CA ILE G 234 18.46 -16.88 -5.00
C ILE G 234 19.73 -17.13 -5.81
N GLY G 235 20.90 -16.84 -5.23
CA GLY G 235 22.14 -17.12 -5.91
C GLY G 235 22.40 -18.60 -6.11
N ARG G 236 21.99 -19.40 -5.12
CA ARG G 236 22.16 -20.88 -5.21
C ARG G 236 21.45 -21.40 -6.45
N TRP G 237 20.23 -20.91 -6.72
CA TRP G 237 19.52 -21.32 -7.97
C TRP G 237 20.20 -20.66 -9.18
N PHE G 238 20.58 -19.39 -9.08
CA PHE G 238 21.29 -18.71 -10.20
C PHE G 238 22.61 -19.44 -10.47
N SER G 239 22.95 -20.44 -9.64
CA SER G 239 24.18 -21.21 -9.87
C SER G 239 23.92 -22.59 -10.44
N ASN G 240 22.68 -22.89 -10.82
CA ASN G 240 22.37 -24.22 -11.34
C ASN G 240 23.03 -24.44 -12.69
N GLU G 241 23.12 -25.72 -13.10
CA GLU G 241 23.66 -26.04 -14.44
C GLU G 241 22.61 -26.92 -15.14
N ARG G 242 21.34 -26.51 -15.09
CA ARG G 242 20.23 -27.34 -15.64
C ARG G 242 20.35 -27.45 -17.17
N PHE G 243 20.07 -28.64 -17.71
CA PHE G 243 20.08 -28.83 -19.18
C PHE G 243 18.64 -29.02 -19.68
N LEU G 244 17.94 -27.90 -19.93
CA LEU G 244 16.56 -27.95 -20.49
C LEU G 244 16.60 -28.56 -21.89
N GLN G 245 15.51 -29.22 -22.32
CA GLN G 245 15.45 -29.87 -23.65
C GLN G 245 14.16 -29.46 -24.36
N SER G 246 13.95 -28.15 -24.54
CA SER G 246 12.71 -27.65 -25.19
C SER G 246 12.32 -26.29 -24.60
N THR G 247 13.01 -25.22 -24.99
CA THR G 247 12.73 -23.86 -24.48
C THR G 247 11.25 -23.53 -24.63
N HIS H 33 6.43 13.11 31.50
CA HIS H 33 7.60 12.26 31.87
C HIS H 33 8.11 11.67 30.57
N GLY H 34 7.22 11.59 29.55
CA GLY H 34 7.62 11.10 28.23
C GLY H 34 8.25 12.22 27.40
N GLU H 35 8.31 13.43 27.95
CA GLU H 35 8.99 14.56 27.27
C GLU H 35 10.48 14.54 27.61
N LYS H 36 11.20 15.65 27.42
CA LYS H 36 12.69 15.67 27.61
C LYS H 36 13.28 14.49 26.83
N SER H 37 12.69 14.14 25.70
CA SER H 37 13.13 13.00 24.86
C SER H 37 12.55 13.24 23.47
N GLN H 38 11.33 13.78 23.39
CA GLN H 38 10.78 14.16 22.10
C GLN H 38 11.65 15.25 21.46
N ALA H 39 11.43 15.46 20.16
CA ALA H 39 12.24 16.42 19.42
C ALA H 39 12.07 17.83 19.99
N ALA H 40 13.19 18.55 20.08
CA ALA H 40 13.16 19.87 20.71
C ALA H 40 12.26 20.84 19.95
N PHE H 41 12.47 20.97 18.63
CA PHE H 41 11.64 21.91 17.88
C PHE H 41 10.20 21.41 17.86
N MET H 42 10.01 20.10 17.88
CA MET H 42 8.67 19.56 17.80
C MET H 42 7.89 19.89 19.06
N ARG H 43 8.55 19.88 20.22
CA ARG H 43 7.91 20.35 21.43
C ARG H 43 7.72 21.86 21.41
N MET H 44 8.67 22.59 20.85
CA MET H 44 8.55 24.05 20.83
C MET H 44 7.40 24.52 19.96
N ARG H 45 7.30 24.04 18.72
CA ARG H 45 6.24 24.43 17.81
C ARG H 45 5.40 23.21 17.46
N THR H 46 4.55 22.80 18.40
CA THR H 46 3.42 21.93 18.05
C THR H 46 2.11 22.51 18.59
N ILE H 47 2.09 22.73 19.90
CA ILE H 47 0.91 23.19 20.63
C ILE H 47 1.40 23.92 21.88
N HIS H 48 0.90 25.12 22.09
CA HIS H 48 1.31 25.95 23.22
C HIS H 48 0.20 25.99 24.25
N TRP H 49 0.53 25.63 25.49
CA TRP H 49 -0.42 25.62 26.59
C TRP H 49 -0.20 26.86 27.46
N TYR H 50 -1.29 27.56 27.76
CA TYR H 50 -1.21 28.70 28.67
C TYR H 50 -2.54 28.82 29.41
N ASP H 51 -2.55 29.72 30.40
CA ASP H 51 -3.71 29.94 31.27
C ASP H 51 -4.06 28.68 32.06
N LEU H 52 -3.08 27.79 32.25
CA LEU H 52 -3.33 26.56 32.96
C LEU H 52 -3.51 26.82 34.45
N SER H 53 -4.51 26.17 35.04
CA SER H 53 -4.77 26.28 36.46
C SER H 53 -5.26 24.93 36.98
N TRP H 54 -4.74 24.53 38.13
CA TRP H 54 -5.13 23.28 38.78
C TRP H 54 -6.02 23.61 39.97
N SER H 55 -7.18 22.94 40.04
CA SER H 55 -8.14 23.25 41.09
C SER H 55 -7.57 22.95 42.47
N LYS H 56 -6.87 21.82 42.62
CA LYS H 56 -6.33 21.42 43.90
C LYS H 56 -4.93 20.84 43.70
N GLU H 57 -4.14 20.88 44.78
CA GLU H 57 -2.81 20.29 44.77
C GLU H 57 -2.74 18.97 45.54
N LYS H 58 -3.51 18.84 46.62
CA LYS H 58 -3.58 17.61 47.40
C LYS H 58 -5.04 17.22 47.54
N VAL H 59 -5.35 15.97 47.18
CA VAL H 59 -6.71 15.46 47.23
C VAL H 59 -6.72 14.10 47.91
N LYS H 60 -7.87 13.73 48.43
CA LYS H 60 -8.07 12.39 48.97
C LYS H 60 -8.85 11.55 47.96
N ILE H 61 -9.01 10.26 48.29
CA ILE H 61 -9.69 9.35 47.40
C ILE H 61 -11.15 9.78 47.24
N ASN H 62 -11.66 9.65 46.02
CA ASN H 62 -13.00 10.05 45.57
C ASN H 62 -13.16 11.56 45.42
N GLU H 63 -12.14 12.36 45.72
CA GLU H 63 -12.22 13.78 45.46
C GLU H 63 -11.92 14.07 44.00
N THR H 64 -12.46 15.18 43.51
CA THR H 64 -12.32 15.58 42.11
C THR H 64 -11.39 16.77 42.00
N VAL H 65 -10.41 16.66 41.10
CA VAL H 65 -9.50 17.75 40.79
C VAL H 65 -9.68 18.11 39.32
N GLU H 66 -9.77 19.40 39.03
CA GLU H 66 -10.08 19.90 37.71
C GLU H 66 -8.90 20.68 37.15
N ILE H 67 -8.53 20.40 35.90
CA ILE H 67 -7.46 21.10 35.21
C ILE H 67 -8.08 21.92 34.09
N LYS H 68 -7.83 23.23 34.10
CA LYS H 68 -8.36 24.14 33.11
C LYS H 68 -7.21 24.85 32.40
N GLY H 69 -7.53 25.50 31.30
CA GLY H 69 -6.54 26.24 30.55
C GLY H 69 -6.92 26.30 29.09
N LYS H 70 -6.01 26.87 28.31
CA LYS H 70 -6.17 27.00 26.86
C LYS H 70 -4.91 26.50 26.17
N PHE H 71 -5.11 25.85 25.03
CA PHE H 71 -4.01 25.41 24.19
C PHE H 71 -4.19 26.00 22.80
N HIS H 72 -3.09 26.46 22.21
CA HIS H 72 -3.12 27.06 20.88
C HIS H 72 -2.33 26.17 19.92
N VAL H 73 -2.96 25.78 18.83
CA VAL H 73 -2.30 24.99 17.79
C VAL H 73 -1.45 25.93 16.94
N PHE H 74 -0.18 25.60 16.79
CA PHE H 74 0.75 26.45 16.05
C PHE H 74 0.39 26.47 14.57
N GLU H 75 0.53 27.65 13.95
CA GLU H 75 0.28 27.75 12.51
C GLU H 75 1.28 26.93 11.72
N GLY H 76 2.56 27.04 12.06
CA GLY H 76 3.59 26.31 11.34
C GLY H 76 3.73 24.89 11.82
N TRP H 77 2.67 24.10 11.67
CA TRP H 77 2.69 22.70 12.08
C TRP H 77 3.76 21.96 11.30
N PRO H 78 4.59 21.14 11.95
CA PRO H 78 5.64 20.43 11.23
C PRO H 78 5.06 19.46 10.21
N GLU H 79 5.75 19.31 9.08
CA GLU H 79 5.27 18.44 8.02
C GLU H 79 5.30 16.98 8.41
N THR H 80 6.33 16.55 9.16
CA THR H 80 6.46 15.15 9.53
C THR H 80 5.33 14.67 10.44
N VAL H 81 4.61 15.59 11.09
CA VAL H 81 3.46 15.24 11.91
C VAL H 81 2.20 15.64 11.16
N ASP H 82 1.26 14.70 11.06
CA ASP H 82 0.01 14.95 10.37
C ASP H 82 -0.79 16.04 11.08
N GLU H 83 -1.58 16.77 10.30
CA GLU H 83 -2.41 17.82 10.86
C GLU H 83 -3.43 17.22 11.83
N PRO H 84 -3.76 17.94 12.90
CA PRO H 84 -4.70 17.38 13.88
C PRO H 84 -6.12 17.31 13.36
N ASP H 85 -6.33 16.61 12.25
CA ASP H 85 -7.68 16.37 11.76
C ASP H 85 -8.44 15.43 12.68
N VAL H 86 -7.74 14.53 13.37
CA VAL H 86 -8.34 13.58 14.29
C VAL H 86 -7.44 13.56 15.52
N ALA H 87 -7.87 14.21 16.60
CA ALA H 87 -7.08 14.35 17.80
C ALA H 87 -7.92 14.06 19.03
N PHE H 88 -7.25 13.70 20.13
CA PHE H 88 -7.89 13.34 21.37
C PHE H 88 -7.28 14.14 22.51
N LEU H 89 -8.12 14.59 23.44
CA LEU H 89 -7.67 15.24 24.67
C LEU H 89 -7.45 14.17 25.72
N ASN H 90 -6.19 13.87 26.02
CA ASN H 90 -5.84 12.84 26.98
C ASN H 90 -5.11 13.46 28.17
N VAL H 91 -4.86 12.65 29.19
CA VAL H 91 -4.15 13.07 30.39
C VAL H 91 -2.99 12.11 30.62
N GLY H 92 -1.79 12.67 30.81
CA GLY H 92 -0.62 11.86 31.02
C GLY H 92 -0.31 11.60 32.48
N MET H 93 -0.54 10.38 32.93
CA MET H 93 -0.33 10.01 34.32
C MET H 93 0.21 8.58 34.36
N PRO H 94 0.95 8.22 35.40
CA PRO H 94 1.48 6.86 35.49
C PRO H 94 0.40 5.85 35.82
N GLY H 95 -0.39 5.47 34.83
CA GLY H 95 -1.49 4.55 35.03
C GLY H 95 -2.73 5.25 35.52
N PRO H 96 -3.86 4.55 35.52
CA PRO H 96 -5.13 5.16 35.95
C PRO H 96 -5.17 5.47 37.45
N VAL H 97 -4.21 6.28 37.91
CA VAL H 97 -4.28 6.78 39.29
C VAL H 97 -5.39 7.81 39.44
N PHE H 98 -5.75 8.50 38.36
CA PHE H 98 -6.91 9.36 38.30
C PHE H 98 -7.82 8.86 37.19
N ILE H 99 -9.12 8.84 37.43
CA ILE H 99 -10.08 8.49 36.40
C ILE H 99 -10.58 9.78 35.76
N ARG H 100 -10.58 9.82 34.43
CA ARG H 100 -10.99 11.02 33.70
C ARG H 100 -12.51 11.07 33.67
N LYS H 101 -13.10 11.74 34.66
CA LYS H 101 -14.55 11.82 34.76
C LYS H 101 -15.15 12.57 33.58
N GLU H 102 -14.55 13.70 33.22
CA GLU H 102 -15.09 14.56 32.17
C GLU H 102 -13.93 15.19 31.41
N SER H 103 -14.24 15.63 30.19
CA SER H 103 -13.27 16.36 29.37
C SER H 103 -14.03 17.21 28.37
N TYR H 104 -13.66 18.49 28.29
CA TYR H 104 -14.34 19.44 27.41
C TYR H 104 -13.33 20.17 26.55
N ILE H 105 -13.68 20.38 25.29
CA ILE H 105 -12.98 21.30 24.40
C ILE H 105 -13.96 22.38 24.00
N GLY H 106 -13.78 23.58 24.54
CA GLY H 106 -14.74 24.64 24.35
C GLY H 106 -15.80 24.63 25.43
N GLY H 107 -16.96 24.05 25.11
CA GLY H 107 -18.03 23.95 26.08
C GLY H 107 -18.78 22.63 26.00
N GLN H 108 -18.33 21.74 25.12
CA GLN H 108 -19.00 20.47 24.88
C GLN H 108 -18.11 19.31 25.29
N LEU H 109 -18.74 18.22 25.71
CA LEU H 109 -18.01 17.02 26.08
C LEU H 109 -17.28 16.44 24.87
N VAL H 110 -16.08 15.95 25.09
CA VAL H 110 -15.28 15.37 24.01
C VAL H 110 -14.75 13.99 24.42
N PRO H 111 -15.62 12.99 24.59
CA PRO H 111 -15.13 11.66 24.98
C PRO H 111 -14.44 10.92 23.84
N ARG H 112 -14.64 11.34 22.60
CA ARG H 112 -14.05 10.70 21.44
C ARG H 112 -13.08 11.67 20.75
N SER H 113 -12.53 11.22 19.64
CA SER H 113 -11.59 12.05 18.89
C SER H 113 -12.28 13.29 18.34
N VAL H 114 -11.52 14.39 18.29
CA VAL H 114 -12.01 15.66 17.80
C VAL H 114 -11.11 16.15 16.68
N ARG H 115 -11.59 17.13 15.93
CA ARG H 115 -10.83 17.76 14.86
C ARG H 115 -10.40 19.15 15.30
N LEU H 116 -9.11 19.43 15.15
CA LEU H 116 -8.53 20.71 15.53
C LEU H 116 -8.02 21.43 14.29
N GLU H 117 -8.26 22.73 14.23
CA GLU H 117 -7.86 23.55 13.09
C GLU H 117 -6.52 24.20 13.37
N ILE H 118 -5.67 24.28 12.35
CA ILE H 118 -4.34 24.87 12.51
C ILE H 118 -4.47 26.37 12.73
N GLY H 119 -3.84 26.86 13.79
CA GLY H 119 -3.81 28.27 14.10
C GLY H 119 -4.89 28.75 15.05
N LYS H 120 -5.94 27.97 15.24
CA LYS H 120 -7.03 28.36 16.13
C LYS H 120 -6.63 28.14 17.59
N THR H 121 -7.36 28.81 18.48
CA THR H 121 -7.13 28.71 19.91
C THR H 121 -8.35 28.09 20.57
N TYR H 122 -8.13 27.09 21.42
CA TYR H 122 -9.20 26.41 22.14
C TYR H 122 -8.90 26.45 23.63
N ASP H 123 -9.96 26.34 24.43
CA ASP H 123 -9.83 26.16 25.86
C ASP H 123 -10.40 24.80 26.27
N PHE H 124 -9.81 24.20 27.30
CA PHE H 124 -10.17 22.86 27.71
C PHE H 124 -10.33 22.78 29.22
N ARG H 125 -11.10 21.78 29.65
CA ARG H 125 -11.35 21.55 31.07
C ARG H 125 -11.51 20.06 31.28
N VAL H 126 -10.63 19.48 32.10
CA VAL H 126 -10.63 18.05 32.37
C VAL H 126 -10.89 17.84 33.85
N VAL H 127 -11.85 16.97 34.16
CA VAL H 127 -12.20 16.63 35.54
C VAL H 127 -11.58 15.29 35.87
N LEU H 128 -10.81 15.24 36.95
CA LEU H 128 -10.10 14.03 37.36
C LEU H 128 -10.52 13.67 38.78
N LYS H 129 -10.75 12.39 39.01
CA LYS H 129 -11.17 11.87 40.32
C LYS H 129 -10.09 10.92 40.84
N ALA H 130 -9.69 11.13 42.09
CA ALA H 130 -8.59 10.36 42.66
C ALA H 130 -8.96 8.89 42.79
N ARG H 131 -8.01 8.02 42.44
CA ARG H 131 -8.21 6.58 42.56
C ARG H 131 -7.08 5.88 43.30
N ARG H 132 -5.84 6.33 43.14
CA ARG H 132 -4.70 5.71 43.79
C ARG H 132 -3.96 6.72 44.67
N PRO H 133 -3.67 6.38 45.92
CA PRO H 133 -2.88 7.28 46.77
C PRO H 133 -1.44 7.37 46.31
N GLY H 134 -0.82 8.49 46.61
CA GLY H 134 0.58 8.70 46.27
C GLY H 134 0.85 10.02 45.59
N ASP H 135 2.06 10.20 45.07
CA ASP H 135 2.44 11.39 44.33
C ASP H 135 2.50 11.07 42.85
N TRP H 136 1.75 11.80 42.05
CA TRP H 136 1.67 11.56 40.61
C TRP H 136 1.89 12.85 39.84
N HIS H 137 2.54 12.72 38.69
CA HIS H 137 2.80 13.85 37.80
C HIS H 137 1.73 13.83 36.72
N VAL H 138 0.70 14.66 36.90
CA VAL H 138 -0.43 14.71 35.98
C VAL H 138 -0.09 15.64 34.83
N HIS H 139 0.02 15.08 33.63
CA HIS H 139 0.30 15.84 32.43
C HIS H 139 -0.96 15.92 31.58
N THR H 140 -1.19 17.09 30.98
CA THR H 140 -2.30 17.29 30.05
C THR H 140 -1.76 17.14 28.64
N MET H 141 -1.87 15.94 28.10
CA MET H 141 -1.25 15.62 26.82
C MET H 141 -2.27 15.71 25.68
N MET H 142 -1.74 15.79 24.47
CA MET H 142 -2.52 15.79 23.25
C MET H 142 -2.07 14.61 22.39
N ASN H 143 -3.02 13.93 21.76
CA ASN H 143 -2.73 12.82 20.88
C ASN H 143 -3.29 13.12 19.49
N VAL H 144 -2.44 13.06 18.47
CA VAL H 144 -2.84 13.33 17.09
C VAL H 144 -2.71 12.06 16.27
N GLN H 145 -3.49 12.00 15.18
CA GLN H 145 -3.67 10.76 14.43
C GLN H 145 -2.36 10.16 13.95
N GLY H 146 -1.50 10.97 13.33
CA GLY H 146 -0.27 10.43 12.79
C GLY H 146 0.99 11.05 13.35
N GLY H 147 0.95 11.43 14.63
CA GLY H 147 2.12 12.05 15.23
C GLY H 147 2.42 11.58 16.64
N GLY H 148 1.59 10.71 17.19
CA GLY H 148 1.82 10.19 18.52
C GLY H 148 1.47 11.18 19.60
N PRO H 149 2.05 10.98 20.79
CA PRO H 149 1.66 11.81 21.95
C PRO H 149 2.32 13.18 21.94
N ILE H 150 1.60 14.17 22.46
CA ILE H 150 2.12 15.54 22.56
C ILE H 150 1.99 15.91 24.04
N ILE H 151 3.09 15.79 24.77
CA ILE H 151 3.06 15.96 26.22
C ILE H 151 3.11 17.45 26.55
N GLY H 152 2.21 17.89 27.43
CA GLY H 152 2.20 19.23 27.93
C GLY H 152 2.78 19.31 29.33
N PRO H 153 2.84 20.52 29.88
CA PRO H 153 3.41 20.67 31.23
C PRO H 153 2.57 19.97 32.27
N GLY H 154 3.24 19.42 33.27
CA GLY H 154 2.60 18.62 34.31
C GLY H 154 2.86 19.18 35.69
N LYS H 155 1.91 18.99 36.59
CA LYS H 155 2.00 19.45 37.97
C LYS H 155 1.88 18.27 38.92
N TRP H 156 2.74 18.25 39.94
CA TRP H 156 2.67 17.21 40.95
C TRP H 156 1.39 17.34 41.77
N ILE H 157 0.65 16.24 41.90
CA ILE H 157 -0.55 16.19 42.72
C ILE H 157 -0.41 15.02 43.68
N THR H 158 -0.54 15.29 44.97
CA THR H 158 -0.43 14.28 46.01
C THR H 158 -1.82 13.74 46.34
N VAL H 159 -1.92 12.42 46.44
CA VAL H 159 -3.18 11.75 46.74
C VAL H 159 -2.97 10.92 48.02
N GLU H 160 -3.89 11.09 48.97
CA GLU H 160 -3.83 10.41 50.26
C GLU H 160 -5.08 9.57 50.45
N GLY H 161 -4.91 8.43 51.13
CA GLY H 161 -6.00 7.51 51.38
C GLY H 161 -5.61 6.08 51.04
N SER H 162 -6.61 5.32 50.59
CA SER H 162 -6.42 3.94 50.17
C SER H 162 -7.25 3.66 48.93
N MET H 163 -6.81 2.68 48.13
CA MET H 163 -7.53 2.34 46.92
C MET H 163 -8.86 1.66 47.22
N SER H 164 -8.97 1.01 48.38
CA SER H 164 -10.19 0.28 48.72
C SER H 164 -11.40 1.20 48.87
N GLU H 165 -11.19 2.47 49.21
CA GLU H 165 -12.29 3.41 49.39
C GLU H 165 -12.81 3.94 48.06
N PHE H 166 -12.11 3.71 46.95
CA PHE H 166 -12.49 4.28 45.67
C PHE H 166 -13.78 3.66 45.16
N ARG H 167 -14.68 4.50 44.64
CA ARG H 167 -15.93 4.06 44.05
C ARG H 167 -16.13 4.77 42.72
N ASN H 168 -16.66 4.04 41.74
CA ASN H 168 -16.94 4.58 40.41
C ASN H 168 -18.36 4.21 40.01
N PRO H 169 -19.36 4.85 40.62
CA PRO H 169 -20.76 4.52 40.29
C PRO H 169 -21.18 5.09 38.95
N VAL H 170 -22.13 4.41 38.31
CA VAL H 170 -22.69 4.86 37.05
C VAL H 170 -24.11 4.30 36.94
N THR H 171 -25.01 5.09 36.38
CA THR H 171 -26.40 4.69 36.21
C THR H 171 -26.72 4.52 34.73
N THR H 172 -27.20 3.34 34.36
CA THR H 172 -27.50 3.03 32.96
C THR H 172 -28.91 3.47 32.60
N LEU H 173 -29.19 3.45 31.29
CA LEU H 173 -30.53 3.75 30.81
C LEU H 173 -31.52 2.62 31.08
N THR H 174 -31.04 1.45 31.49
CA THR H 174 -31.93 0.36 31.89
C THR H 174 -32.56 0.61 33.26
N GLY H 175 -31.91 1.43 34.10
CA GLY H 175 -32.42 1.69 35.43
C GLY H 175 -31.70 0.95 36.54
N GLN H 176 -30.40 0.75 36.41
CA GLN H 176 -29.62 0.09 37.44
C GLN H 176 -28.31 0.85 37.66
N THR H 177 -27.86 0.90 38.89
CA THR H 177 -26.60 1.54 39.25
C THR H 177 -25.57 0.48 39.58
N VAL H 178 -24.44 0.51 38.88
CA VAL H 178 -23.38 -0.47 39.05
C VAL H 178 -22.05 0.26 39.23
N ASP H 179 -21.15 -0.38 39.97
CA ASP H 179 -19.80 0.15 40.17
C ASP H 179 -18.87 -0.41 39.11
N LEU H 180 -18.24 0.47 38.35
CA LEU H 180 -17.35 0.06 37.28
C LEU H 180 -16.08 -0.62 37.76
N GLU H 181 -15.76 -0.51 39.05
CA GLU H 181 -14.56 -1.14 39.58
C GLU H 181 -14.68 -2.66 39.58
N ASN H 182 -15.89 -3.20 39.76
CA ASN H 182 -16.07 -4.64 39.80
C ASN H 182 -17.28 -5.12 39.00
N TYR H 183 -17.83 -4.29 38.12
CA TYR H 183 -18.94 -4.71 37.28
C TYR H 183 -18.49 -5.77 36.29
N ASN H 184 -19.26 -6.86 36.18
CA ASN H 184 -19.04 -7.97 35.26
C ASN H 184 -17.78 -8.77 35.57
N GLU H 185 -17.04 -8.44 36.64
CA GLU H 185 -15.82 -9.17 36.96
C GLU H 185 -16.13 -10.62 37.30
N GLY H 186 -17.17 -10.86 38.11
CA GLY H 186 -17.51 -12.22 38.46
C GLY H 186 -17.94 -13.05 37.27
N ASN H 187 -18.76 -12.45 36.38
CA ASN H 187 -19.19 -13.16 35.19
C ASN H 187 -18.02 -13.48 34.28
N THR H 188 -17.10 -12.52 34.10
CA THR H 188 -15.93 -12.76 33.27
C THR H 188 -15.08 -13.89 33.85
N TYR H 189 -14.83 -13.86 35.15
CA TYR H 189 -14.06 -14.92 35.79
C TYR H 189 -14.74 -16.27 35.61
N PHE H 190 -16.05 -16.32 35.82
CA PHE H 190 -16.77 -17.58 35.72
C PHE H 190 -16.69 -18.15 34.31
N TRP H 191 -16.93 -17.32 33.30
CA TRP H 191 -16.91 -17.82 31.93
C TRP H 191 -15.52 -18.27 31.51
N HIS H 192 -14.50 -17.45 31.83
CA HIS H 192 -13.14 -17.83 31.46
C HIS H 192 -12.70 -19.09 32.17
N ALA H 193 -13.03 -19.23 33.45
CA ALA H 193 -12.68 -20.44 34.19
C ALA H 193 -13.41 -21.66 33.62
N PHE H 194 -14.68 -21.49 33.24
CA PHE H 194 -15.42 -22.61 32.67
C PHE H 194 -14.80 -23.08 31.36
N TRP H 195 -14.44 -22.14 30.49
CA TRP H 195 -13.84 -22.54 29.21
C TRP H 195 -12.46 -23.15 29.41
N PHE H 196 -11.66 -22.59 30.32
CA PHE H 196 -10.36 -23.17 30.61
C PHE H 196 -10.51 -24.56 31.20
N ALA H 197 -11.51 -24.78 32.05
CA ALA H 197 -11.75 -26.10 32.62
C ALA H 197 -12.17 -27.09 31.54
N ILE H 198 -12.99 -26.64 30.58
CA ILE H 198 -13.37 -27.53 29.47
C ILE H 198 -12.14 -27.93 28.67
N GLY H 199 -11.27 -26.98 28.36
CA GLY H 199 -10.05 -27.31 27.63
C GLY H 199 -9.15 -28.25 28.41
N VAL H 200 -9.01 -28.00 29.71
CA VAL H 200 -8.19 -28.86 30.56
C VAL H 200 -8.77 -30.26 30.63
N ALA H 201 -10.09 -30.38 30.70
CA ALA H 201 -10.73 -31.69 30.72
C ALA H 201 -10.45 -32.44 29.41
N TRP H 202 -10.54 -31.73 28.28
CA TRP H 202 -10.26 -32.37 27.00
C TRP H 202 -8.82 -32.86 26.94
N ILE H 203 -7.86 -32.00 27.30
CA ILE H 203 -6.46 -32.38 27.19
C ILE H 203 -6.14 -33.49 28.18
N GLY H 204 -6.75 -33.48 29.37
CA GLY H 204 -6.53 -34.55 30.32
C GLY H 204 -7.11 -35.87 29.85
N TYR H 205 -8.29 -35.83 29.24
CA TYR H 205 -8.88 -37.03 28.67
C TYR H 205 -7.97 -37.63 27.61
N TRP H 206 -7.39 -36.80 26.76
CA TRP H 206 -6.50 -37.34 25.74
C TRP H 206 -5.07 -37.56 26.24
N SER H 207 -4.77 -37.14 27.47
CA SER H 207 -3.44 -37.32 28.05
C SER H 207 -3.39 -38.41 29.12
N ARG H 208 -4.53 -39.01 29.48
CA ARG H 208 -4.50 -40.09 30.46
C ARG H 208 -3.69 -41.28 29.95
N ARG H 209 -3.88 -41.65 28.69
CA ARG H 209 -3.12 -42.73 28.09
C ARG H 209 -1.70 -42.26 27.78
N PRO H 210 -0.77 -43.20 27.54
CA PRO H 210 0.57 -42.79 27.10
C PRO H 210 0.51 -41.95 25.84
N ILE H 211 1.36 -40.93 25.78
CA ILE H 211 1.13 -39.82 24.86
C ILE H 211 2.04 -39.87 23.64
N PHE H 212 3.35 -39.75 23.84
CA PHE H 212 4.24 -39.36 22.75
C PHE H 212 4.92 -40.55 22.06
N ILE H 213 5.77 -41.28 22.78
CA ILE H 213 6.67 -42.23 22.13
C ILE H 213 5.94 -43.49 21.69
N PRO H 214 5.16 -44.18 22.54
CA PRO H 214 4.44 -45.36 22.06
C PRO H 214 3.48 -45.05 20.92
N ARG H 215 2.77 -43.92 20.99
CA ARG H 215 1.84 -43.57 19.93
C ARG H 215 2.57 -43.24 18.63
N LEU H 216 3.72 -42.56 18.74
CA LEU H 216 4.54 -42.31 17.57
C LEU H 216 5.00 -43.62 16.94
N LEU H 217 5.41 -44.58 17.76
CA LEU H 217 5.85 -45.86 17.22
C LEU H 217 4.70 -46.62 16.57
N MET H 218 3.50 -46.58 17.16
CA MET H 218 2.35 -47.21 16.52
C MET H 218 2.05 -46.58 15.17
N VAL H 219 2.09 -45.25 15.09
CA VAL H 219 1.69 -44.59 13.85
C VAL H 219 2.79 -44.71 12.79
N ASP H 220 4.04 -44.94 13.23
CA ASP H 220 5.13 -45.13 12.28
C ASP H 220 5.15 -46.56 11.75
N ALA H 221 5.22 -47.54 12.65
CA ALA H 221 5.28 -48.94 12.22
C ALA H 221 3.92 -49.40 11.76
N GLY H 222 3.63 -49.23 10.47
CA GLY H 222 2.34 -49.61 9.93
C GLY H 222 1.24 -48.66 10.34
N ARG H 223 0.04 -48.96 9.86
CA ARG H 223 -1.12 -48.18 10.24
C ARG H 223 -1.40 -48.34 11.73
N ALA H 224 -1.74 -47.23 12.39
CA ALA H 224 -2.06 -47.31 13.80
C ALA H 224 -3.51 -47.76 13.98
N ASP H 225 -4.45 -46.91 13.58
CA ASP H 225 -5.89 -47.21 13.57
C ASP H 225 -6.33 -47.92 14.85
N GLU H 226 -5.66 -47.61 15.95
CA GLU H 226 -5.96 -48.22 17.23
C GLU H 226 -5.99 -47.14 18.32
N LEU H 227 -5.32 -46.02 18.06
CA LEU H 227 -5.28 -44.92 19.00
C LEU H 227 -6.53 -44.05 18.96
N VAL H 228 -7.32 -44.15 17.89
CA VAL H 228 -8.58 -43.43 17.79
C VAL H 228 -9.70 -44.40 17.43
N SER H 229 -10.43 -44.86 18.45
CA SER H 229 -11.51 -45.81 18.28
C SER H 229 -12.56 -45.57 19.35
N ALA H 230 -13.75 -46.13 19.13
CA ALA H 230 -14.83 -45.99 20.10
C ALA H 230 -14.37 -46.46 21.48
N THR H 231 -14.74 -45.72 22.51
CA THR H 231 -15.70 -44.61 22.40
C THR H 231 -15.07 -43.22 22.29
N ASP H 232 -13.84 -43.15 21.77
CA ASP H 232 -13.20 -41.84 21.61
C ASP H 232 -13.97 -40.97 20.63
N ARG H 233 -14.42 -41.54 19.51
CA ARG H 233 -15.20 -40.77 18.56
C ARG H 233 -16.52 -40.32 19.16
N LYS H 234 -17.18 -41.19 19.92
CA LYS H 234 -18.45 -40.82 20.53
C LYS H 234 -18.28 -39.71 21.56
N VAL H 235 -17.22 -39.78 22.38
CA VAL H 235 -17.02 -38.74 23.38
C VAL H 235 -16.58 -37.44 22.72
N ALA H 236 -15.89 -37.54 21.57
CA ALA H 236 -15.56 -36.33 20.81
C ALA H 236 -16.81 -35.68 20.24
N MET H 237 -17.73 -36.49 19.71
CA MET H 237 -19.01 -35.96 19.27
C MET H 237 -19.75 -35.32 20.44
N GLY H 238 -19.69 -35.94 21.61
CA GLY H 238 -20.29 -35.35 22.79
C GLY H 238 -19.68 -34.00 23.12
N PHE H 239 -18.35 -33.89 23.08
CA PHE H 239 -17.68 -32.63 23.36
C PHE H 239 -18.08 -31.55 22.34
N LEU H 240 -18.10 -31.90 21.06
CA LEU H 240 -18.46 -30.92 20.03
C LEU H 240 -19.89 -30.44 20.20
N ALA H 241 -20.82 -31.39 20.36
CA ALA H 241 -22.22 -31.03 20.54
C ALA H 241 -22.42 -30.22 21.81
N ALA H 242 -21.72 -30.59 22.89
CA ALA H 242 -21.84 -29.86 24.14
C ALA H 242 -21.30 -28.44 24.00
N THR H 243 -20.17 -28.28 23.32
CA THR H 243 -19.63 -26.93 23.14
C THR H 243 -20.59 -26.06 22.36
N ILE H 244 -21.10 -26.58 21.24
CA ILE H 244 -22.03 -25.79 20.42
C ILE H 244 -23.30 -25.48 21.21
N LEU H 245 -23.84 -26.47 21.92
CA LEU H 245 -25.09 -26.30 22.65
C LEU H 245 -24.93 -25.32 23.81
N ILE H 246 -23.81 -25.39 24.53
CA ILE H 246 -23.55 -24.44 25.61
C ILE H 246 -23.38 -23.04 25.04
N VAL H 247 -22.67 -22.90 23.92
CA VAL H 247 -22.49 -21.58 23.32
C VAL H 247 -23.85 -21.00 22.93
N VAL H 248 -24.72 -21.84 22.35
CA VAL H 248 -26.02 -21.36 21.92
C VAL H 248 -26.86 -20.90 23.11
N MET H 249 -26.92 -21.73 24.18
CA MET H 249 -27.74 -21.32 25.32
C MET H 249 -27.16 -20.10 26.00
N ALA H 250 -25.83 -20.01 26.05
CA ALA H 250 -25.15 -18.86 26.71
C ALA H 250 -25.44 -17.57 25.93
N MET H 251 -25.49 -17.65 24.59
CA MET H 251 -25.77 -16.46 23.75
C MET H 251 -27.24 -16.07 23.90
N SER H 252 -28.13 -17.06 24.03
CA SER H 252 -29.60 -16.79 24.17
C SER H 252 -29.90 -16.25 25.58
N SER H 253 -29.15 -16.69 26.61
CA SER H 253 -29.33 -16.13 27.94
C SER H 253 -28.78 -14.72 28.03
N ALA H 254 -27.60 -14.48 27.43
CA ALA H 254 -27.08 -13.12 27.36
C ALA H 254 -27.91 -12.22 26.47
N ASN H 255 -28.79 -12.79 25.66
CA ASN H 255 -29.78 -11.99 24.93
C ASN H 255 -31.04 -11.76 25.75
N SER H 256 -31.42 -12.71 26.61
CA SER H 256 -32.57 -12.51 27.49
C SER H 256 -32.23 -11.53 28.60
N LYS H 257 -31.28 -11.89 29.45
CA LYS H 257 -30.72 -10.92 30.40
C LYS H 257 -29.96 -9.85 29.64
N TYR H 258 -30.07 -8.61 30.09
CA TYR H 258 -29.59 -7.44 29.36
C TYR H 258 -30.18 -7.41 27.95
N PRO H 259 -31.52 -7.33 27.83
CA PRO H 259 -32.12 -7.38 26.49
C PRO H 259 -31.90 -6.14 25.65
N ILE H 260 -31.46 -5.04 26.25
CA ILE H 260 -31.19 -3.80 25.54
C ILE H 260 -29.68 -3.64 25.46
N THR H 261 -29.13 -3.72 24.25
CA THR H 261 -27.70 -3.56 24.01
C THR H 261 -27.50 -2.62 22.83
N ILE H 262 -26.38 -1.91 22.86
CA ILE H 262 -26.00 -1.01 21.77
C ILE H 262 -24.56 -1.30 21.37
N PRO H 263 -24.17 -1.02 20.14
CA PRO H 263 -22.75 -1.18 19.77
C PRO H 263 -21.91 -0.08 20.38
N LEU H 264 -20.59 -0.26 20.29
CA LEU H 264 -19.66 0.71 20.85
C LEU H 264 -19.75 2.02 20.09
N GLN H 265 -19.74 3.13 20.84
CA GLN H 265 -19.87 4.46 20.26
C GLN H 265 -18.50 4.97 19.84
N ALA H 266 -18.38 5.40 18.60
CA ALA H 266 -17.13 5.93 18.07
C ALA H 266 -17.42 6.84 16.90
N GLY H 267 -16.43 7.66 16.54
CA GLY H 267 -16.57 8.59 15.45
C GLY H 267 -16.08 9.99 15.79
N THR H 268 -15.18 10.53 14.99
CA THR H 268 -14.60 11.83 15.29
C THR H 268 -15.67 12.92 15.23
N MET H 269 -15.65 13.80 16.24
CA MET H 269 -16.58 14.93 16.31
C MET H 269 -15.92 16.15 15.68
N ARG H 270 -16.56 16.69 14.64
CA ARG H 270 -16.09 17.89 13.97
C ARG H 270 -16.85 19.10 14.54
N GLY H 271 -16.59 20.26 13.96
CA GLY H 271 -17.27 21.48 14.38
C GLY H 271 -16.95 21.89 15.79
N MET H 272 -15.67 21.86 16.15
CA MET H 272 -15.24 22.25 17.49
C MET H 272 -15.11 23.75 17.56
N LYS H 273 -15.80 24.36 18.52
CA LYS H 273 -15.84 25.81 18.65
C LYS H 273 -14.51 26.36 19.15
N PRO H 274 -13.86 27.23 18.39
CA PRO H 274 -12.61 27.84 18.85
C PRO H 274 -12.85 29.10 19.66
N LEU H 275 -11.83 29.48 20.40
CA LEU H 275 -11.91 30.71 21.20
C LEU H 275 -11.72 31.92 20.30
N GLU H 276 -12.65 32.87 20.41
CA GLU H 276 -12.62 34.08 19.59
C GLU H 276 -11.72 35.13 20.25
N LEU H 277 -10.42 34.90 20.10
CA LEU H 277 -9.45 35.83 20.67
C LEU H 277 -9.47 37.15 19.89
N PRO H 278 -9.36 38.29 20.57
CA PRO H 278 -9.29 39.56 19.87
C PRO H 278 -7.99 39.69 19.10
N ALA H 279 -8.02 40.49 18.04
CA ALA H 279 -6.82 40.70 17.23
C ALA H 279 -5.78 41.44 18.06
N PRO H 280 -4.57 40.89 18.22
CA PRO H 280 -3.55 41.59 19.01
C PRO H 280 -3.17 42.92 18.37
N THR H 281 -2.94 43.91 19.21
CA THR H 281 -2.47 45.22 18.76
C THR H 281 -0.96 45.35 18.81
N VAL H 282 -0.25 44.29 19.18
CA VAL H 282 1.20 44.31 19.29
C VAL H 282 1.77 43.47 18.16
N SER H 283 2.66 44.06 17.37
CA SER H 283 3.33 43.36 16.29
C SER H 283 4.80 43.17 16.64
N VAL H 284 5.25 41.92 16.61
CA VAL H 284 6.62 41.57 16.96
C VAL H 284 7.23 40.80 15.80
N LYS H 285 8.37 41.27 15.31
CA LYS H 285 9.12 40.58 14.26
C LYS H 285 10.51 40.28 14.81
N VAL H 286 10.94 39.04 14.69
CA VAL H 286 12.18 38.56 15.31
C VAL H 286 13.32 38.74 14.32
N GLU H 287 14.39 39.38 14.78
CA GLU H 287 15.62 39.54 13.99
C GLU H 287 16.69 38.67 14.65
N ASP H 288 16.72 37.40 14.23
CA ASP H 288 17.67 36.34 14.58
C ASP H 288 17.55 35.95 16.05
N ALA H 289 17.89 34.69 16.36
CA ALA H 289 17.89 34.19 17.73
C ALA H 289 19.06 33.24 17.89
N THR H 290 19.82 33.39 18.98
CA THR H 290 20.99 32.58 19.23
C THR H 290 20.96 32.03 20.65
N TYR H 291 21.60 30.88 20.84
CA TYR H 291 21.75 30.27 22.15
C TYR H 291 23.14 29.69 22.27
N ARG H 292 23.70 29.75 23.48
CA ARG H 292 25.08 29.34 23.70
C ARG H 292 25.18 27.82 23.80
N VAL H 293 26.23 27.27 23.19
CA VAL H 293 26.46 25.83 23.21
C VAL H 293 27.83 25.55 23.84
N PRO H 294 27.89 24.96 25.05
CA PRO H 294 26.74 24.68 25.90
C PRO H 294 26.26 25.92 26.64
N GLY H 295 25.02 25.94 27.09
CA GLY H 295 24.51 27.08 27.80
C GLY H 295 23.09 26.84 28.26
N ARG H 296 22.57 27.82 29.01
CA ARG H 296 21.22 27.77 29.55
C ARG H 296 20.41 28.99 29.13
N ALA H 297 20.89 29.76 28.17
CA ALA H 297 20.30 31.03 27.81
C ALA H 297 19.88 31.03 26.34
N MET H 298 18.83 31.80 26.05
CA MET H 298 18.33 31.99 24.70
C MET H 298 18.29 33.47 24.40
N ARG H 299 19.12 33.91 23.46
CA ARG H 299 19.26 35.32 23.12
C ARG H 299 18.58 35.59 21.79
N MET H 300 17.81 36.68 21.74
CA MET H 300 17.09 37.04 20.54
C MET H 300 16.81 38.54 20.53
N LYS H 301 16.58 39.07 19.34
CA LYS H 301 16.38 40.50 19.13
C LYS H 301 14.96 40.72 18.59
N LEU H 302 14.28 41.72 19.15
CA LEU H 302 12.87 41.97 18.84
C LEU H 302 12.67 43.41 18.43
N THR H 303 11.68 43.64 17.58
CA THR H 303 11.22 44.99 17.21
C THR H 303 9.73 45.06 17.49
N ILE H 304 9.38 45.47 18.71
CA ILE H 304 7.99 45.51 19.16
C ILE H 304 7.32 46.74 18.56
N THR H 305 6.19 46.53 17.90
CA THR H 305 5.34 47.60 17.38
C THR H 305 4.10 47.69 18.25
N ASN H 306 3.88 48.85 18.85
CA ASN H 306 2.77 49.05 19.79
C ASN H 306 1.68 49.84 19.08
N HIS H 307 0.51 49.21 18.93
CA HIS H 307 -0.67 49.90 18.44
C HIS H 307 -1.67 50.07 19.58
N GLY H 308 -2.76 50.76 19.29
CA GLY H 308 -3.76 51.03 20.31
C GLY H 308 -3.41 52.28 21.10
N ASN H 309 -3.86 52.32 22.36
CA ASN H 309 -3.62 53.49 23.19
C ASN H 309 -3.21 53.11 24.62
N SER H 310 -2.30 52.14 24.76
CA SER H 310 -1.89 51.72 26.08
C SER H 310 -0.39 51.48 26.10
N PRO H 311 0.31 51.83 27.18
CA PRO H 311 1.74 51.52 27.27
C PRO H 311 1.99 50.12 27.79
N ILE H 312 2.55 49.25 26.97
CA ILE H 312 2.68 47.84 27.28
C ILE H 312 4.11 47.55 27.77
N ARG H 313 4.27 46.42 28.43
CA ARG H 313 5.57 45.93 28.87
C ARG H 313 5.60 44.42 28.72
N LEU H 314 6.68 43.91 28.13
CA LEU H 314 6.82 42.47 27.93
C LEU H 314 7.06 41.80 29.28
N GLY H 315 6.32 40.74 29.56
CA GLY H 315 6.41 40.10 30.85
C GLY H 315 6.75 38.62 30.86
N GLU H 316 6.42 37.91 29.77
CA GLU H 316 6.63 36.47 29.76
C GLU H 316 7.09 36.02 28.38
N PHE H 317 7.73 34.86 28.35
CA PHE H 317 8.17 34.22 27.11
C PHE H 317 8.00 32.71 27.30
N TYR H 318 6.86 32.18 26.84
CA TYR H 318 6.56 30.77 26.93
C TYR H 318 7.00 30.09 25.64
N THR H 319 8.03 29.23 25.74
CA THR H 319 8.60 28.58 24.56
C THR H 319 8.20 27.13 24.46
N ALA H 320 8.47 26.30 25.47
CA ALA H 320 8.05 24.89 25.47
C ALA H 320 7.88 24.45 26.92
N SER H 321 6.66 24.59 27.44
CA SER H 321 6.32 24.17 28.79
C SER H 321 7.16 24.90 29.85
N VAL H 322 7.92 25.91 29.44
CA VAL H 322 8.77 26.69 30.32
C VAL H 322 8.37 28.16 30.17
N ARG H 323 8.11 28.81 31.30
CA ARG H 323 7.68 30.20 31.33
C ARG H 323 8.82 31.06 31.88
N PHE H 324 9.43 31.86 31.01
CA PHE H 324 10.42 32.83 31.43
C PHE H 324 9.72 34.13 31.78
N LEU H 325 9.72 34.50 33.05
CA LEU H 325 9.01 35.66 33.54
C LEU H 325 9.97 36.80 33.86
N ASP H 326 9.47 38.03 33.74
CA ASP H 326 10.16 39.22 34.21
C ASP H 326 9.50 39.66 35.51
N SER H 327 10.23 39.55 36.62
CA SER H 327 9.62 39.80 37.93
C SER H 327 9.15 41.24 38.07
N ASP H 328 9.86 42.20 37.45
CA ASP H 328 9.47 43.59 37.54
C ASP H 328 8.21 43.91 36.75
N VAL H 329 7.73 42.99 35.91
CA VAL H 329 6.57 43.21 35.06
C VAL H 329 5.39 42.35 35.48
N TYR H 330 5.57 41.03 35.52
CA TYR H 330 4.50 40.10 35.84
C TYR H 330 5.00 39.06 36.83
N LYS H 331 4.08 38.54 37.64
CA LYS H 331 4.39 37.50 38.61
C LYS H 331 3.35 36.39 38.48
N ASP H 332 3.81 35.14 38.56
CA ASP H 332 2.92 34.00 38.40
C ASP H 332 2.22 33.69 39.72
N THR H 333 0.89 33.55 39.66
CA THR H 333 0.09 33.25 40.83
C THR H 333 -0.85 32.07 40.63
N THR H 334 -0.63 31.25 39.59
CA THR H 334 -1.51 30.14 39.26
C THR H 334 -1.01 28.80 39.79
N GLY H 335 -0.01 28.81 40.68
CA GLY H 335 0.55 27.56 41.16
C GLY H 335 1.25 26.76 40.08
N TYR H 336 1.88 27.44 39.14
CA TYR H 336 2.55 26.77 38.04
C TYR H 336 3.83 26.08 38.57
N PRO H 337 4.18 24.93 38.03
CA PRO H 337 5.27 24.13 38.63
C PRO H 337 6.59 24.91 38.72
N GLU H 338 7.32 24.67 39.81
CA GLU H 338 8.55 25.39 40.08
C GLU H 338 9.62 25.12 39.03
N ASP H 339 9.80 23.85 38.66
CA ASP H 339 10.86 23.50 37.72
C ASP H 339 10.58 24.03 36.31
N LEU H 340 9.34 24.38 36.01
CA LEU H 340 8.99 24.95 34.71
C LEU H 340 8.87 26.47 34.74
N LEU H 341 9.07 27.10 35.89
CA LEU H 341 8.82 28.52 36.06
C LEU H 341 10.12 29.26 36.28
N ALA H 342 10.35 30.30 35.49
CA ALA H 342 11.51 31.17 35.64
C ALA H 342 11.02 32.51 36.18
N GLU H 343 11.15 32.70 37.49
CA GLU H 343 10.64 33.93 38.11
C GLU H 343 11.36 35.15 37.56
N ASP H 344 12.68 35.08 37.43
CA ASP H 344 13.46 36.16 36.85
C ASP H 344 14.42 35.65 35.78
N GLY H 345 14.05 34.55 35.13
CA GLY H 345 14.88 34.01 34.06
C GLY H 345 14.84 34.79 32.77
N LEU H 346 13.90 35.73 32.65
CA LEU H 346 13.76 36.57 31.46
C LEU H 346 14.33 37.95 31.77
N SER H 347 15.37 38.34 31.04
CA SER H 347 16.02 39.63 31.20
C SER H 347 15.89 40.42 29.90
N VAL H 348 15.35 41.63 30.00
CA VAL H 348 15.16 42.50 28.86
C VAL H 348 16.10 43.68 29.00
N SER H 349 16.86 43.97 27.93
CA SER H 349 17.83 45.05 27.99
C SER H 349 17.15 46.40 28.19
N ASP H 350 16.02 46.62 27.52
CA ASP H 350 15.26 47.87 27.64
C ASP H 350 13.79 47.49 27.81
N ASN H 351 13.36 47.33 29.07
CA ASN H 351 11.99 46.97 29.38
C ASN H 351 11.18 48.17 29.87
N SER H 352 11.56 49.38 29.47
CA SER H 352 10.76 50.55 29.79
C SER H 352 9.42 50.48 29.07
N PRO H 353 8.37 51.06 29.64
CA PRO H 353 7.06 51.03 28.99
C PRO H 353 7.11 51.63 27.59
N LEU H 354 6.41 50.99 26.66
CA LEU H 354 6.43 51.38 25.25
C LEU H 354 5.18 52.20 24.95
N ALA H 355 5.38 53.45 24.57
CA ALA H 355 4.26 54.31 24.23
C ALA H 355 3.57 53.81 22.96
N PRO H 356 2.25 53.94 22.88
CA PRO H 356 1.55 53.50 21.67
C PRO H 356 2.03 54.26 20.44
N GLY H 357 2.14 53.53 19.33
CA GLY H 357 2.65 54.11 18.10
C GLY H 357 4.16 54.05 18.01
N GLU H 358 4.83 54.02 19.16
CA GLU H 358 6.28 54.01 19.19
C GLU H 358 6.80 52.59 19.01
N THR H 359 7.84 52.44 18.20
CA THR H 359 8.47 51.16 17.93
C THR H 359 9.95 51.24 18.32
N ARG H 360 10.46 50.18 18.95
CA ARG H 360 11.85 50.14 19.33
C ARG H 360 12.38 48.73 19.21
N THR H 361 13.70 48.63 19.09
CA THR H 361 14.41 47.36 19.02
C THR H 361 15.10 47.08 20.34
N VAL H 362 14.86 45.89 20.90
CA VAL H 362 15.38 45.54 22.21
C VAL H 362 16.01 44.15 22.11
N ASP H 363 16.92 43.87 23.05
CA ASP H 363 17.56 42.58 23.17
C ASP H 363 16.94 41.81 24.32
N VAL H 364 16.45 40.61 24.04
CA VAL H 364 15.74 39.78 25.01
C VAL H 364 16.56 38.54 25.28
N THR H 365 16.85 38.28 26.55
CA THR H 365 17.61 37.11 26.97
C THR H 365 16.78 36.31 27.96
N ALA H 366 16.63 35.01 27.68
CA ALA H 366 15.91 34.09 28.56
C ALA H 366 16.87 33.01 29.01
N SER H 367 17.25 33.05 30.29
CA SER H 367 18.24 32.13 30.85
C SER H 367 17.65 31.43 32.06
N ASP H 368 17.71 30.10 32.07
CA ASP H 368 17.23 29.33 33.20
C ASP H 368 17.85 27.93 33.14
N ALA H 369 17.99 27.31 34.31
CA ALA H 369 18.50 25.94 34.38
C ALA H 369 17.54 24.94 33.74
N ALA H 370 16.24 25.24 33.70
CA ALA H 370 15.28 24.37 33.05
C ALA H 370 15.56 24.16 31.57
N TRP H 371 16.15 25.16 30.90
CA TRP H 371 16.50 25.06 29.50
C TRP H 371 17.43 23.88 29.22
N GLU H 372 18.26 23.49 30.18
CA GLU H 372 19.07 22.29 30.07
C GLU H 372 18.50 21.11 30.85
N VAL H 373 17.69 21.36 31.88
CA VAL H 373 17.07 20.27 32.62
C VAL H 373 16.12 19.48 31.74
N TYR H 374 15.30 20.18 30.93
CA TYR H 374 14.38 19.53 30.01
C TYR H 374 14.98 19.35 28.62
N ARG H 375 16.28 19.58 28.48
CA ARG H 375 17.00 19.37 27.23
C ARG H 375 16.36 20.17 26.09
N LEU H 376 16.20 21.47 26.31
CA LEU H 376 15.88 22.37 25.22
C LEU H 376 17.11 22.81 24.45
N SER H 377 18.31 22.48 24.94
CA SER H 377 19.56 22.82 24.29
C SER H 377 20.05 21.73 23.36
N ASP H 378 19.28 20.66 23.19
CA ASP H 378 19.65 19.55 22.31
C ASP H 378 19.11 19.76 20.89
N ILE H 379 18.52 20.93 20.62
CA ILE H 379 18.04 21.23 19.28
C ILE H 379 19.19 21.31 18.28
N ILE H 380 20.43 21.43 18.74
CA ILE H 380 21.58 21.31 17.86
C ILE H 380 21.65 19.91 17.27
N TYR H 381 21.28 18.89 18.05
CA TYR H 381 21.18 17.53 17.53
C TYR H 381 20.00 17.34 16.59
N ASP H 382 19.05 18.25 16.63
CA ASP H 382 17.84 18.12 15.84
C ASP H 382 18.07 18.55 14.39
N PRO H 383 17.39 17.91 13.43
CA PRO H 383 17.50 18.32 12.03
C PRO H 383 16.61 19.50 11.64
N ASP H 384 16.06 20.26 12.59
CA ASP H 384 15.26 21.44 12.25
C ASP H 384 15.42 22.44 13.39
N SER H 385 16.28 23.43 13.19
CA SER H 385 16.59 24.41 14.23
C SER H 385 15.70 25.64 14.08
N ARG H 386 14.43 25.46 14.45
CA ARG H 386 13.46 26.54 14.51
C ARG H 386 12.70 26.47 15.82
N PHE H 387 12.26 27.61 16.30
CA PHE H 387 11.54 27.70 17.56
C PHE H 387 10.28 28.53 17.38
N ALA H 388 9.32 28.31 18.28
CA ALA H 388 8.12 29.12 18.35
C ALA H 388 7.71 29.27 19.80
N GLY H 389 7.06 30.38 20.10
CA GLY H 389 6.67 30.65 21.47
C GLY H 389 5.65 31.76 21.54
N LEU H 390 5.23 32.06 22.77
CA LEU H 390 4.24 33.09 23.03
C LEU H 390 4.83 34.16 23.92
N LEU H 391 4.54 35.42 23.60
CA LEU H 391 4.97 36.56 24.38
C LEU H 391 3.75 37.23 24.99
N PHE H 392 3.77 37.43 26.30
CA PHE H 392 2.67 38.07 27.02
C PHE H 392 3.07 39.50 27.33
N PHE H 393 2.34 40.46 26.77
CA PHE H 393 2.59 41.88 26.98
C PHE H 393 1.55 42.45 27.93
N PHE H 394 2.01 43.07 29.01
CA PHE H 394 1.15 43.64 30.02
C PHE H 394 1.29 45.16 30.03
N ASP H 395 0.18 45.85 30.25
CA ASP H 395 0.17 47.30 30.37
C ASP H 395 -0.11 47.72 31.81
N ALA H 396 -0.26 49.03 32.00
CA ALA H 396 -0.51 49.56 33.34
C ALA H 396 -1.85 49.08 33.90
N THR H 397 -2.85 48.91 33.03
CA THR H 397 -4.18 48.49 33.46
C THR H 397 -4.18 47.10 34.07
N GLY H 398 -3.30 46.22 33.63
CA GLY H 398 -3.21 44.87 34.17
C GLY H 398 -3.59 43.77 33.19
N ASN H 399 -4.34 44.08 32.15
CA ASN H 399 -4.66 43.07 31.15
C ASN H 399 -3.45 42.77 30.29
N ARG H 400 -3.54 41.69 29.51
CA ARG H 400 -2.44 41.22 28.70
C ARG H 400 -2.87 40.97 27.27
N GLN H 401 -1.90 41.07 26.37
CA GLN H 401 -2.06 40.74 24.96
C GLN H 401 -1.10 39.63 24.62
N VAL H 402 -1.59 38.61 23.93
CA VAL H 402 -0.79 37.45 23.56
C VAL H 402 -0.36 37.60 22.12
N VAL H 403 0.94 37.47 21.87
CA VAL H 403 1.49 37.51 20.52
C VAL H 403 2.39 36.29 20.35
N GLN H 404 2.57 35.87 19.11
CA GLN H 404 3.30 34.65 18.79
C GLN H 404 4.48 34.98 17.90
N ILE H 405 5.62 34.35 18.17
CA ILE H 405 6.85 34.59 17.43
C ILE H 405 7.41 33.26 16.96
N ASP H 406 8.08 33.28 15.81
CA ASP H 406 8.83 32.12 15.33
C ASP H 406 9.95 32.60 14.41
N ALA H 407 11.11 31.94 14.52
CA ALA H 407 12.29 32.36 13.78
C ALA H 407 13.31 31.24 13.85
N PRO H 408 14.23 31.17 12.88
CA PRO H 408 15.32 30.19 12.97
C PRO H 408 16.17 30.43 14.21
N LEU H 409 16.66 29.33 14.79
CA LEU H 409 17.48 29.38 16.00
C LEU H 409 18.90 28.96 15.63
N ILE H 410 19.83 29.91 15.68
CA ILE H 410 21.20 29.69 15.25
C ILE H 410 22.08 29.51 16.48
N PRO H 411 22.65 28.34 16.71
CA PRO H 411 23.55 28.17 17.85
C PRO H 411 24.84 28.94 17.66
N SER H 412 25.46 29.28 18.80
CA SER H 412 26.74 29.99 18.81
C SER H 412 27.75 29.18 19.60
N PHE H 413 28.99 29.14 19.12
CA PHE H 413 30.03 28.32 19.73
C PHE H 413 31.22 29.14 20.21
N MET H 414 31.64 30.14 19.44
CA MET H 414 32.76 30.99 19.84
C MET H 414 32.27 32.23 20.58
N HIS I 33 12.62 24.45 -21.17
CA HIS I 33 13.02 23.58 -22.31
C HIS I 33 12.27 22.28 -22.12
N GLY I 34 11.89 21.98 -20.87
CA GLY I 34 11.10 20.78 -20.56
C GLY I 34 9.62 21.02 -20.81
N GLU I 35 9.25 22.24 -21.23
CA GLU I 35 7.84 22.56 -21.58
C GLU I 35 7.61 22.22 -23.06
N LYS I 36 6.56 22.76 -23.69
CA LYS I 36 6.20 22.38 -25.09
C LYS I 36 6.17 20.85 -25.17
N SER I 37 5.75 20.18 -24.10
CA SER I 37 5.71 18.69 -24.03
C SER I 37 4.75 18.36 -22.89
N GLN I 38 4.76 19.15 -21.80
CA GLN I 38 3.78 18.97 -20.75
C GLN I 38 2.37 19.22 -21.30
N ALA I 39 1.38 18.78 -20.53
CA ALA I 39 -0.01 18.89 -20.97
C ALA I 39 -0.40 20.34 -21.18
N ALA I 40 -1.15 20.60 -22.26
CA ALA I 40 -1.49 21.97 -22.62
C ALA I 40 -2.34 22.64 -21.55
N PHE I 41 -3.43 22.00 -21.13
CA PHE I 41 -4.28 22.63 -20.12
C PHE I 41 -3.53 22.70 -18.80
N MET I 42 -2.65 21.74 -18.55
CA MET I 42 -1.93 21.72 -17.28
C MET I 42 -0.96 22.89 -17.20
N ARG I 43 -0.34 23.26 -18.33
CA ARG I 43 0.46 24.47 -18.34
C ARG I 43 -0.41 25.72 -18.27
N MET I 44 -1.58 25.69 -18.91
CA MET I 44 -2.46 26.87 -18.90
C MET I 44 -2.99 27.18 -17.51
N ARG I 45 -3.56 26.20 -16.83
CA ARG I 45 -4.10 26.38 -15.49
C ARG I 45 -3.33 25.51 -14.50
N THR I 46 -2.12 25.96 -14.15
CA THR I 46 -1.47 25.48 -12.93
C THR I 46 -1.01 26.64 -12.07
N ILE I 47 -0.20 27.51 -12.66
CA ILE I 47 0.45 28.63 -11.99
C ILE I 47 0.72 29.69 -13.06
N HIS I 48 0.32 30.92 -12.79
CA HIS I 48 0.49 32.02 -13.74
C HIS I 48 1.58 32.95 -13.23
N TRP I 49 2.58 33.20 -14.07
CA TRP I 49 3.69 34.08 -13.74
C TRP I 49 3.49 35.41 -14.42
N TYR I 50 3.63 36.50 -13.66
CA TYR I 50 3.57 37.83 -14.22
C TYR I 50 4.46 38.75 -13.40
N ASP I 51 4.63 39.98 -13.90
CA ASP I 51 5.51 40.99 -13.30
C ASP I 51 6.95 40.52 -13.27
N LEU I 52 7.31 39.59 -14.15
CA LEU I 52 8.67 39.07 -14.17
C LEU I 52 9.64 40.09 -14.72
N SER I 53 10.80 40.22 -14.07
CA SER I 53 11.84 41.13 -14.51
C SER I 53 13.19 40.50 -14.21
N TRP I 54 14.10 40.60 -15.18
CA TRP I 54 15.46 40.08 -15.04
C TRP I 54 16.40 41.25 -14.82
N SER I 55 17.24 41.15 -13.79
CA SER I 55 18.12 42.25 -13.45
C SER I 55 19.12 42.54 -14.56
N LYS I 56 19.68 41.49 -15.17
CA LYS I 56 20.68 41.66 -16.21
C LYS I 56 20.43 40.63 -17.31
N GLU I 57 20.92 40.95 -18.51
CA GLU I 57 20.84 40.04 -19.64
C GLU I 57 22.18 39.38 -19.96
N LYS I 58 23.29 40.10 -19.77
CA LYS I 58 24.63 39.54 -19.99
C LYS I 58 25.44 39.79 -18.73
N VAL I 59 26.06 38.72 -18.20
CA VAL I 59 26.83 38.80 -16.98
C VAL I 59 28.15 38.08 -17.19
N LYS I 60 29.15 38.44 -16.38
CA LYS I 60 30.41 37.73 -16.36
C LYS I 60 30.45 36.80 -15.15
N ILE I 61 31.53 36.01 -15.07
CA ILE I 61 31.66 35.06 -13.99
C ILE I 61 31.76 35.80 -12.66
N ASN I 62 31.13 35.24 -11.63
CA ASN I 62 31.00 35.77 -10.27
C ASN I 62 30.02 36.94 -10.17
N GLU I 63 29.42 37.38 -11.27
CA GLU I 63 28.39 38.40 -11.18
C GLU I 63 27.06 37.77 -10.78
N THR I 64 26.21 38.57 -10.16
CA THR I 64 24.92 38.12 -9.67
C THR I 64 23.80 38.69 -10.53
N VAL I 65 22.90 37.82 -10.97
CA VAL I 65 21.71 38.21 -11.71
C VAL I 65 20.49 37.80 -10.89
N GLU I 66 19.52 38.70 -10.78
CA GLU I 66 18.36 38.51 -9.91
C GLU I 66 17.11 38.45 -10.76
N ILE I 67 16.25 37.46 -10.49
CA ILE I 67 14.98 37.30 -11.17
C ILE I 67 13.86 37.57 -10.16
N LYS I 68 13.00 38.53 -10.49
CA LYS I 68 11.89 38.92 -9.63
C LYS I 68 10.58 38.72 -10.37
N GLY I 69 9.49 38.78 -9.61
CA GLY I 69 8.17 38.64 -10.20
C GLY I 69 7.20 38.05 -9.19
N LYS I 70 5.99 37.80 -9.69
CA LYS I 70 4.93 37.22 -8.88
C LYS I 70 4.32 36.05 -9.63
N PHE I 71 3.96 35.01 -8.89
CA PHE I 71 3.26 33.86 -9.46
C PHE I 71 1.96 33.67 -8.69
N HIS I 72 0.89 33.36 -9.42
CA HIS I 72 -0.41 33.15 -8.83
C HIS I 72 -0.84 31.70 -9.02
N VAL I 73 -1.17 31.03 -7.92
CA VAL I 73 -1.66 29.66 -7.98
C VAL I 73 -3.12 29.68 -8.40
N PHE I 74 -3.45 28.91 -9.44
CA PHE I 74 -4.81 28.90 -9.96
C PHE I 74 -5.78 28.27 -8.97
N GLU I 75 -6.98 28.84 -8.89
CA GLU I 75 -8.00 28.26 -8.01
C GLU I 75 -8.40 26.87 -8.47
N GLY I 76 -8.64 26.70 -9.77
CA GLY I 76 -9.04 25.41 -10.29
C GLY I 76 -7.87 24.48 -10.54
N TRP I 77 -7.16 24.14 -9.47
CA TRP I 77 -6.02 23.25 -9.59
C TRP I 77 -6.47 21.89 -10.12
N PRO I 78 -5.78 21.31 -11.10
CA PRO I 78 -6.21 20.02 -11.65
C PRO I 78 -6.16 18.92 -10.59
N GLU I 79 -7.12 18.01 -10.66
CA GLU I 79 -7.19 16.91 -9.68
C GLU I 79 -6.02 15.96 -9.80
N THR I 80 -5.56 15.67 -11.02
CA THR I 80 -4.47 14.72 -11.20
C THR I 80 -3.16 15.19 -10.59
N VAL I 81 -3.03 16.48 -10.31
CA VAL I 81 -1.84 17.01 -9.65
C VAL I 81 -2.21 17.35 -8.21
N ASP I 82 -1.41 16.88 -7.28
CA ASP I 82 -1.65 17.13 -5.88
C ASP I 82 -1.53 18.62 -5.57
N GLU I 83 -2.28 19.06 -4.57
CA GLU I 83 -2.25 20.46 -4.17
C GLU I 83 -0.86 20.83 -3.66
N PRO I 84 -0.40 22.05 -3.91
CA PRO I 84 0.95 22.43 -3.50
C PRO I 84 1.09 22.59 -2.00
N ASP I 85 0.78 21.53 -1.25
CA ASP I 85 1.00 21.55 0.19
C ASP I 85 2.50 21.53 0.50
N VAL I 86 3.31 20.93 -0.36
CA VAL I 86 4.75 20.86 -0.20
C VAL I 86 5.36 21.18 -1.56
N ALA I 87 5.88 22.39 -1.71
CA ALA I 87 6.41 22.85 -2.99
C ALA I 87 7.75 23.54 -2.79
N PHE I 88 8.53 23.60 -3.87
CA PHE I 88 9.87 24.17 -3.86
C PHE I 88 9.99 25.19 -4.97
N LEU I 89 10.66 26.31 -4.69
CA LEU I 89 11.01 27.30 -5.71
C LEU I 89 12.36 26.93 -6.30
N ASN I 90 12.34 26.42 -7.53
CA ASN I 90 13.55 26.00 -8.22
C ASN I 90 13.78 26.85 -9.46
N VAL I 91 14.93 26.65 -10.08
CA VAL I 91 15.31 27.37 -11.29
C VAL I 91 15.68 26.35 -12.36
N GLY I 92 15.08 26.49 -13.55
CA GLY I 92 15.34 25.56 -14.62
C GLY I 92 16.45 26.00 -15.55
N MET I 93 17.60 25.36 -15.47
CA MET I 93 18.76 25.71 -16.27
C MET I 93 19.49 24.43 -16.66
N PRO I 94 20.21 24.43 -17.78
CA PRO I 94 20.94 23.23 -18.18
C PRO I 94 22.15 22.96 -17.31
N GLY I 95 21.93 22.41 -16.12
CA GLY I 95 22.99 22.15 -15.19
C GLY I 95 23.32 23.38 -14.37
N PRO I 96 24.12 23.20 -13.32
CA PRO I 96 24.48 24.33 -12.44
C PRO I 96 25.37 25.36 -13.12
N VAL I 97 24.90 25.91 -14.23
CA VAL I 97 25.61 27.04 -14.84
C VAL I 97 25.45 28.30 -14.01
N PHE I 98 24.37 28.41 -13.23
CA PHE I 98 24.19 29.45 -12.24
C PHE I 98 23.98 28.78 -10.89
N ILE I 99 24.60 29.32 -9.86
CA ILE I 99 24.38 28.83 -8.50
C ILE I 99 23.30 29.69 -7.86
N ARG I 100 22.31 29.04 -7.24
CA ARG I 100 21.19 29.74 -6.64
C ARG I 100 21.64 30.28 -5.28
N LYS I 101 22.14 31.51 -5.26
CA LYS I 101 22.64 32.11 -4.03
C LYS I 101 21.52 32.29 -3.01
N GLU I 102 20.37 32.80 -3.46
CA GLU I 102 19.26 33.11 -2.56
C GLU I 102 17.95 32.83 -3.26
N SER I 103 16.90 32.64 -2.47
CA SER I 103 15.55 32.48 -3.00
C SER I 103 14.56 32.89 -1.93
N TYR I 104 13.60 33.74 -2.31
CA TYR I 104 12.61 34.26 -1.37
C TYR I 104 11.21 34.06 -1.92
N ILE I 105 10.29 33.69 -1.04
CA ILE I 105 8.86 33.71 -1.32
C ILE I 105 8.23 34.69 -0.34
N GLY I 106 7.83 35.85 -0.84
CA GLY I 106 7.36 36.91 0.03
C GLY I 106 8.49 37.81 0.47
N GLY I 107 8.99 37.59 1.69
CA GLY I 107 10.11 38.35 2.19
C GLY I 107 11.09 37.53 2.99
N GLN I 108 10.86 36.22 3.05
CA GLN I 108 11.67 35.31 3.85
C GLN I 108 12.39 34.32 2.95
N LEU I 109 13.57 33.87 3.40
CA LEU I 109 14.34 32.88 2.66
C LEU I 109 13.57 31.56 2.62
N VAL I 110 13.64 30.88 1.48
CA VAL I 110 12.95 29.59 1.32
C VAL I 110 13.91 28.54 0.76
N PRO I 111 14.92 28.14 1.53
CA PRO I 111 15.85 27.12 1.01
C PRO I 111 15.27 25.72 0.97
N ARG I 112 14.18 25.48 1.69
CA ARG I 112 13.53 24.18 1.76
C ARG I 112 12.13 24.27 1.15
N SER I 113 11.42 23.15 1.21
CA SER I 113 10.07 23.10 0.67
C SER I 113 9.14 24.03 1.43
N VAL I 114 8.18 24.61 0.70
CA VAL I 114 7.22 25.53 1.28
C VAL I 114 5.81 25.04 0.96
N ARG I 115 4.84 25.59 1.67
CA ARG I 115 3.44 25.28 1.44
C ARG I 115 2.75 26.46 0.76
N LEU I 116 2.06 26.17 -0.33
CA LEU I 116 1.36 27.20 -1.11
C LEU I 116 -0.14 26.95 -1.04
N GLU I 117 -0.91 28.02 -0.90
CA GLU I 117 -2.36 27.94 -0.78
C GLU I 117 -2.98 28.16 -2.15
N ILE I 118 -4.05 27.41 -2.44
CA ILE I 118 -4.73 27.51 -3.71
C ILE I 118 -5.44 28.85 -3.81
N GLY I 119 -5.18 29.58 -4.90
CA GLY I 119 -5.83 30.84 -5.17
C GLY I 119 -5.09 32.07 -4.69
N LYS I 120 -4.13 31.91 -3.78
CA LYS I 120 -3.38 33.04 -3.27
C LYS I 120 -2.31 33.48 -4.27
N THR I 121 -1.83 34.71 -4.09
CA THR I 121 -0.82 35.29 -4.95
C THR I 121 0.43 35.55 -4.12
N TYR I 122 1.58 35.14 -4.64
CA TYR I 122 2.87 35.32 -3.98
C TYR I 122 3.83 36.02 -4.93
N ASP I 123 4.81 36.70 -4.36
CA ASP I 123 5.92 37.25 -5.12
C ASP I 123 7.23 36.58 -4.71
N PHE I 124 8.14 36.45 -5.66
CA PHE I 124 9.38 35.71 -5.44
C PHE I 124 10.56 36.49 -5.98
N ARG I 125 11.74 36.18 -5.44
CA ARG I 125 12.98 36.82 -5.85
C ARG I 125 14.09 35.80 -5.71
N VAL I 126 14.76 35.48 -6.82
CA VAL I 126 15.82 34.48 -6.85
C VAL I 126 17.10 35.16 -7.28
N VAL I 127 18.18 34.96 -6.52
CA VAL I 127 19.48 35.52 -6.82
C VAL I 127 20.34 34.42 -7.42
N LEU I 128 20.89 34.68 -8.59
CA LEU I 128 21.70 33.71 -9.32
C LEU I 128 23.08 34.30 -9.59
N LYS I 129 24.11 33.49 -9.39
CA LYS I 129 25.50 33.89 -9.60
C LYS I 129 26.10 33.05 -10.71
N ALA I 130 26.76 33.72 -11.66
CA ALA I 130 27.27 33.05 -12.85
C ALA I 130 28.38 32.07 -12.48
N ARG I 131 28.36 30.90 -13.08
CA ARG I 131 29.38 29.88 -12.86
C ARG I 131 29.97 29.34 -14.16
N ARG I 132 29.17 29.20 -15.22
CA ARG I 132 29.64 28.66 -16.47
C ARG I 132 29.43 29.66 -17.61
N PRO I 133 30.44 29.95 -18.42
CA PRO I 133 30.24 30.84 -19.56
C PRO I 133 29.38 30.18 -20.64
N GLY I 134 28.70 31.02 -21.41
CA GLY I 134 27.88 30.54 -22.50
C GLY I 134 26.50 31.14 -22.51
N ASP I 135 25.62 30.61 -23.36
CA ASP I 135 24.23 31.04 -23.45
C ASP I 135 23.34 30.00 -22.79
N TRP I 136 22.56 30.42 -21.80
CA TRP I 136 21.71 29.51 -21.06
C TRP I 136 20.28 30.06 -20.99
N HIS I 137 19.32 29.15 -21.02
CA HIS I 137 17.90 29.49 -20.92
C HIS I 137 17.49 29.28 -19.47
N VAL I 138 17.45 30.37 -18.71
CA VAL I 138 17.12 30.32 -17.29
C VAL I 138 15.61 30.34 -17.13
N HIS I 139 15.06 29.24 -16.63
CA HIS I 139 13.63 29.13 -16.37
C HIS I 139 13.38 29.17 -14.87
N THR I 140 12.31 29.86 -14.48
CA THR I 140 11.88 29.92 -13.08
C THR I 140 10.78 28.89 -12.90
N MET I 141 11.16 27.70 -12.46
CA MET I 141 10.23 26.58 -12.40
C MET I 141 9.69 26.40 -10.98
N MET I 142 8.58 25.65 -10.90
CA MET I 142 7.96 25.28 -9.64
C MET I 142 7.92 23.77 -9.55
N ASN I 143 8.20 23.22 -8.38
CA ASN I 143 8.13 21.78 -8.15
C ASN I 143 7.14 21.51 -7.04
N VAL I 144 6.17 20.64 -7.30
CA VAL I 144 5.13 20.29 -6.34
C VAL I 144 5.27 18.82 -5.98
N GLN I 145 4.77 18.46 -4.79
CA GLN I 145 5.04 17.16 -4.19
C GLN I 145 4.64 15.99 -5.09
N GLY I 146 3.42 16.02 -5.62
CA GLY I 146 2.95 14.91 -6.42
C GLY I 146 2.56 15.28 -7.83
N GLY I 147 3.27 16.24 -8.41
CA GLY I 147 2.95 16.66 -9.77
C GLY I 147 4.15 16.91 -10.65
N GLY I 148 5.35 16.78 -10.11
CA GLY I 148 6.55 16.97 -10.89
C GLY I 148 6.84 18.43 -11.15
N PRO I 149 7.63 18.71 -12.20
CA PRO I 149 8.08 20.08 -12.46
C PRO I 149 7.03 20.94 -13.13
N ILE I 150 7.03 22.23 -12.80
CA ILE I 150 6.10 23.20 -13.41
C ILE I 150 6.98 24.29 -14.00
N ILE I 151 7.23 24.20 -15.31
CA ILE I 151 8.17 25.09 -15.96
C ILE I 151 7.50 26.42 -16.26
N GLY I 152 8.16 27.53 -15.90
CA GLY I 152 7.69 28.85 -16.22
C GLY I 152 8.46 29.44 -17.38
N PRO I 153 8.11 30.65 -17.78
CA PRO I 153 8.80 31.28 -18.92
C PRO I 153 10.26 31.55 -18.61
N GLY I 154 11.10 31.40 -19.62
CA GLY I 154 12.54 31.53 -19.47
C GLY I 154 13.11 32.59 -20.38
N LYS I 155 14.19 33.22 -19.94
CA LYS I 155 14.87 34.26 -20.69
C LYS I 155 16.32 33.87 -20.95
N TRP I 156 16.79 34.10 -22.17
CA TRP I 156 18.17 33.81 -22.50
C TRP I 156 19.11 34.77 -21.76
N ILE I 157 20.10 34.21 -21.08
CA ILE I 157 21.13 34.99 -20.40
C ILE I 157 22.49 34.51 -20.88
N THR I 158 23.29 35.44 -21.38
CA THR I 158 24.62 35.16 -21.89
C THR I 158 25.64 35.35 -20.78
N VAL I 159 26.55 34.40 -20.63
CA VAL I 159 27.60 34.44 -19.62
C VAL I 159 28.95 34.39 -20.33
N GLU I 160 29.83 35.31 -19.97
CA GLU I 160 31.16 35.41 -20.57
C GLU I 160 32.22 35.27 -19.49
N GLY I 161 33.35 34.67 -19.87
CA GLY I 161 34.45 34.43 -18.96
C GLY I 161 34.95 33.00 -19.04
N SER I 162 35.43 32.50 -17.90
CA SER I 162 35.90 31.13 -17.78
C SER I 162 35.44 30.55 -16.44
N MET I 163 35.32 29.22 -16.40
CA MET I 163 34.89 28.56 -15.17
C MET I 163 35.96 28.62 -14.09
N SER I 164 37.23 28.74 -14.48
CA SER I 164 38.31 28.75 -13.50
C SER I 164 38.25 29.95 -12.57
N GLU I 165 37.67 31.06 -13.01
CA GLU I 165 37.57 32.26 -12.18
C GLU I 165 36.46 32.18 -11.14
N PHE I 166 35.58 31.18 -11.25
CA PHE I 166 34.43 31.11 -10.35
C PHE I 166 34.87 30.78 -8.93
N ARG I 167 34.27 31.48 -7.96
CA ARG I 167 34.52 31.24 -6.54
C ARG I 167 33.19 31.17 -5.81
N ASN I 168 33.11 30.27 -4.83
CA ASN I 168 31.91 30.11 -4.02
C ASN I 168 32.32 30.09 -2.54
N PRO I 169 32.68 31.23 -1.98
CA PRO I 169 33.11 31.27 -0.58
C PRO I 169 31.93 31.17 0.37
N VAL I 170 32.19 30.62 1.56
CA VAL I 170 31.19 30.51 2.61
C VAL I 170 31.92 30.48 3.95
N THR I 171 31.32 31.12 4.95
CA THR I 171 31.90 31.18 6.29
C THR I 171 31.05 30.38 7.27
N THR I 172 31.66 29.43 7.95
CA THR I 172 30.94 28.56 8.87
C THR I 172 30.86 29.18 10.26
N LEU I 173 30.03 28.58 11.12
CA LEU I 173 29.94 29.02 12.50
C LEU I 173 31.14 28.60 13.33
N THR I 174 32.00 27.72 12.81
CA THR I 174 33.24 27.38 13.48
C THR I 174 34.28 28.49 13.38
N GLY I 175 34.18 29.35 12.37
CA GLY I 175 35.15 30.41 12.19
C GLY I 175 36.16 30.17 11.09
N GLN I 176 35.77 29.51 10.01
CA GLN I 176 36.66 29.25 8.89
C GLN I 176 35.92 29.52 7.58
N THR I 177 36.64 30.05 6.60
CA THR I 177 36.08 30.33 5.29
C THR I 177 36.64 29.32 4.30
N VAL I 178 35.73 28.60 3.61
CA VAL I 178 36.11 27.57 2.67
C VAL I 178 35.36 27.79 1.36
N ASP I 179 35.99 27.37 0.26
CA ASP I 179 35.37 27.44 -1.05
C ASP I 179 34.65 26.14 -1.35
N LEU I 180 33.35 26.24 -1.62
CA LEU I 180 32.53 25.06 -1.87
C LEU I 180 32.88 24.35 -3.18
N GLU I 181 33.65 25.00 -4.07
CA GLU I 181 34.03 24.36 -5.32
C GLU I 181 34.98 23.21 -5.11
N ASN I 182 35.83 23.28 -4.08
CA ASN I 182 36.81 22.22 -3.84
C ASN I 182 36.91 21.83 -2.37
N TYR I 183 35.96 22.22 -1.54
CA TYR I 183 35.98 21.83 -0.13
C TYR I 183 35.76 20.33 -0.01
N ASN I 184 36.59 19.67 0.80
CA ASN I 184 36.54 18.24 1.12
C ASN I 184 36.84 17.36 -0.08
N GLU I 185 37.16 17.93 -1.24
CA GLU I 185 37.45 17.11 -2.42
C GLU I 185 38.67 16.24 -2.21
N GLY I 186 39.73 16.81 -1.64
CA GLY I 186 40.94 16.03 -1.40
C GLY I 186 40.71 14.91 -0.42
N ASN I 187 39.99 15.20 0.67
CA ASN I 187 39.69 14.17 1.66
C ASN I 187 38.85 13.05 1.06
N THR I 188 37.84 13.41 0.28
CA THR I 188 37.01 12.40 -0.37
C THR I 188 37.83 11.53 -1.31
N TYR I 189 38.68 12.14 -2.14
CA TYR I 189 39.53 11.38 -3.03
C TYR I 189 40.44 10.44 -2.25
N PHE I 190 41.06 10.95 -1.19
CA PHE I 190 41.99 10.15 -0.42
C PHE I 190 41.30 8.93 0.21
N TRP I 191 40.13 9.15 0.82
CA TRP I 191 39.45 8.05 1.49
C TRP I 191 38.96 7.02 0.47
N HIS I 192 38.36 7.48 -0.63
CA HIS I 192 37.87 6.54 -1.64
C HIS I 192 39.02 5.75 -2.26
N ALA I 193 40.14 6.43 -2.55
CA ALA I 193 41.29 5.73 -3.11
C ALA I 193 41.86 4.73 -2.12
N PHE I 194 41.90 5.08 -0.83
CA PHE I 194 42.42 4.15 0.17
C PHE I 194 41.55 2.90 0.25
N TRP I 195 40.23 3.07 0.26
CA TRP I 195 39.36 1.90 0.35
C TRP I 195 39.43 1.05 -0.91
N PHE I 196 39.48 1.70 -2.07
CA PHE I 196 39.62 0.96 -3.32
C PHE I 196 40.94 0.21 -3.37
N ALA I 197 42.02 0.82 -2.85
CA ALA I 197 43.31 0.15 -2.80
C ALA I 197 43.27 -1.05 -1.87
N ILE I 198 42.57 -0.93 -0.74
CA ILE I 198 42.44 -2.06 0.17
C ILE I 198 41.71 -3.21 -0.52
N GLY I 199 40.61 -2.90 -1.20
CA GLY I 199 39.89 -3.94 -1.92
C GLY I 199 40.73 -4.58 -3.02
N VAL I 200 41.47 -3.76 -3.75
CA VAL I 200 42.33 -4.28 -4.81
C VAL I 200 43.44 -5.16 -4.24
N ALA I 201 43.99 -4.77 -3.09
CA ALA I 201 45.01 -5.59 -2.43
C ALA I 201 44.43 -6.94 -2.02
N TRP I 202 43.22 -6.94 -1.47
CA TRP I 202 42.58 -8.20 -1.08
C TRP I 202 42.37 -9.10 -2.29
N ILE I 203 41.80 -8.55 -3.36
CA ILE I 203 41.50 -9.37 -4.53
C ILE I 203 42.78 -9.84 -5.20
N GLY I 204 43.83 -9.01 -5.20
CA GLY I 204 45.10 -9.45 -5.76
C GLY I 204 45.76 -10.53 -4.93
N TYR I 205 45.67 -10.43 -3.60
CA TYR I 205 46.19 -11.48 -2.74
C TYR I 205 45.49 -12.81 -3.02
N TRP I 206 44.18 -12.77 -3.19
CA TRP I 206 43.49 -14.02 -3.47
C TRP I 206 43.50 -14.41 -4.95
N SER I 207 44.04 -13.55 -5.81
CA SER I 207 44.13 -13.84 -7.24
C SER I 207 45.56 -14.16 -7.70
N ARG I 208 46.56 -14.06 -6.83
CA ARG I 208 47.92 -14.42 -7.22
C ARG I 208 48.01 -15.89 -7.62
N ARG I 209 47.38 -16.78 -6.84
CA ARG I 209 47.36 -18.19 -7.15
C ARG I 209 46.38 -18.45 -8.31
N PRO I 210 46.48 -19.62 -8.94
CA PRO I 210 45.48 -19.97 -9.97
C PRO I 210 44.08 -19.94 -9.39
N ILE I 211 43.13 -19.45 -10.19
CA ILE I 211 41.86 -18.97 -9.64
C ILE I 211 40.72 -19.95 -9.87
N PHE I 212 40.36 -20.19 -11.13
CA PHE I 212 39.05 -20.75 -11.45
C PHE I 212 39.05 -22.25 -11.64
N ILE I 213 39.74 -22.74 -12.68
CA ILE I 213 39.55 -24.13 -13.10
C ILE I 213 40.24 -25.12 -12.15
N PRO I 214 41.53 -24.95 -11.83
CA PRO I 214 42.13 -25.91 -10.88
C PRO I 214 41.43 -25.92 -9.53
N ARG I 215 41.04 -24.76 -9.00
CA ARG I 215 40.36 -24.73 -7.71
C ARG I 215 38.99 -25.38 -7.79
N LEU I 216 38.27 -25.16 -8.91
CA LEU I 216 37.00 -25.85 -9.10
C LEU I 216 37.20 -27.35 -9.13
N LEU I 217 38.25 -27.82 -9.81
CA LEU I 217 38.50 -29.26 -9.86
C LEU I 217 38.86 -29.81 -8.48
N MET I 218 39.65 -29.07 -7.70
CA MET I 218 39.96 -29.52 -6.35
C MET I 218 38.69 -29.61 -5.50
N VAL I 219 37.82 -28.61 -5.58
CA VAL I 219 36.64 -28.61 -4.71
C VAL I 219 35.61 -29.62 -5.19
N ASP I 220 35.64 -29.98 -6.46
CA ASP I 220 34.72 -30.99 -6.98
C ASP I 220 35.20 -32.41 -6.65
N ALA I 221 36.43 -32.73 -7.06
CA ALA I 221 36.95 -34.07 -6.82
C ALA I 221 37.34 -34.23 -5.36
N GLY I 222 36.40 -34.65 -4.53
CA GLY I 222 36.66 -34.81 -3.11
C GLY I 222 36.75 -33.48 -2.39
N ARG I 223 36.97 -33.56 -1.08
CA ARG I 223 37.15 -32.36 -0.29
C ARG I 223 38.43 -31.63 -0.72
N ALA I 224 38.33 -30.31 -0.81
CA ALA I 224 39.50 -29.52 -1.17
C ALA I 224 40.38 -29.31 0.06
N ASP I 225 39.88 -28.53 1.01
CA ASP I 225 40.53 -28.30 2.31
C ASP I 225 42.03 -28.05 2.16
N GLU I 226 42.42 -27.47 1.03
CA GLU I 226 43.81 -27.18 0.75
C GLU I 226 43.95 -25.76 0.21
N LEU I 227 42.86 -25.23 -0.35
CA LEU I 227 42.85 -23.89 -0.90
C LEU I 227 42.70 -22.81 0.17
N VAL I 228 42.24 -23.18 1.36
CA VAL I 228 42.14 -22.23 2.48
C VAL I 228 42.85 -22.81 3.70
N SER I 229 44.10 -22.42 3.90
CA SER I 229 44.92 -22.89 5.01
C SER I 229 45.89 -21.80 5.42
N ALA I 230 46.45 -21.95 6.61
CA ALA I 230 47.43 -20.99 7.12
C ALA I 230 48.55 -20.80 6.11
N THR I 231 48.96 -19.55 5.91
CA THR I 231 48.53 -18.42 6.72
C THR I 231 47.39 -17.59 6.11
N ASP I 232 46.56 -18.20 5.26
CA ASP I 232 45.45 -17.47 4.67
C ASP I 232 44.46 -17.03 5.75
N ARG I 233 44.15 -17.91 6.70
CA ARG I 233 43.24 -17.53 7.78
C ARG I 233 43.84 -16.42 8.64
N LYS I 234 45.13 -16.51 8.93
CA LYS I 234 45.77 -15.48 9.75
C LYS I 234 45.76 -14.13 9.04
N VAL I 235 46.06 -14.11 7.74
CA VAL I 235 46.08 -12.83 7.02
C VAL I 235 44.66 -12.31 6.85
N ALA I 236 43.67 -13.19 6.76
CA ALA I 236 42.28 -12.75 6.74
C ALA I 236 41.88 -12.12 8.06
N MET I 237 42.29 -12.73 9.18
CA MET I 237 42.07 -12.10 10.47
C MET I 237 42.75 -10.74 10.54
N GLY I 238 43.96 -10.66 9.99
CA GLY I 238 44.65 -9.37 9.94
C GLY I 238 43.87 -8.33 9.15
N PHE I 239 43.35 -8.72 7.99
CA PHE I 239 42.54 -7.80 7.18
C PHE I 239 41.30 -7.35 7.92
N LEU I 240 40.58 -8.28 8.56
CA LEU I 240 39.36 -7.92 9.27
C LEU I 240 39.66 -6.98 10.43
N ALA I 241 40.66 -7.33 11.25
CA ALA I 241 41.02 -6.49 12.38
C ALA I 241 41.51 -5.13 11.91
N ALA I 242 42.29 -5.10 10.83
CA ALA I 242 42.79 -3.84 10.30
C ALA I 242 41.65 -2.97 9.79
N THR I 243 40.68 -3.56 9.08
CA THR I 243 39.56 -2.78 8.58
C THR I 243 38.76 -2.17 9.74
N ILE I 244 38.45 -2.99 10.76
CA ILE I 244 37.69 -2.48 11.89
C ILE I 244 38.48 -1.40 12.63
N LEU I 245 39.77 -1.65 12.85
CA LEU I 245 40.61 -0.71 13.60
C LEU I 245 40.79 0.61 12.85
N ILE I 246 41.00 0.56 11.54
CA ILE I 246 41.10 1.78 10.74
C ILE I 246 39.78 2.53 10.75
N VAL I 247 38.66 1.82 10.62
CA VAL I 247 37.35 2.49 10.66
C VAL I 247 37.17 3.20 12.00
N VAL I 248 37.54 2.53 13.09
CA VAL I 248 37.37 3.13 14.41
C VAL I 248 38.23 4.37 14.56
N MET I 249 39.51 4.29 14.20
CA MET I 249 40.36 5.47 14.35
C MET I 249 39.91 6.60 13.44
N ALA I 250 39.46 6.25 12.24
CA ALA I 250 39.02 7.27 11.25
C ALA I 250 37.76 7.98 11.77
N MET I 251 36.86 7.25 12.43
CA MET I 251 35.62 7.85 13.00
C MET I 251 35.97 8.73 14.19
N SER I 252 36.96 8.31 15.00
CA SER I 252 37.38 9.09 16.20
C SER I 252 38.16 10.33 15.78
N SER I 253 38.92 10.27 14.68
CA SER I 253 39.60 11.46 14.19
C SER I 253 38.62 12.44 13.56
N ALA I 254 37.66 11.93 12.77
CA ALA I 254 36.61 12.78 12.24
C ALA I 254 35.69 13.31 13.33
N ASN I 255 35.74 12.74 14.53
CA ASN I 255 35.06 13.32 15.67
C ASN I 255 35.92 14.35 16.39
N SER I 256 37.24 14.17 16.40
CA SER I 256 38.13 15.17 17.00
C SER I 256 38.22 16.40 16.12
N LYS I 257 38.74 16.24 14.90
CA LYS I 257 38.65 17.30 13.91
C LYS I 257 37.20 17.49 13.50
N TYR I 258 36.81 18.75 13.31
CA TYR I 258 35.41 19.13 13.14
C TYR I 258 34.57 18.62 14.31
N PRO I 259 34.86 19.08 15.53
CA PRO I 259 34.14 18.54 16.70
C PRO I 259 32.70 19.01 16.79
N ILE I 260 32.32 20.06 16.05
CA ILE I 260 30.95 20.57 16.06
C ILE I 260 30.30 20.16 14.75
N THR I 261 29.30 19.27 14.83
CA THR I 261 28.57 18.82 13.66
C THR I 261 27.08 18.87 13.95
N ILE I 262 26.29 19.07 12.91
CA ILE I 262 24.84 19.09 13.01
C ILE I 262 24.25 18.18 11.93
N PRO I 263 23.07 17.63 12.14
CA PRO I 263 22.43 16.84 11.07
C PRO I 263 21.93 17.76 9.96
N LEU I 264 21.54 17.12 8.85
CA LEU I 264 21.05 17.87 7.71
C LEU I 264 19.72 18.53 8.03
N GLN I 265 19.59 19.79 7.60
CA GLN I 265 18.41 20.59 7.89
C GLN I 265 17.34 20.32 6.83
N ALA I 266 16.14 19.98 7.28
CA ALA I 266 15.03 19.70 6.37
C ALA I 266 13.72 19.91 7.11
N GLY I 267 12.64 20.05 6.33
CA GLY I 267 11.33 20.26 6.90
C GLY I 267 10.57 21.39 6.21
N THR I 268 9.36 21.09 5.74
CA THR I 268 8.59 22.09 5.01
C THR I 268 8.23 23.27 5.89
N MET I 269 8.41 24.48 5.35
CA MET I 269 8.09 25.71 6.05
C MET I 269 6.67 26.14 5.68
N ARG I 270 5.80 26.24 6.68
CA ARG I 270 4.44 26.69 6.49
C ARG I 270 4.35 28.18 6.81
N GLY I 271 3.14 28.71 6.77
CA GLY I 271 2.92 30.11 7.10
C GLY I 271 3.59 31.07 6.13
N MET I 272 3.45 30.80 4.83
CA MET I 272 4.04 31.65 3.80
C MET I 272 3.12 32.83 3.55
N LYS I 273 3.68 34.05 3.67
CA LYS I 273 2.89 35.26 3.55
C LYS I 273 2.49 35.50 2.10
N PRO I 274 1.19 35.58 1.81
CA PRO I 274 0.74 35.88 0.45
C PRO I 274 0.63 37.38 0.21
N LEU I 275 0.61 37.73 -1.08
CA LEU I 275 0.46 39.13 -1.45
C LEU I 275 -0.99 39.56 -1.30
N GLU I 276 -1.19 40.68 -0.59
CA GLU I 276 -2.54 41.20 -0.33
C GLU I 276 -2.98 42.06 -1.50
N LEU I 277 -3.39 41.38 -2.57
CA LEU I 277 -3.86 42.08 -3.75
C LEU I 277 -5.21 42.73 -3.47
N PRO I 278 -5.45 43.94 -3.96
CA PRO I 278 -6.76 44.57 -3.79
C PRO I 278 -7.82 43.83 -4.60
N ALA I 279 -9.07 43.91 -4.13
CA ALA I 279 -10.17 43.26 -4.84
C ALA I 279 -10.36 43.93 -6.20
N PRO I 280 -10.31 43.18 -7.30
CA PRO I 280 -10.49 43.79 -8.61
C PRO I 280 -11.90 44.38 -8.75
N THR I 281 -11.97 45.53 -9.42
CA THR I 281 -13.24 46.17 -9.71
C THR I 281 -13.78 45.80 -11.08
N VAL I 282 -13.11 44.92 -11.81
CA VAL I 282 -13.51 44.51 -13.15
C VAL I 282 -14.00 43.08 -13.07
N SER I 283 -15.22 42.84 -13.52
CA SER I 283 -15.80 41.50 -13.56
C SER I 283 -15.91 41.05 -15.01
N VAL I 284 -15.31 39.90 -15.31
CA VAL I 284 -15.31 39.34 -16.66
C VAL I 284 -15.87 37.93 -16.60
N LYS I 285 -16.89 37.67 -17.42
CA LYS I 285 -17.46 36.34 -17.56
C LYS I 285 -17.34 35.92 -19.02
N VAL I 286 -16.80 34.72 -19.26
CA VAL I 286 -16.47 34.27 -20.59
C VAL I 286 -17.66 33.52 -21.16
N GLU I 287 -18.08 33.90 -22.37
CA GLU I 287 -19.14 33.21 -23.10
C GLU I 287 -18.49 32.50 -24.29
N ASP I 288 -18.03 31.27 -24.03
CA ASP I 288 -17.44 30.30 -24.96
C ASP I 288 -16.09 30.79 -25.50
N ALA I 289 -15.22 29.85 -25.86
CA ALA I 289 -13.93 30.15 -26.45
C ALA I 289 -13.62 29.10 -27.50
N THR I 290 -13.17 29.53 -28.68
CA THR I 290 -12.87 28.62 -29.77
C THR I 290 -11.51 28.93 -30.37
N TYR I 291 -10.88 27.91 -30.94
CA TYR I 291 -9.61 28.06 -31.63
C TYR I 291 -9.63 27.19 -32.88
N ARG I 292 -8.98 27.69 -33.92
CA ARG I 292 -9.01 27.01 -35.22
C ARG I 292 -8.05 25.84 -35.24
N VAL I 293 -8.49 24.73 -35.85
CA VAL I 293 -7.67 23.53 -35.96
C VAL I 293 -7.51 23.18 -37.44
N PRO I 294 -6.29 23.32 -38.02
CA PRO I 294 -5.13 23.92 -37.36
C PRO I 294 -5.19 25.44 -37.38
N GLY I 295 -4.47 26.10 -36.49
CA GLY I 295 -4.49 27.54 -36.45
C GLY I 295 -3.54 28.06 -35.39
N ARG I 296 -3.43 29.39 -35.34
CA ARG I 296 -2.58 30.08 -34.39
C ARG I 296 -3.35 31.10 -33.58
N ALA I 297 -4.68 31.04 -33.60
CA ALA I 297 -5.52 32.06 -33.01
C ALA I 297 -6.44 31.45 -31.96
N MET I 298 -6.77 32.25 -30.95
CA MET I 298 -7.69 31.86 -29.90
C MET I 298 -8.81 32.90 -29.83
N ARG I 299 -10.02 32.48 -30.16
CA ARG I 299 -11.18 33.38 -30.24
C ARG I 299 -12.07 33.13 -29.04
N MET I 300 -12.52 34.22 -28.42
CA MET I 300 -13.38 34.13 -27.24
C MET I 300 -14.20 35.39 -27.10
N LYS I 301 -15.32 35.28 -26.39
CA LYS I 301 -16.27 36.36 -26.21
C LYS I 301 -16.33 36.73 -24.74
N LEU I 302 -16.31 38.03 -24.45
CA LEU I 302 -16.23 38.54 -23.08
C LEU I 302 -17.34 39.54 -22.82
N THR I 303 -17.78 39.61 -21.57
CA THR I 303 -18.70 40.63 -21.10
C THR I 303 -18.06 41.33 -19.91
N ILE I 304 -17.32 42.40 -20.18
CA ILE I 304 -16.56 43.13 -19.16
C ILE I 304 -17.52 44.02 -18.38
N THR I 305 -17.50 43.88 -17.06
CA THR I 305 -18.26 44.73 -16.16
C THR I 305 -17.28 45.67 -15.46
N ASN I 306 -17.47 46.98 -15.63
CA ASN I 306 -16.57 47.99 -15.11
C ASN I 306 -17.19 48.60 -13.86
N HIS I 307 -16.54 48.42 -12.72
CA HIS I 307 -16.93 49.10 -11.50
C HIS I 307 -15.88 50.16 -11.15
N GLY I 308 -16.15 50.91 -10.09
CA GLY I 308 -15.25 51.99 -9.69
C GLY I 308 -15.55 53.26 -10.46
N ASN I 309 -14.53 54.09 -10.66
CA ASN I 309 -14.72 55.37 -11.33
C ASN I 309 -13.59 55.67 -12.32
N SER I 310 -13.20 54.67 -13.12
CA SER I 310 -12.12 54.89 -14.07
C SER I 310 -12.45 54.21 -15.39
N PRO I 311 -12.12 54.81 -16.54
CA PRO I 311 -12.33 54.13 -17.81
C PRO I 311 -11.17 53.22 -18.18
N ILE I 312 -11.43 51.92 -18.23
CA ILE I 312 -10.39 50.92 -18.39
C ILE I 312 -10.33 50.47 -19.86
N ARG I 313 -9.21 49.87 -20.22
CA ARG I 313 -9.02 49.28 -21.54
C ARG I 313 -8.22 47.99 -21.39
N LEU I 314 -8.69 46.93 -22.03
CA LEU I 314 -8.00 45.65 -21.96
C LEU I 314 -6.69 45.73 -22.75
N GLY I 315 -5.59 45.28 -22.15
CA GLY I 315 -4.30 45.42 -22.78
C GLY I 315 -3.52 44.14 -22.98
N GLU I 316 -3.76 43.13 -22.14
CA GLU I 316 -2.96 41.92 -22.21
C GLU I 316 -3.82 40.70 -21.95
N PHE I 317 -3.34 39.55 -22.43
CA PHE I 317 -4.00 38.26 -22.19
C PHE I 317 -2.88 37.23 -22.02
N TYR I 318 -2.53 36.95 -20.76
CA TYR I 318 -1.49 35.97 -20.43
C TYR I 318 -2.15 34.62 -20.19
N THR I 319 -1.89 33.66 -21.07
CA THR I 319 -2.53 32.36 -20.99
C THR I 319 -1.59 31.28 -20.48
N ALA I 320 -0.44 31.05 -21.13
CA ALA I 320 0.55 30.10 -20.66
C ALA I 320 1.92 30.55 -21.15
N SER I 321 2.62 31.33 -20.32
CA SER I 321 3.96 31.82 -20.61
C SER I 321 3.99 32.66 -21.89
N VAL I 322 2.84 32.98 -22.44
CA VAL I 322 2.72 33.78 -23.66
C VAL I 322 1.85 34.99 -23.35
N ARG I 323 2.35 36.17 -23.69
CA ARG I 323 1.67 37.43 -23.42
C ARG I 323 1.17 38.00 -24.74
N PHE I 324 -0.15 38.00 -24.93
CA PHE I 324 -0.77 38.65 -26.08
C PHE I 324 -1.08 40.09 -25.70
N LEU I 325 -0.39 41.03 -26.33
CA LEU I 325 -0.51 42.44 -26.00
C LEU I 325 -1.28 43.18 -27.08
N ASP I 326 -1.96 44.26 -26.67
CA ASP I 326 -2.57 45.21 -27.59
C ASP I 326 -1.69 46.44 -27.63
N SER I 327 -1.06 46.69 -28.78
CA SER I 327 -0.08 47.76 -28.87
C SER I 327 -0.70 49.13 -28.61
N ASP I 328 -1.95 49.33 -29.03
CA ASP I 328 -2.61 50.61 -28.82
C ASP I 328 -2.96 50.87 -27.36
N VAL I 329 -2.85 49.86 -26.49
CA VAL I 329 -3.23 49.99 -25.09
C VAL I 329 -1.99 49.93 -24.18
N TYR I 330 -1.23 48.84 -24.26
CA TYR I 330 -0.08 48.63 -23.40
C TYR I 330 1.10 48.15 -24.22
N LYS I 331 2.30 48.46 -23.76
CA LYS I 331 3.54 48.05 -24.38
C LYS I 331 4.47 47.45 -23.33
N ASP I 332 5.13 46.35 -23.68
CA ASP I 332 6.01 45.67 -22.75
C ASP I 332 7.37 46.33 -22.70
N THR I 333 7.85 46.63 -21.50
CA THR I 333 9.15 47.27 -21.30
C THR I 333 10.02 46.54 -20.30
N THR I 334 9.70 45.29 -19.96
CA THR I 334 10.43 44.54 -18.95
C THR I 334 11.47 43.58 -19.55
N GLY I 335 11.78 43.71 -20.83
CA GLY I 335 12.70 42.79 -21.47
C GLY I 335 12.18 41.37 -21.53
N TYR I 336 10.87 41.21 -21.70
CA TYR I 336 10.27 39.89 -21.74
C TYR I 336 10.65 39.21 -23.05
N PRO I 337 10.86 37.89 -23.04
CA PRO I 337 11.42 37.21 -24.23
C PRO I 337 10.58 37.43 -25.49
N GLU I 338 11.27 37.56 -26.62
CA GLU I 338 10.63 37.86 -27.88
C GLU I 338 9.69 36.75 -28.32
N ASP I 339 10.13 35.50 -28.22
CA ASP I 339 9.32 34.38 -28.69
C ASP I 339 8.08 34.16 -27.85
N LEU I 340 8.04 34.70 -26.63
CA LEU I 340 6.88 34.59 -25.76
C LEU I 340 6.00 35.84 -25.78
N LEU I 341 6.39 36.87 -26.52
CA LEU I 341 5.72 38.16 -26.48
C LEU I 341 5.01 38.43 -27.80
N ALA I 342 3.73 38.76 -27.71
CA ALA I 342 2.92 39.14 -28.87
C ALA I 342 2.66 40.64 -28.77
N GLU I 343 3.45 41.43 -29.51
CA GLU I 343 3.31 42.89 -29.44
C GLU I 343 1.93 43.33 -29.90
N ASP I 344 1.44 42.76 -31.01
CA ASP I 344 0.11 43.05 -31.51
C ASP I 344 -0.65 41.78 -31.82
N GLY I 345 -0.34 40.70 -31.12
CA GLY I 345 -1.05 39.45 -31.32
C GLY I 345 -2.44 39.41 -30.73
N LEU I 346 -2.79 40.40 -29.93
CA LEU I 346 -4.12 40.49 -29.32
C LEU I 346 -4.92 41.56 -30.06
N SER I 347 -6.03 41.14 -30.66
CA SER I 347 -6.91 42.03 -31.40
C SER I 347 -8.29 42.02 -30.75
N VAL I 348 -8.78 43.20 -30.40
CA VAL I 348 -10.07 43.36 -29.76
C VAL I 348 -11.01 44.06 -30.75
N SER I 349 -12.20 43.48 -30.94
CA SER I 349 -13.13 44.04 -31.92
C SER I 349 -13.58 45.43 -31.51
N ASP I 350 -13.83 45.65 -30.21
CA ASP I 350 -14.26 46.94 -29.68
C ASP I 350 -13.42 47.23 -28.43
N ASN I 351 -12.28 47.88 -28.62
CA ASN I 351 -11.38 48.23 -27.53
C ASN I 351 -11.49 49.69 -27.13
N SER I 352 -12.65 50.31 -27.35
CA SER I 352 -12.88 51.67 -26.89
C SER I 352 -12.92 51.68 -25.36
N PRO I 353 -12.52 52.79 -24.74
CA PRO I 353 -12.53 52.86 -23.28
C PRO I 353 -13.92 52.60 -22.72
N LEU I 354 -13.97 51.85 -21.62
CA LEU I 354 -15.23 51.43 -21.02
C LEU I 354 -15.54 52.33 -19.84
N ALA I 355 -16.65 53.06 -19.92
CA ALA I 355 -17.05 53.93 -18.84
C ALA I 355 -17.43 53.11 -17.62
N PRO I 356 -17.15 53.61 -16.41
CA PRO I 356 -17.52 52.88 -15.20
C PRO I 356 -19.02 52.67 -15.12
N GLY I 357 -19.42 51.49 -14.64
CA GLY I 357 -20.82 51.14 -14.57
C GLY I 357 -21.35 50.55 -15.87
N GLU I 358 -20.72 50.90 -16.98
CA GLU I 358 -21.16 50.41 -18.28
C GLU I 358 -20.60 49.03 -18.55
N THR I 359 -21.44 48.15 -19.09
CA THR I 359 -21.05 46.79 -19.44
C THR I 359 -21.30 46.55 -20.91
N ARG I 360 -20.37 45.88 -21.58
CA ARG I 360 -20.53 45.59 -23.00
C ARG I 360 -19.92 44.22 -23.30
N THR I 361 -20.38 43.65 -24.42
CA THR I 361 -19.89 42.36 -24.91
C THR I 361 -18.99 42.60 -26.11
N VAL I 362 -17.79 42.03 -26.07
CA VAL I 362 -16.80 42.26 -27.11
C VAL I 362 -16.23 40.90 -27.53
N ASP I 363 -15.68 40.87 -28.74
CA ASP I 363 -15.02 39.68 -29.27
C ASP I 363 -13.51 39.88 -29.19
N VAL I 364 -12.82 38.95 -28.55
CA VAL I 364 -11.39 39.04 -28.31
C VAL I 364 -10.69 37.93 -29.08
N THR I 365 -9.72 38.27 -29.90
CA THR I 365 -8.94 37.32 -30.69
C THR I 365 -7.48 37.47 -30.34
N ALA I 366 -6.83 36.36 -29.99
CA ALA I 366 -5.40 36.32 -29.69
C ALA I 366 -4.73 35.39 -30.69
N SER I 367 -3.96 35.95 -31.61
CA SER I 367 -3.31 35.18 -32.67
C SER I 367 -1.82 35.46 -32.67
N ASP I 368 -1.02 34.40 -32.62
CA ASP I 368 0.42 34.52 -32.66
C ASP I 368 1.02 33.18 -33.09
N ALA I 369 2.20 33.25 -33.71
CA ALA I 369 2.92 32.03 -34.08
C ALA I 369 3.39 31.24 -32.87
N ALA I 370 3.59 31.88 -31.73
CA ALA I 370 3.98 31.18 -30.51
C ALA I 370 2.94 30.16 -30.07
N TRP I 371 1.65 30.41 -30.35
CA TRP I 371 0.59 29.48 -30.01
C TRP I 371 0.80 28.10 -30.61
N GLU I 372 1.46 28.02 -31.76
CA GLU I 372 1.85 26.74 -32.34
C GLU I 372 3.32 26.41 -32.12
N VAL I 373 4.18 27.40 -31.88
CA VAL I 373 5.57 27.13 -31.60
C VAL I 373 5.73 26.37 -30.29
N TYR I 374 5.00 26.78 -29.26
CA TYR I 374 5.03 26.10 -27.97
C TYR I 374 3.95 25.04 -27.85
N ARG I 375 3.27 24.71 -28.95
CA ARG I 375 2.26 23.67 -28.99
C ARG I 375 1.16 23.92 -27.95
N LEU I 376 0.58 25.12 -28.02
CA LEU I 376 -0.66 25.37 -27.29
C LEU I 376 -1.89 24.90 -28.05
N SER I 377 -1.71 24.50 -29.31
CA SER I 377 -2.81 24.02 -30.14
C SER I 377 -2.97 22.50 -30.07
N ASP I 378 -2.17 21.83 -29.23
CA ASP I 378 -2.27 20.38 -29.07
C ASP I 378 -3.24 19.99 -27.96
N ILE I 379 -3.95 20.97 -27.39
CA ILE I 379 -4.95 20.68 -26.37
C ILE I 379 -6.09 19.85 -26.93
N ILE I 380 -6.24 19.77 -28.25
CA ILE I 380 -7.18 18.83 -28.86
C ILE I 380 -6.77 17.39 -28.54
N TYR I 381 -5.47 17.11 -28.51
CA TYR I 381 -4.98 15.81 -28.09
C TYR I 381 -5.15 15.58 -26.59
N ASP I 382 -5.37 16.62 -25.82
CA ASP I 382 -5.46 16.51 -24.38
C ASP I 382 -6.85 16.04 -23.95
N PRO I 383 -6.93 15.26 -22.86
CA PRO I 383 -8.23 14.83 -22.34
C PRO I 383 -8.94 15.84 -21.46
N ASP I 384 -8.54 17.11 -21.46
CA ASP I 384 -9.23 18.14 -20.68
C ASP I 384 -9.08 19.47 -21.41
N SER I 385 -10.11 19.85 -22.16
CA SER I 385 -10.05 21.06 -22.99
C SER I 385 -10.62 22.25 -22.22
N ARG I 386 -9.83 22.72 -21.26
CA ARG I 386 -10.13 23.93 -20.51
C ARG I 386 -8.89 24.80 -20.42
N PHE I 387 -9.10 26.11 -20.36
CA PHE I 387 -8.01 27.06 -20.30
C PHE I 387 -8.23 28.05 -19.15
N ALA I 388 -7.15 28.66 -18.71
CA ALA I 388 -7.20 29.73 -17.74
C ALA I 388 -6.10 30.73 -18.06
N GLY I 389 -6.35 31.99 -17.71
CA GLY I 389 -5.40 33.04 -18.02
C GLY I 389 -5.69 34.29 -17.22
N LEU I 390 -4.85 35.30 -17.43
CA LEU I 390 -4.96 36.57 -16.74
C LEU I 390 -5.17 37.69 -17.76
N LEU I 391 -6.07 38.60 -17.45
CA LEU I 391 -6.34 39.77 -18.27
C LEU I 391 -5.91 41.02 -17.51
N PHE I 392 -5.10 41.85 -18.15
CA PHE I 392 -4.61 43.09 -17.56
C PHE I 392 -5.39 44.24 -18.16
N PHE I 393 -6.13 44.95 -17.32
CA PHE I 393 -6.94 46.09 -17.74
C PHE I 393 -6.26 47.38 -17.30
N PHE I 394 -6.01 48.27 -18.26
CA PHE I 394 -5.35 49.54 -18.00
C PHE I 394 -6.31 50.69 -18.24
N ASP I 395 -6.21 51.72 -17.41
CA ASP I 395 -7.01 52.92 -17.56
C ASP I 395 -6.14 54.09 -18.01
N ALA I 396 -6.74 55.28 -18.05
CA ALA I 396 -6.02 56.48 -18.49
C ALA I 396 -4.89 56.83 -17.53
N THR I 397 -5.09 56.58 -16.23
CA THR I 397 -4.08 56.91 -15.22
C THR I 397 -2.79 56.13 -15.40
N GLY I 398 -2.85 54.90 -15.92
CA GLY I 398 -1.68 54.10 -16.16
C GLY I 398 -1.58 52.86 -15.29
N ASN I 399 -2.28 52.81 -14.16
CA ASN I 399 -2.29 51.60 -13.34
C ASN I 399 -3.12 50.51 -14.00
N ARG I 400 -2.99 49.30 -13.48
CA ARG I 400 -3.65 48.13 -14.05
C ARG I 400 -4.39 47.35 -12.98
N GLN I 401 -5.42 46.64 -13.44
CA GLN I 401 -6.17 45.71 -12.62
C GLN I 401 -6.05 44.33 -13.23
N VAL I 402 -5.78 43.33 -12.41
CA VAL I 402 -5.59 41.95 -12.87
C VAL I 402 -6.87 41.19 -12.59
N VAL I 403 -7.39 40.53 -13.61
CA VAL I 403 -8.58 39.68 -13.48
C VAL I 403 -8.25 38.34 -14.11
N GLN I 404 -8.95 37.30 -13.66
CA GLN I 404 -8.66 35.93 -14.07
C GLN I 404 -9.90 35.33 -14.73
N ILE I 405 -9.69 34.61 -15.83
CA ILE I 405 -10.77 34.00 -16.59
C ILE I 405 -10.48 32.52 -16.77
N ASP I 406 -11.54 31.71 -16.84
CA ASP I 406 -11.43 30.30 -17.18
C ASP I 406 -12.75 29.84 -17.79
N ALA I 407 -12.66 28.99 -18.80
CA ALA I 407 -13.82 28.54 -19.55
C ALA I 407 -13.43 27.35 -20.40
N PRO I 408 -14.38 26.49 -20.76
CA PRO I 408 -14.07 25.40 -21.69
C PRO I 408 -13.60 25.94 -23.03
N LEU I 409 -12.68 25.22 -23.66
CA LEU I 409 -12.11 25.60 -24.95
C LEU I 409 -12.58 24.61 -26.00
N ILE I 410 -13.42 25.07 -26.92
CA ILE I 410 -14.06 24.22 -27.91
C ILE I 410 -13.35 24.43 -29.24
N PRO I 411 -12.66 23.42 -29.77
CA PRO I 411 -12.02 23.57 -31.08
C PRO I 411 -13.05 23.67 -32.20
N SER I 412 -12.64 24.31 -33.29
CA SER I 412 -13.48 24.45 -34.47
C SER I 412 -12.74 23.88 -35.67
N PHE I 413 -13.47 23.18 -36.55
CA PHE I 413 -12.88 22.51 -37.69
C PHE I 413 -13.42 23.00 -39.02
N MET I 414 -14.73 23.25 -39.11
CA MET I 414 -15.32 23.76 -40.35
C MET I 414 -15.39 25.28 -40.34
#